data_5ECL
#
_entry.id   5ECL
#
_cell.length_a   53.803
_cell.length_b   53.884
_cell.length_c   193.165
_cell.angle_alpha   90.070
_cell.angle_beta   90.030
_cell.angle_gamma   66.390
#
_symmetry.space_group_name_H-M   'P 1'
#
loop_
_entity.id
_entity.type
_entity.pdbx_description
1 polymer 'Jasmonic acid-amido synthetase JAR1'
2 polymer 'Glutathione S-transferase U20'
3 non-polymer '{(1R,2R)-3-oxo-2-[(2Z)-pent-2-en-1-yl]cyclopentyl}acetic acid'
4 non-polymer ISOLEUCINE
5 non-polymer 'MAGNESIUM ION'
6 non-polymer GLUTATHIONE
7 water water
#
loop_
_entity_poly.entity_id
_entity_poly.type
_entity_poly.pdbx_seq_one_letter_code
_entity_poly.pdbx_strand_id
1 'polypeptide(L)'
;MLEKVETFDMNRVIDEFDEMTRNAHQVQKQTLKEILLKNQSAIYLQNCGLNGNATDPEEAFKSMVPLVTDVELEPYIKRM
VDGDTSPILTGHPVPAISLSSGTSQGRPKFIPFTDELMENTLQLFRTAFAFRNRDFPIDDNGKALQFIFSSKQYISTGGV
PVGTATTNVYRNPNFKAGMKSITSPSCSPDEVIFSPDVHQALYCHLLSGILFRDQVQYVFAVFAHGLVHAFRTFEQVWEE
IVTDIKDGVLSNRITVPSVRTAMSKLLTPNPELAETIRTKCMSLSNWYGLIPALFPNAKYVYGIMTGSMEPYVPKLRHYA
GDLPLVSHDYGSSEGWIAANVTPRLSPEEATFAVIPNLGYFEFLPVSETGEGEEKPVGLTQVKIGEEYEVVITNYAGLYR
YRLGDVVKVIGFYNNTPQLKFICRRNLILSINIDKNTERDLQLSVESAAKRLSEEKIEVIDFSSYIDVSTDPGHYAIFWE
ISGETNEDVLQDCCNCLDRAFIDAGYVSSRKCKTIGALELRVVAKGTFRKIQEHFLGLGSSAGQFKMPRCVKPSNAKVLQ
ILCENVVSSYFSTAF
;
A,D
2 'polypeptide(L)'
;HHHHHHMANLPILLDYWPSMFGMRARVALREKGVEFEYREEDFSNKSPLLLQSNPIHKKIPVLVHNGKPVCESLNVVQYV
DEAWPEKNPFFPSDPYGRAQARFWADFVDKKFTDAQFKVWGKKGEEQEAGKKEFIEAVKILESELGDKPYFGGDSFGYVD
ISLITFSSWFQAYEKFGNFSIESESPKLIAWAKRCMEKESVSKSLPDSEKIVAYAAEYRKNNL
;
B,C,E,F
#
loop_
_chem_comp.id
_chem_comp.type
_chem_comp.name
_chem_comp.formula
GSH non-polymer GLUTATHIONE 'C10 H17 N3 O6 S'
JAA non-polymer '{(1R,2R)-3-oxo-2-[(2Z)-pent-2-en-1-yl]cyclopentyl}acetic acid' 'C12 H18 O3'
MG non-polymer 'MAGNESIUM ION' 'Mg 2'
#
# COMPACT_ATOMS: atom_id res chain seq x y z
N THR A 7 40.95 -1.80 -30.61
CA THR A 7 41.50 -1.33 -31.87
C THR A 7 42.58 -0.28 -31.65
N PHE A 8 43.67 -0.41 -32.42
CA PHE A 8 44.85 0.45 -32.31
C PHE A 8 44.72 1.92 -32.67
N ASP A 9 45.34 2.72 -31.82
CA ASP A 9 45.49 4.16 -31.94
C ASP A 9 46.72 4.45 -31.08
N MET A 10 47.45 5.51 -31.36
CA MET A 10 48.62 5.81 -30.55
C MET A 10 48.28 6.82 -29.45
N ASN A 11 47.66 7.92 -29.85
CA ASN A 11 47.33 9.03 -28.97
C ASN A 11 46.41 8.69 -27.80
N ARG A 12 45.32 7.99 -28.08
CA ARG A 12 44.47 7.60 -26.98
C ARG A 12 45.20 6.56 -26.15
N VAL A 13 45.77 5.53 -26.77
CA VAL A 13 46.45 4.48 -25.99
C VAL A 13 47.53 5.12 -25.08
N ILE A 14 48.32 6.06 -25.61
CA ILE A 14 49.31 6.73 -24.77
C ILE A 14 48.67 7.54 -23.68
N ASP A 15 47.57 8.26 -23.94
CA ASP A 15 46.93 9.05 -22.86
C ASP A 15 46.33 8.14 -21.77
N GLU A 16 45.81 6.97 -22.12
CA GLU A 16 45.31 6.06 -21.09
C GLU A 16 46.47 5.48 -20.29
N PHE A 17 47.63 5.39 -20.93
CA PHE A 17 48.87 4.94 -20.27
C PHE A 17 49.38 6.00 -19.32
N ASP A 18 49.30 7.24 -19.75
CA ASP A 18 49.71 8.33 -18.91
C ASP A 18 48.73 8.27 -17.75
N GLU A 19 47.44 8.07 -18.04
CA GLU A 19 46.42 7.98 -16.99
C GLU A 19 46.64 6.81 -16.00
N MET A 20 46.98 5.64 -16.53
CA MET A 20 47.27 4.41 -15.80
C MET A 20 48.53 4.46 -14.96
N THR A 21 49.61 4.93 -15.57
CA THR A 21 50.90 5.04 -14.91
C THR A 21 50.73 6.01 -13.75
N ARG A 22 50.00 7.08 -14.02
CA ARG A 22 49.67 8.05 -12.99
C ARG A 22 48.82 7.34 -11.93
N ASN A 23 48.09 6.31 -12.37
CA ASN A 23 47.24 5.50 -11.51
C ASN A 23 48.03 4.33 -10.92
N ALA A 24 49.34 4.49 -10.77
CA ALA A 24 50.19 3.38 -10.34
C ALA A 24 49.83 2.70 -9.01
N HIS A 25 49.62 3.48 -7.95
CA HIS A 25 49.21 2.90 -6.68
C HIS A 25 47.80 2.32 -6.74
N GLN A 26 46.88 3.08 -7.34
CA GLN A 26 45.49 2.66 -7.46
C GLN A 26 45.32 1.39 -8.28
N VAL A 27 46.04 1.32 -9.38
CA VAL A 27 46.03 0.16 -10.23
C VAL A 27 46.74 -1.02 -9.56
N GLN A 28 47.88 -0.80 -8.91
CA GLN A 28 48.58 -1.93 -8.26
C GLN A 28 47.69 -2.55 -7.16
N LYS A 29 47.08 -1.74 -6.31
CA LYS A 29 46.22 -2.24 -5.29
C LYS A 29 44.95 -2.91 -5.84
N GLN A 30 44.28 -2.26 -6.80
CA GLN A 30 43.08 -2.85 -7.36
C GLN A 30 43.46 -4.16 -8.04
N THR A 31 44.67 -4.20 -8.58
CA THR A 31 45.16 -5.39 -9.24
C THR A 31 45.19 -6.46 -8.17
N LEU A 32 45.64 -6.08 -6.98
CA LEU A 32 45.67 -7.03 -5.88
C LEU A 32 44.26 -7.52 -5.61
N LYS A 33 43.31 -6.59 -5.61
CA LYS A 33 41.93 -6.93 -5.30
C LYS A 33 41.34 -7.93 -6.27
N GLU A 34 41.49 -7.67 -7.57
CA GLU A 34 40.99 -8.62 -8.57
C GLU A 34 41.74 -9.94 -8.44
N ILE A 35 43.02 -9.89 -8.12
CA ILE A 35 43.78 -11.13 -7.97
C ILE A 35 43.32 -11.99 -6.84
N LEU A 36 43.13 -11.38 -5.67
CA LEU A 36 42.65 -12.10 -4.49
C LEU A 36 41.21 -12.58 -4.67
N LEU A 37 40.35 -11.71 -5.21
CA LEU A 37 38.94 -12.02 -5.43
C LEU A 37 38.76 -13.13 -6.44
N LYS A 38 39.56 -13.10 -7.49
CA LYS A 38 39.53 -14.16 -8.49
C LYS A 38 40.10 -15.43 -7.90
N ASN A 39 41.12 -15.30 -7.06
CA ASN A 39 41.84 -16.44 -6.48
C ASN A 39 41.69 -16.63 -4.95
N GLN A 40 40.49 -16.39 -4.41
CA GLN A 40 40.25 -16.52 -2.96
C GLN A 40 40.47 -17.93 -2.43
N SER A 41 40.13 -18.93 -3.22
CA SER A 41 40.20 -20.34 -2.81
C SER A 41 41.56 -21.01 -2.69
N ALA A 42 42.64 -20.34 -3.03
CA ALA A 42 43.93 -21.01 -3.05
C ALA A 42 44.41 -21.60 -1.72
N ILE A 43 44.88 -22.85 -1.78
CA ILE A 43 45.29 -23.62 -0.62
C ILE A 43 46.38 -23.03 0.23
N TYR A 44 47.33 -22.36 -0.43
CA TYR A 44 48.36 -21.72 0.37
C TYR A 44 47.61 -20.72 1.22
N LEU A 45 46.67 -19.98 0.62
CA LEU A 45 45.94 -18.94 1.35
C LEU A 45 45.19 -19.46 2.57
N GLN A 46 44.65 -20.68 2.47
CA GLN A 46 43.95 -21.29 3.59
C GLN A 46 44.98 -21.46 4.69
N ASN A 47 46.18 -21.90 4.33
CA ASN A 47 47.23 -22.02 5.34
C ASN A 47 47.49 -20.62 5.91
N CYS A 48 47.50 -19.64 5.01
CA CYS A 48 47.78 -18.24 5.30
C CYS A 48 46.75 -17.46 6.10
N GLY A 49 45.51 -17.96 6.15
CA GLY A 49 44.47 -17.27 6.88
C GLY A 49 43.81 -16.08 6.18
N LEU A 50 43.70 -16.12 4.86
CA LEU A 50 43.11 -14.99 4.13
C LEU A 50 41.80 -15.33 3.39
N ASN A 51 40.82 -14.44 3.53
CA ASN A 51 39.52 -14.60 2.90
C ASN A 51 39.09 -13.44 1.99
N GLY A 52 39.96 -12.46 1.82
CA GLY A 52 39.66 -11.32 0.97
C GLY A 52 38.97 -10.18 1.70
N ASN A 53 38.61 -9.15 0.94
CA ASN A 53 37.93 -7.97 1.49
C ASN A 53 38.76 -7.38 2.62
N ALA A 54 38.09 -6.99 3.70
CA ALA A 54 38.70 -6.42 4.90
C ALA A 54 39.24 -5.03 4.57
N THR A 55 39.48 -4.22 5.58
CA THR A 55 40.02 -2.90 5.32
C THR A 55 41.54 -2.89 5.42
N ASP A 56 42.12 -4.08 5.59
CA ASP A 56 43.56 -4.24 5.64
C ASP A 56 44.00 -5.32 4.63
N PRO A 57 43.40 -5.32 3.42
CA PRO A 57 43.73 -6.38 2.46
C PRO A 57 45.21 -6.38 2.08
N GLU A 58 45.76 -5.20 1.80
CA GLU A 58 47.19 -5.08 1.48
C GLU A 58 48.04 -5.41 2.72
N GLU A 59 47.66 -4.85 3.86
CA GLU A 59 48.40 -5.07 5.10
C GLU A 59 48.36 -6.55 5.53
N ALA A 60 47.17 -7.15 5.41
CA ALA A 60 47.01 -8.56 5.72
C ALA A 60 47.87 -9.34 4.74
N PHE A 61 47.88 -8.85 3.50
CA PHE A 61 48.64 -9.50 2.44
C PHE A 61 50.09 -9.64 2.82
N LYS A 62 50.65 -8.54 3.33
CA LYS A 62 52.06 -8.56 3.71
C LYS A 62 52.34 -9.06 5.12
N SER A 63 51.30 -9.35 5.89
CA SER A 63 51.54 -9.81 7.26
C SER A 63 51.17 -11.26 7.56
N MET A 64 50.42 -11.92 6.69
CA MET A 64 49.99 -13.29 7.01
C MET A 64 50.71 -14.47 6.33
N VAL A 65 51.12 -14.33 5.06
CA VAL A 65 51.78 -15.41 4.31
C VAL A 65 53.25 -15.15 3.98
N PRO A 66 54.11 -16.15 4.24
CA PRO A 66 55.56 -16.09 3.99
C PRO A 66 55.95 -16.10 2.51
N LEU A 67 57.09 -15.49 2.20
CA LEU A 67 57.57 -15.45 0.82
C LEU A 67 58.00 -16.85 0.41
N VAL A 68 57.42 -17.33 -0.68
CA VAL A 68 57.72 -18.67 -1.20
C VAL A 68 58.98 -18.75 -2.08
N THR A 69 59.52 -19.95 -2.17
CA THR A 69 60.68 -20.26 -3.01
C THR A 69 60.28 -21.40 -3.94
N ASP A 70 61.08 -21.62 -4.98
CA ASP A 70 60.76 -22.60 -6.02
C ASP A 70 60.59 -24.03 -5.50
N VAL A 71 61.40 -24.43 -4.53
CA VAL A 71 61.31 -25.77 -3.96
C VAL A 71 59.93 -25.97 -3.34
N GLU A 72 59.51 -25.01 -2.52
CA GLU A 72 58.21 -25.08 -1.88
C GLU A 72 57.07 -25.09 -2.90
N LEU A 73 57.29 -24.38 -4.01
CA LEU A 73 56.35 -24.31 -5.12
C LEU A 73 56.20 -25.61 -5.86
N GLU A 74 57.33 -26.32 -5.99
CA GLU A 74 57.42 -27.50 -6.84
C GLU A 74 56.48 -28.67 -6.57
N PRO A 75 56.21 -29.03 -5.30
CA PRO A 75 55.32 -30.18 -5.10
C PRO A 75 53.90 -29.97 -5.64
N TYR A 76 53.31 -28.82 -5.33
CA TYR A 76 51.96 -28.50 -5.77
C TYR A 76 51.85 -28.41 -7.28
N ILE A 77 52.78 -27.68 -7.89
CA ILE A 77 52.78 -27.53 -9.34
C ILE A 77 52.99 -28.86 -10.00
N LYS A 78 53.79 -29.67 -9.31
CA LYS A 78 54.08 -31.03 -9.77
C LYS A 78 52.75 -31.75 -9.78
N ARG A 79 51.95 -31.46 -8.75
CA ARG A 79 50.64 -32.04 -8.61
C ARG A 79 49.72 -31.60 -9.75
N MET A 80 49.82 -30.35 -10.17
CA MET A 80 48.98 -29.88 -11.27
C MET A 80 49.31 -30.61 -12.57
N VAL A 81 50.58 -30.96 -12.78
CA VAL A 81 50.97 -31.60 -14.05
C VAL A 81 50.94 -33.13 -14.20
N ASP A 82 51.23 -33.88 -13.14
CA ASP A 82 51.35 -35.35 -13.25
C ASP A 82 50.10 -36.25 -13.05
N GLY A 83 49.11 -36.13 -13.95
CA GLY A 83 47.95 -37.00 -13.94
C GLY A 83 46.83 -36.62 -12.98
N ASP A 84 47.12 -35.71 -12.07
CA ASP A 84 46.10 -35.24 -11.16
C ASP A 84 45.85 -33.81 -11.60
N THR A 85 44.83 -33.60 -12.43
CA THR A 85 44.61 -32.25 -12.88
C THR A 85 44.11 -31.56 -11.63
N SER A 86 45.02 -30.83 -11.01
CA SER A 86 44.72 -30.21 -9.73
C SER A 86 45.01 -28.76 -9.54
N PRO A 87 43.96 -28.01 -9.20
CA PRO A 87 44.09 -26.61 -8.84
C PRO A 87 44.89 -26.39 -7.54
N ILE A 88 45.95 -25.62 -7.60
CA ILE A 88 46.80 -25.40 -6.47
C ILE A 88 47.14 -24.02 -6.01
N LEU A 89 48.41 -23.63 -6.19
CA LEU A 89 48.95 -22.36 -5.79
C LEU A 89 48.42 -21.22 -6.62
N THR A 90 47.61 -21.56 -7.61
CA THR A 90 46.96 -20.54 -8.40
C THR A 90 45.52 -20.87 -8.22
N GLY A 91 45.06 -21.72 -9.13
CA GLY A 91 43.68 -22.12 -9.12
C GLY A 91 43.38 -23.10 -10.22
N HIS A 92 42.56 -22.66 -11.17
CA HIS A 92 42.11 -23.53 -12.24
C HIS A 92 43.29 -24.23 -12.90
N PRO A 93 43.10 -25.48 -13.37
CA PRO A 93 44.27 -26.12 -13.97
C PRO A 93 44.74 -25.26 -15.12
N VAL A 94 45.98 -24.77 -15.04
CA VAL A 94 46.52 -23.90 -16.06
C VAL A 94 46.66 -24.60 -17.40
N PRO A 95 46.39 -23.85 -18.49
CA PRO A 95 46.51 -24.45 -19.81
C PRO A 95 47.95 -24.86 -20.11
N ALA A 96 48.91 -24.03 -19.74
CA ALA A 96 50.31 -24.34 -19.97
C ALA A 96 51.13 -24.00 -18.74
N ILE A 97 52.35 -24.50 -18.65
CA ILE A 97 53.18 -24.24 -17.48
C ILE A 97 54.56 -23.76 -17.81
N SER A 98 55.19 -23.01 -16.92
CA SER A 98 56.51 -22.40 -17.17
C SER A 98 57.65 -22.82 -16.24
N LEU A 99 58.87 -22.53 -16.67
CA LEU A 99 60.10 -22.83 -15.93
C LEU A 99 60.91 -21.54 -15.90
N SER A 100 61.61 -21.26 -14.79
CA SER A 100 62.39 -20.02 -14.70
C SER A 100 63.88 -20.32 -14.71
N SER A 101 64.69 -19.29 -14.93
CA SER A 101 66.15 -19.44 -14.99
C SER A 101 66.73 -19.89 -13.67
N GLY A 102 67.94 -20.40 -13.75
CA GLY A 102 68.60 -20.96 -12.60
C GLY A 102 67.90 -22.29 -12.51
N THR A 103 67.87 -22.87 -11.32
CA THR A 103 67.26 -24.15 -11.10
C THR A 103 66.75 -24.25 -9.65
N SER A 104 65.65 -24.96 -9.45
CA SER A 104 65.09 -25.09 -8.12
C SER A 104 65.81 -26.16 -7.33
N GLN A 105 66.89 -25.74 -6.66
CA GLN A 105 67.83 -26.62 -5.94
C GLN A 105 68.64 -27.33 -6.99
N GLY A 106 68.62 -26.79 -8.20
CA GLY A 106 69.26 -27.41 -9.33
C GLY A 106 68.20 -28.25 -10.03
N ARG A 107 67.16 -28.56 -9.28
CA ARG A 107 66.02 -29.29 -9.81
C ARG A 107 65.16 -28.38 -10.67
N PRO A 108 64.36 -28.97 -11.54
CA PRO A 108 63.46 -28.21 -12.41
C PRO A 108 62.33 -27.50 -11.67
N LYS A 109 61.81 -26.41 -12.27
CA LYS A 109 60.75 -25.62 -11.64
C LYS A 109 59.55 -25.40 -12.57
N PHE A 110 58.37 -25.52 -11.98
CA PHE A 110 57.09 -25.45 -12.68
C PHE A 110 56.22 -24.32 -12.19
N ILE A 111 55.79 -23.46 -13.11
CA ILE A 111 54.92 -22.34 -12.78
C ILE A 111 53.76 -22.10 -13.67
N PRO A 112 52.60 -21.69 -13.12
CA PRO A 112 51.31 -21.51 -13.81
C PRO A 112 51.19 -20.46 -14.91
N PHE A 113 50.26 -20.73 -15.83
CA PHE A 113 49.95 -19.87 -16.98
C PHE A 113 48.45 -19.65 -17.08
N THR A 114 48.02 -18.52 -17.63
CA THR A 114 46.58 -18.28 -17.83
C THR A 114 46.36 -17.27 -18.96
N ASP A 115 45.13 -17.19 -19.46
CA ASP A 115 44.77 -16.33 -20.60
C ASP A 115 45.10 -14.86 -20.33
N GLU A 116 45.25 -14.53 -19.05
CA GLU A 116 45.61 -13.19 -18.62
C GLU A 116 47.00 -12.86 -19.13
N LEU A 117 47.81 -13.89 -19.37
CA LEU A 117 49.15 -13.69 -19.90
C LEU A 117 48.99 -13.11 -21.28
N MET A 118 48.03 -13.64 -22.03
CA MET A 118 47.73 -13.09 -23.34
C MET A 118 47.11 -11.71 -23.28
N GLU A 119 46.25 -11.47 -22.29
CA GLU A 119 45.63 -10.15 -22.20
C GLU A 119 46.77 -9.12 -22.03
N ASN A 120 47.64 -9.36 -21.04
CA ASN A 120 48.74 -8.47 -20.74
C ASN A 120 49.72 -8.40 -21.90
N THR A 121 49.99 -9.54 -22.55
CA THR A 121 50.92 -9.55 -23.66
C THR A 121 50.43 -8.68 -24.81
N LEU A 122 49.15 -8.85 -25.14
CA LEU A 122 48.57 -8.07 -26.22
C LEU A 122 48.65 -6.59 -25.89
N GLN A 123 48.14 -6.20 -24.72
CA GLN A 123 48.17 -4.78 -24.36
C GLN A 123 49.58 -4.21 -24.30
N LEU A 124 50.54 -4.98 -23.81
CA LEU A 124 51.91 -4.50 -23.71
C LEU A 124 52.54 -4.24 -25.07
N PHE A 125 52.32 -5.15 -26.03
CA PHE A 125 52.84 -4.94 -27.38
C PHE A 125 52.13 -3.80 -28.08
N ARG A 126 50.85 -3.62 -27.79
CA ARG A 126 50.10 -2.50 -28.38
C ARG A 126 50.70 -1.20 -27.81
N THR A 127 50.92 -1.21 -26.51
CA THR A 127 51.48 -0.09 -25.78
C THR A 127 52.84 0.31 -26.30
N ALA A 128 53.72 -0.69 -26.32
CA ALA A 128 55.09 -0.54 -26.76
C ALA A 128 55.20 -0.20 -28.23
N PHE A 129 54.39 -0.83 -29.07
CA PHE A 129 54.43 -0.53 -30.50
C PHE A 129 53.99 0.90 -30.69
N ALA A 130 53.04 1.36 -29.88
CA ALA A 130 52.61 2.75 -29.96
C ALA A 130 53.73 3.70 -29.55
N PHE A 131 54.44 3.37 -28.48
CA PHE A 131 55.55 4.22 -28.03
C PHE A 131 56.70 4.21 -29.05
N ARG A 132 57.06 3.02 -29.49
CA ARG A 132 58.13 2.83 -30.47
C ARG A 132 57.79 3.47 -31.80
N ASN A 133 56.60 3.21 -32.34
CA ASN A 133 56.17 3.78 -33.63
C ASN A 133 56.00 5.28 -33.47
N ARG A 134 55.84 5.70 -32.22
CA ARG A 134 55.73 7.11 -31.93
C ARG A 134 57.12 7.64 -32.27
N ASP A 135 58.12 7.03 -31.64
CA ASP A 135 59.52 7.36 -31.92
C ASP A 135 59.97 6.85 -33.29
N PHE A 136 59.43 5.71 -33.70
CA PHE A 136 59.82 5.05 -34.93
C PHE A 136 58.67 4.66 -35.85
N PRO A 137 58.12 5.63 -36.61
CA PRO A 137 56.99 5.39 -37.52
C PRO A 137 57.24 4.37 -38.61
N ILE A 138 56.20 3.62 -38.96
CA ILE A 138 56.26 2.58 -39.98
C ILE A 138 55.16 2.63 -41.00
N ASP A 139 55.38 2.02 -42.17
CA ASP A 139 54.35 2.01 -43.22
C ASP A 139 53.17 1.09 -42.87
N ASP A 140 51.96 1.52 -43.19
CA ASP A 140 50.77 0.71 -42.91
C ASP A 140 50.81 -0.61 -43.69
N ASN A 141 51.38 -0.54 -44.90
CA ASN A 141 51.42 -1.68 -45.80
C ASN A 141 52.69 -2.57 -45.76
N GLY A 142 53.63 -2.24 -44.88
CA GLY A 142 54.91 -2.91 -44.76
C GLY A 142 54.90 -4.20 -43.97
N LYS A 143 56.07 -4.66 -43.61
CA LYS A 143 56.22 -5.89 -42.86
C LYS A 143 57.33 -5.77 -41.81
N ALA A 144 57.45 -6.82 -40.99
CA ALA A 144 58.44 -6.93 -39.95
C ALA A 144 59.25 -8.22 -40.06
N LEU A 145 60.57 -8.11 -39.95
CA LEU A 145 61.42 -9.30 -40.01
C LEU A 145 61.45 -9.84 -38.59
N GLN A 146 60.60 -10.83 -38.34
CA GLN A 146 60.49 -11.45 -37.05
C GLN A 146 61.11 -12.84 -37.00
N PHE A 147 62.25 -12.97 -36.33
CA PHE A 147 62.87 -14.27 -36.18
C PHE A 147 62.19 -14.95 -34.99
N ILE A 148 60.87 -15.05 -35.07
CA ILE A 148 60.03 -15.64 -34.04
C ILE A 148 59.67 -17.07 -34.25
N PHE A 149 59.62 -17.83 -33.16
CA PHE A 149 59.26 -19.24 -33.26
C PHE A 149 58.50 -19.81 -32.07
N SER A 150 57.46 -20.58 -32.39
CA SER A 150 56.63 -21.26 -31.42
C SER A 150 56.17 -22.52 -32.09
N SER A 151 57.13 -23.28 -32.56
CA SER A 151 56.85 -24.43 -33.39
C SER A 151 56.72 -25.80 -32.73
N LYS A 152 56.62 -25.88 -31.40
CA LYS A 152 56.51 -27.20 -30.78
C LYS A 152 55.37 -27.45 -29.79
N GLN A 153 54.49 -28.38 -30.15
CA GLN A 153 53.32 -28.74 -29.38
C GLN A 153 53.38 -30.15 -28.81
N TYR A 154 53.16 -30.30 -27.51
CA TYR A 154 53.16 -31.62 -26.88
C TYR A 154 52.37 -31.62 -25.59
N ILE A 155 52.04 -32.81 -25.13
CA ILE A 155 51.31 -32.95 -23.90
C ILE A 155 52.17 -33.54 -22.85
N SER A 156 52.07 -32.99 -21.65
CA SER A 156 52.86 -33.53 -20.55
C SER A 156 52.25 -34.84 -20.12
N THR A 157 52.87 -35.47 -19.13
CA THR A 157 52.45 -36.78 -18.67
C THR A 157 50.99 -36.81 -18.21
N GLY A 158 50.54 -35.74 -17.55
CA GLY A 158 49.16 -35.66 -17.08
C GLY A 158 48.11 -35.42 -18.15
N GLY A 159 48.54 -35.14 -19.37
CA GLY A 159 47.64 -34.85 -20.47
C GLY A 159 47.32 -33.36 -20.57
N VAL A 160 47.99 -32.55 -19.76
CA VAL A 160 47.82 -31.10 -19.80
C VAL A 160 49.03 -30.47 -20.47
N PRO A 161 48.80 -29.60 -21.46
CA PRO A 161 49.93 -29.00 -22.18
C PRO A 161 50.85 -28.20 -21.26
N VAL A 162 52.14 -28.38 -21.44
CA VAL A 162 53.16 -27.73 -20.61
C VAL A 162 54.28 -27.06 -21.37
N GLY A 163 54.40 -25.74 -21.23
CA GLY A 163 55.45 -25.07 -21.95
C GLY A 163 55.74 -23.59 -22.00
N THR A 164 56.47 -23.30 -23.06
CA THR A 164 57.06 -22.01 -23.37
C THR A 164 56.06 -20.89 -23.57
N ALA A 165 56.51 -19.67 -23.28
CA ALA A 165 55.71 -18.48 -23.45
C ALA A 165 55.43 -18.27 -24.94
N THR A 166 56.44 -18.52 -25.77
CA THR A 166 56.30 -18.36 -27.21
C THR A 166 55.29 -19.33 -27.86
N THR A 167 55.27 -20.61 -27.48
CA THR A 167 54.32 -21.55 -28.07
C THR A 167 52.90 -21.13 -27.83
N ASN A 168 52.63 -20.80 -26.57
CA ASN A 168 51.33 -20.34 -26.16
C ASN A 168 50.95 -18.99 -26.74
N VAL A 169 51.91 -18.08 -26.82
CA VAL A 169 51.66 -16.75 -27.38
C VAL A 169 51.34 -16.77 -28.88
N TYR A 170 51.98 -17.64 -29.67
CA TYR A 170 51.69 -17.69 -31.11
C TYR A 170 50.63 -18.73 -31.52
N ARG A 171 50.35 -19.72 -30.67
CA ARG A 171 49.34 -20.73 -30.98
C ARG A 171 48.01 -20.28 -30.37
N ASN A 172 48.06 -19.27 -29.52
CA ASN A 172 46.84 -18.79 -28.89
C ASN A 172 45.94 -18.32 -30.03
N PRO A 173 44.62 -18.59 -29.92
CA PRO A 173 43.68 -18.22 -30.98
C PRO A 173 43.65 -16.73 -31.25
N ASN A 174 44.00 -15.96 -30.23
CA ASN A 174 44.00 -14.51 -30.26
C ASN A 174 45.26 -13.84 -30.83
N PHE A 175 46.34 -14.59 -30.99
CA PHE A 175 47.60 -14.02 -31.46
C PHE A 175 47.55 -13.37 -32.83
N LYS A 176 47.01 -14.07 -33.82
CA LYS A 176 46.97 -13.54 -35.17
C LYS A 176 46.12 -12.28 -35.25
N ALA A 177 44.91 -12.37 -34.68
CA ALA A 177 43.98 -11.26 -34.65
C ALA A 177 44.48 -10.10 -33.80
N GLY A 178 45.03 -10.42 -32.64
CA GLY A 178 45.56 -9.42 -31.72
C GLY A 178 46.74 -8.63 -32.23
N MET A 179 47.65 -9.32 -32.92
CA MET A 179 48.86 -8.71 -33.46
C MET A 179 48.75 -8.22 -34.89
N LYS A 180 47.67 -8.53 -35.60
CA LYS A 180 47.55 -8.13 -37.00
C LYS A 180 47.60 -6.60 -37.21
N SER A 181 46.80 -5.87 -36.45
CA SER A 181 46.76 -4.40 -36.57
C SER A 181 47.98 -3.62 -36.04
N ILE A 182 48.59 -4.11 -34.97
CA ILE A 182 49.68 -3.38 -34.31
C ILE A 182 51.09 -3.80 -34.59
N THR A 183 51.27 -4.74 -35.50
CA THR A 183 52.61 -5.10 -35.93
C THR A 183 52.56 -5.23 -37.43
N SER A 184 53.69 -5.06 -38.08
CA SER A 184 53.71 -5.18 -39.52
C SER A 184 53.62 -6.66 -39.91
N PRO A 185 52.89 -6.95 -41.01
CA PRO A 185 52.62 -8.33 -41.46
C PRO A 185 53.86 -9.20 -41.52
N SER A 186 53.79 -10.34 -40.86
CA SER A 186 54.91 -11.26 -40.80
C SER A 186 55.31 -11.74 -42.18
N CYS A 187 56.61 -11.76 -42.42
CA CYS A 187 57.15 -12.24 -43.68
C CYS A 187 56.96 -13.74 -43.83
N SER A 188 57.25 -14.46 -42.75
CA SER A 188 57.16 -15.91 -42.70
C SER A 188 55.76 -16.47 -42.62
N PRO A 189 55.47 -17.51 -43.40
CA PRO A 189 54.16 -18.14 -43.34
C PRO A 189 54.06 -18.74 -41.97
N ASP A 190 52.87 -18.74 -41.38
CA ASP A 190 52.74 -19.25 -40.03
C ASP A 190 53.27 -20.69 -39.96
N GLU A 191 53.19 -21.43 -41.06
CA GLU A 191 53.71 -22.78 -41.04
C GLU A 191 55.22 -22.78 -40.82
N VAL A 192 55.96 -21.95 -41.55
CA VAL A 192 57.42 -21.90 -41.39
C VAL A 192 57.74 -21.54 -39.94
N ILE A 193 56.91 -20.67 -39.36
CA ILE A 193 57.04 -20.28 -37.96
C ILE A 193 56.81 -21.42 -37.04
N PHE A 194 55.84 -22.26 -37.42
CA PHE A 194 55.46 -23.45 -36.66
C PHE A 194 55.99 -24.72 -37.32
N SER A 195 56.89 -24.55 -38.29
CA SER A 195 57.49 -25.65 -39.05
C SER A 195 58.18 -26.61 -38.11
N PRO A 196 58.15 -27.92 -38.42
CA PRO A 196 58.73 -29.01 -37.61
C PRO A 196 60.25 -28.96 -37.56
N ASP A 197 60.87 -28.11 -38.38
CA ASP A 197 62.32 -27.93 -38.35
C ASP A 197 62.66 -26.47 -38.11
N VAL A 198 62.96 -26.08 -36.87
CA VAL A 198 63.28 -24.68 -36.56
C VAL A 198 64.55 -24.16 -37.23
N HIS A 199 65.61 -24.95 -37.34
CA HIS A 199 66.85 -24.46 -37.95
C HIS A 199 66.63 -24.19 -39.44
N GLN A 200 66.00 -25.15 -40.08
CA GLN A 200 65.61 -25.02 -41.47
C GLN A 200 64.67 -23.83 -41.55
N ALA A 201 63.90 -23.65 -40.49
CA ALA A 201 63.00 -22.52 -40.37
C ALA A 201 63.74 -21.20 -40.12
N LEU A 202 64.93 -21.23 -39.55
CA LEU A 202 65.74 -20.04 -39.33
C LEU A 202 66.29 -19.58 -40.65
N TYR A 203 66.75 -20.54 -41.43
CA TYR A 203 67.29 -20.24 -42.74
C TYR A 203 66.18 -19.72 -43.62
N CYS A 204 65.03 -20.38 -43.54
CA CYS A 204 63.83 -19.98 -44.25
C CYS A 204 63.32 -18.64 -43.75
N HIS A 205 63.42 -18.43 -42.45
CA HIS A 205 63.00 -17.19 -41.79
C HIS A 205 63.88 -16.05 -42.25
N LEU A 206 65.16 -16.33 -42.44
CA LEU A 206 66.11 -15.37 -42.93
C LEU A 206 65.61 -15.03 -44.32
N LEU A 207 65.32 -16.09 -45.06
CA LEU A 207 64.84 -15.99 -46.44
C LEU A 207 63.54 -15.21 -46.65
N SER A 208 62.54 -15.53 -45.81
CA SER A 208 61.23 -14.91 -45.81
C SER A 208 61.38 -13.51 -45.41
N GLY A 209 62.25 -13.36 -44.39
CA GLY A 209 62.57 -12.08 -43.83
C GLY A 209 63.26 -11.32 -44.92
N ILE A 210 64.09 -12.03 -45.65
CA ILE A 210 64.78 -11.35 -46.74
C ILE A 210 63.95 -11.19 -47.96
N LEU A 211 62.75 -11.79 -48.03
CA LEU A 211 62.07 -11.60 -49.30
C LEU A 211 61.15 -10.37 -49.60
N PHE A 212 60.78 -9.57 -48.64
CA PHE A 212 60.07 -8.34 -49.07
C PHE A 212 60.65 -7.02 -48.44
N ARG A 213 61.94 -7.02 -48.12
CA ARG A 213 62.62 -5.96 -47.34
C ARG A 213 62.42 -4.51 -47.74
N ASP A 214 62.04 -4.29 -48.99
CA ASP A 214 61.83 -2.97 -49.50
C ASP A 214 60.79 -2.33 -48.56
N GLN A 215 59.81 -3.11 -48.10
CA GLN A 215 58.82 -2.55 -47.20
C GLN A 215 59.00 -2.90 -45.71
N VAL A 216 60.18 -3.41 -45.31
CA VAL A 216 60.46 -3.77 -43.90
C VAL A 216 60.64 -2.54 -43.04
N GLN A 217 60.05 -2.60 -41.85
CA GLN A 217 60.16 -1.54 -40.86
C GLN A 217 61.27 -1.78 -39.85
N TYR A 218 61.61 -3.05 -39.62
CA TYR A 218 62.65 -3.39 -38.67
C TYR A 218 63.12 -4.84 -38.69
N VAL A 219 64.21 -5.12 -37.98
CA VAL A 219 64.67 -6.48 -37.84
C VAL A 219 64.24 -6.91 -36.46
N PHE A 220 63.84 -8.16 -36.31
CA PHE A 220 63.44 -8.62 -35.00
C PHE A 220 64.01 -9.96 -34.58
N ALA A 221 64.36 -9.97 -33.31
CA ALA A 221 64.81 -11.12 -32.54
C ALA A 221 64.62 -10.54 -31.16
N VAL A 222 64.41 -11.37 -30.15
CA VAL A 222 64.18 -10.82 -28.83
C VAL A 222 65.47 -10.43 -28.14
N PHE A 223 66.58 -10.84 -28.73
CA PHE A 223 67.89 -10.59 -28.16
C PHE A 223 68.88 -10.03 -29.16
N ALA A 224 69.83 -9.24 -28.66
CA ALA A 224 70.84 -8.72 -29.54
C ALA A 224 71.53 -9.97 -30.04
N HIS A 225 71.83 -10.91 -29.14
CA HIS A 225 72.49 -12.16 -29.53
C HIS A 225 71.60 -12.96 -30.48
N GLY A 226 70.29 -12.76 -30.40
CA GLY A 226 69.36 -13.44 -31.28
C GLY A 226 69.60 -12.93 -32.68
N LEU A 227 69.66 -11.62 -32.78
CA LEU A 227 69.95 -10.97 -34.05
C LEU A 227 71.34 -11.46 -34.48
N VAL A 228 72.25 -11.57 -33.52
CA VAL A 228 73.60 -12.01 -33.79
C VAL A 228 73.61 -13.40 -34.40
N HIS A 229 72.74 -14.26 -33.90
CA HIS A 229 72.63 -15.61 -34.42
C HIS A 229 72.11 -15.56 -35.85
N ALA A 230 71.05 -14.78 -36.07
CA ALA A 230 70.43 -14.71 -37.39
C ALA A 230 71.34 -14.12 -38.45
N PHE A 231 72.10 -13.12 -38.05
CA PHE A 231 73.08 -12.44 -38.90
C PHE A 231 74.36 -13.22 -39.12
N ARG A 232 74.89 -13.87 -38.10
CA ARG A 232 76.07 -14.72 -38.31
C ARG A 232 75.61 -15.90 -39.17
N THR A 233 74.41 -16.43 -38.90
CA THR A 233 73.86 -17.52 -39.70
C THR A 233 73.67 -16.95 -41.09
N PHE A 234 73.29 -15.67 -41.16
CA PHE A 234 73.17 -15.07 -42.46
C PHE A 234 74.49 -15.19 -43.08
N GLU A 235 75.56 -14.99 -42.32
CA GLU A 235 76.89 -15.11 -42.89
C GLU A 235 77.24 -16.59 -42.94
N GLN A 236 76.27 -17.46 -42.66
CA GLN A 236 76.56 -18.87 -42.71
C GLN A 236 75.84 -19.56 -43.88
N VAL A 237 74.92 -18.87 -44.58
CA VAL A 237 74.22 -19.55 -45.71
C VAL A 237 73.74 -18.89 -47.06
N TRP A 238 74.02 -17.61 -47.33
CA TRP A 238 73.53 -16.89 -48.53
C TRP A 238 74.01 -17.48 -49.87
N GLU A 239 75.11 -18.23 -49.96
CA GLU A 239 75.44 -18.80 -51.29
C GLU A 239 74.33 -19.75 -51.62
N GLU A 240 74.03 -20.58 -50.62
CA GLU A 240 72.96 -21.53 -50.71
C GLU A 240 71.67 -20.78 -50.90
N ILE A 241 71.51 -19.64 -50.23
CA ILE A 241 70.27 -18.88 -50.35
C ILE A 241 70.01 -18.44 -51.74
N VAL A 242 71.02 -17.84 -52.35
CA VAL A 242 70.86 -17.32 -53.69
C VAL A 242 70.57 -18.48 -54.59
N THR A 243 71.31 -19.57 -54.45
CA THR A 243 71.09 -20.72 -55.33
C THR A 243 69.69 -21.32 -55.19
N ASP A 244 69.21 -21.45 -53.95
CA ASP A 244 67.90 -22.03 -53.69
C ASP A 244 66.79 -21.21 -54.32
N ILE A 245 66.88 -19.91 -54.11
CA ILE A 245 65.92 -18.99 -54.66
C ILE A 245 66.02 -18.74 -56.13
N LYS A 246 67.24 -18.89 -56.65
CA LYS A 246 67.58 -18.60 -58.05
C LYS A 246 66.93 -19.44 -59.12
N ASP A 247 66.98 -20.74 -58.93
CA ASP A 247 66.42 -21.68 -59.88
C ASP A 247 64.97 -21.95 -59.51
N GLY A 248 64.60 -21.45 -58.34
CA GLY A 248 63.29 -21.69 -57.80
C GLY A 248 63.25 -23.06 -57.16
N VAL A 249 64.39 -23.69 -56.94
CA VAL A 249 64.32 -25.01 -56.31
C VAL A 249 65.11 -24.85 -55.01
N LEU A 250 64.44 -25.05 -53.89
CA LEU A 250 65.00 -24.93 -52.55
C LEU A 250 66.08 -25.98 -52.31
N SER A 251 67.06 -25.66 -51.47
CA SER A 251 68.19 -26.58 -51.20
C SER A 251 67.82 -27.89 -50.53
N ASN A 252 68.66 -28.90 -50.77
CA ASN A 252 68.47 -30.24 -50.22
C ASN A 252 68.69 -30.27 -48.72
N ARG A 253 69.16 -29.14 -48.20
CA ARG A 253 69.43 -28.97 -46.79
C ARG A 253 68.14 -29.02 -45.98
N ILE A 254 67.05 -28.44 -46.52
CA ILE A 254 65.76 -28.47 -45.85
C ILE A 254 64.97 -29.66 -46.30
N THR A 255 64.64 -30.58 -45.39
CA THR A 255 63.90 -31.78 -45.78
C THR A 255 62.53 -32.08 -45.15
N VAL A 256 61.89 -31.10 -44.53
CA VAL A 256 60.57 -31.33 -43.95
C VAL A 256 59.48 -30.89 -44.94
N PRO A 257 58.53 -31.79 -45.22
CA PRO A 257 57.46 -31.62 -46.23
C PRO A 257 56.50 -30.44 -46.07
N SER A 258 56.01 -30.10 -44.88
CA SER A 258 55.09 -28.97 -44.78
C SER A 258 55.72 -27.65 -45.22
N VAL A 259 56.93 -27.40 -44.73
CA VAL A 259 57.67 -26.19 -45.10
C VAL A 259 58.17 -26.24 -46.54
N ARG A 260 58.68 -27.38 -46.98
CA ARG A 260 59.20 -27.51 -48.35
C ARG A 260 58.08 -27.26 -49.33
N THR A 261 56.92 -27.89 -49.10
CA THR A 261 55.77 -27.69 -49.97
C THR A 261 55.39 -26.22 -49.95
N ALA A 262 55.40 -25.65 -48.76
CA ALA A 262 55.04 -24.24 -48.63
C ALA A 262 56.00 -23.35 -49.43
N MET A 263 57.30 -23.53 -49.26
CA MET A 263 58.25 -22.70 -49.98
C MET A 263 58.18 -22.92 -51.49
N SER A 264 58.05 -24.18 -51.92
CA SER A 264 57.98 -24.48 -53.36
C SER A 264 56.75 -23.83 -53.96
N LYS A 265 55.77 -23.53 -53.13
CA LYS A 265 54.60 -22.79 -53.58
C LYS A 265 55.01 -21.40 -54.07
N LEU A 266 56.05 -20.84 -53.46
CA LEU A 266 56.51 -19.50 -53.79
C LEU A 266 57.84 -19.47 -54.55
N LEU A 267 58.18 -20.53 -55.27
CA LEU A 267 59.46 -20.59 -55.98
C LEU A 267 59.40 -20.69 -57.51
N THR A 268 60.30 -19.97 -58.17
CA THR A 268 60.42 -19.94 -59.63
C THR A 268 61.84 -19.54 -60.03
N PRO A 269 62.26 -19.87 -61.26
CA PRO A 269 63.63 -19.54 -61.63
C PRO A 269 63.79 -18.08 -62.05
N ASN A 270 64.58 -17.32 -61.30
CA ASN A 270 64.83 -15.92 -61.63
C ASN A 270 66.34 -15.61 -61.57
N PRO A 271 66.98 -15.46 -62.74
CA PRO A 271 68.43 -15.23 -62.89
C PRO A 271 69.05 -13.92 -62.34
N GLU A 272 68.37 -12.79 -62.58
CA GLU A 272 68.91 -11.46 -62.24
C GLU A 272 69.19 -11.15 -60.78
N LEU A 273 68.25 -11.54 -59.93
CA LEU A 273 68.34 -11.20 -58.54
C LEU A 273 69.60 -11.70 -57.92
N ALA A 274 70.03 -12.85 -58.40
CA ALA A 274 71.26 -13.41 -57.92
C ALA A 274 72.35 -12.41 -58.22
N GLU A 275 72.35 -11.89 -59.44
CA GLU A 275 73.37 -10.95 -59.86
C GLU A 275 73.38 -9.75 -58.93
N THR A 276 72.20 -9.30 -58.55
CA THR A 276 72.11 -8.12 -57.70
C THR A 276 72.63 -8.36 -56.29
N ILE A 277 72.03 -9.35 -55.63
CA ILE A 277 72.32 -9.66 -54.23
C ILE A 277 73.76 -9.86 -54.06
N ARG A 278 74.25 -10.55 -55.08
CA ARG A 278 75.61 -10.87 -55.14
C ARG A 278 76.38 -9.57 -55.26
N THR A 279 76.06 -8.67 -56.18
CA THR A 279 76.91 -7.48 -56.25
C THR A 279 77.00 -6.66 -54.94
N LYS A 280 75.87 -6.41 -54.25
CA LYS A 280 75.96 -5.62 -53.00
C LYS A 280 76.62 -6.21 -51.79
N CYS A 281 76.21 -7.41 -51.42
CA CYS A 281 76.77 -7.99 -50.19
C CYS A 281 78.27 -8.18 -50.31
N MET A 282 78.79 -8.08 -51.51
CA MET A 282 80.23 -8.15 -51.65
C MET A 282 80.84 -6.89 -51.08
N SER A 283 80.12 -5.78 -51.28
CA SER A 283 80.57 -4.46 -50.89
C SER A 283 80.91 -4.41 -49.41
N LEU A 284 80.13 -5.07 -48.56
CA LEU A 284 80.38 -5.05 -47.12
C LEU A 284 81.82 -5.46 -46.95
N SER A 285 82.50 -4.73 -46.07
CA SER A 285 83.91 -4.93 -45.96
C SER A 285 84.24 -6.20 -45.18
N ASN A 286 83.18 -6.98 -44.87
CA ASN A 286 83.24 -8.18 -44.05
C ASN A 286 81.92 -8.22 -43.20
N TRP A 287 80.87 -7.51 -43.62
CA TRP A 287 79.58 -7.42 -42.88
C TRP A 287 79.47 -6.21 -41.93
N TYR A 288 80.06 -5.06 -42.30
CA TYR A 288 79.95 -3.88 -41.43
C TYR A 288 78.58 -3.28 -41.61
N GLY A 289 77.77 -3.36 -40.55
CA GLY A 289 76.44 -2.79 -40.59
C GLY A 289 75.58 -3.27 -41.73
N LEU A 290 75.50 -4.59 -41.95
CA LEU A 290 74.67 -5.06 -43.05
C LEU A 290 73.18 -4.95 -42.77
N ILE A 291 72.79 -4.86 -41.51
CA ILE A 291 71.40 -4.81 -41.16
C ILE A 291 70.65 -3.71 -41.86
N PRO A 292 71.21 -2.49 -41.92
CA PRO A 292 70.52 -1.46 -42.69
C PRO A 292 70.55 -1.82 -44.18
N ALA A 293 71.64 -2.43 -44.63
CA ALA A 293 71.79 -2.75 -46.05
C ALA A 293 70.74 -3.71 -46.62
N LEU A 294 70.49 -4.81 -45.91
CA LEU A 294 69.50 -5.79 -46.37
C LEU A 294 68.06 -5.16 -46.36
N PHE A 295 67.67 -4.43 -45.31
CA PHE A 295 66.38 -3.71 -45.36
C PHE A 295 66.82 -2.26 -45.26
N PRO A 296 66.98 -1.60 -46.39
CA PRO A 296 67.54 -0.24 -46.29
C PRO A 296 66.68 0.76 -45.55
N ASN A 297 65.43 0.41 -45.26
CA ASN A 297 64.55 1.36 -44.61
C ASN A 297 64.05 1.11 -43.21
N ALA A 298 64.56 0.10 -42.53
CA ALA A 298 64.15 -0.08 -41.15
C ALA A 298 64.83 1.05 -40.43
N LYS A 299 64.12 1.65 -39.50
CA LYS A 299 64.70 2.75 -38.76
C LYS A 299 65.24 2.31 -37.41
N TYR A 300 65.23 1.01 -37.16
CA TYR A 300 65.73 0.51 -35.89
C TYR A 300 66.02 -0.99 -35.87
N VAL A 301 66.62 -1.43 -34.77
CA VAL A 301 66.91 -2.83 -34.53
C VAL A 301 66.30 -3.14 -33.17
N TYR A 302 65.35 -4.05 -33.15
CA TYR A 302 64.64 -4.42 -31.94
C TYR A 302 65.30 -5.61 -31.25
N GLY A 303 65.74 -5.41 -30.00
CA GLY A 303 66.37 -6.50 -29.25
C GLY A 303 66.38 -6.21 -27.76
N ILE A 304 66.88 -7.15 -26.97
CA ILE A 304 67.11 -6.90 -25.56
C ILE A 304 68.59 -6.88 -25.53
N MET A 305 69.15 -5.69 -25.37
CA MET A 305 70.60 -5.52 -25.45
C MET A 305 71.34 -5.18 -24.17
N THR A 306 70.78 -5.55 -23.04
CA THR A 306 71.39 -5.23 -21.75
C THR A 306 71.60 -6.52 -20.94
N GLY A 307 72.37 -6.41 -19.86
CA GLY A 307 72.67 -7.54 -19.01
C GLY A 307 73.57 -8.56 -19.69
N SER A 308 73.09 -9.78 -19.80
CA SER A 308 73.86 -10.87 -20.40
C SER A 308 74.14 -10.57 -21.86
N MET A 309 73.54 -9.50 -22.35
CA MET A 309 73.69 -9.11 -23.73
C MET A 309 74.64 -7.94 -23.97
N GLU A 310 75.18 -7.37 -22.91
CA GLU A 310 76.06 -6.22 -23.08
C GLU A 310 77.27 -6.58 -23.98
N PRO A 311 77.85 -7.79 -23.83
CA PRO A 311 78.93 -8.13 -24.76
C PRO A 311 78.45 -8.27 -26.21
N TYR A 312 77.19 -8.65 -26.38
CA TYR A 312 76.57 -8.85 -27.69
C TYR A 312 76.06 -7.63 -28.46
N VAL A 313 75.75 -6.52 -27.78
CA VAL A 313 75.27 -5.34 -28.49
C VAL A 313 76.34 -4.83 -29.50
N PRO A 314 77.64 -4.79 -29.11
CA PRO A 314 78.57 -4.27 -30.11
C PRO A 314 78.57 -5.09 -31.40
N LYS A 315 78.59 -6.43 -31.34
CA LYS A 315 78.56 -7.19 -32.58
C LYS A 315 77.22 -6.90 -33.25
N LEU A 316 76.16 -6.75 -32.46
CA LEU A 316 74.90 -6.39 -33.08
C LEU A 316 75.06 -5.01 -33.70
N ARG A 317 75.75 -4.12 -33.00
CA ARG A 317 76.01 -2.80 -33.55
C ARG A 317 76.87 -2.99 -34.80
N HIS A 318 77.80 -3.93 -34.66
CA HIS A 318 78.76 -4.35 -35.67
C HIS A 318 77.88 -4.82 -36.82
N TYR A 319 76.81 -5.52 -36.46
CA TYR A 319 75.78 -5.96 -37.40
C TYR A 319 74.88 -4.80 -37.86
N ALA A 320 74.36 -4.04 -36.91
CA ALA A 320 73.45 -2.92 -37.16
C ALA A 320 74.07 -1.69 -37.84
N GLY A 321 75.36 -1.52 -37.66
CA GLY A 321 76.05 -0.37 -38.20
C GLY A 321 75.57 0.93 -37.56
N ASP A 322 75.05 1.83 -38.38
CA ASP A 322 74.59 3.13 -37.87
C ASP A 322 73.09 3.14 -37.53
N LEU A 323 72.47 1.96 -37.53
CA LEU A 323 71.05 1.85 -37.19
C LEU A 323 70.85 1.93 -35.69
N PRO A 324 69.87 2.76 -35.25
CA PRO A 324 69.60 2.90 -33.82
C PRO A 324 69.23 1.58 -33.20
N LEU A 325 69.54 1.41 -31.92
CA LEU A 325 69.20 0.16 -31.25
C LEU A 325 68.08 0.41 -30.24
N VAL A 326 66.95 -0.30 -30.43
CA VAL A 326 65.82 -0.19 -29.53
C VAL A 326 65.71 -1.46 -28.70
N SER A 327 65.48 -1.25 -27.41
CA SER A 327 65.45 -2.33 -26.43
C SER A 327 64.05 -2.75 -25.97
N HIS A 328 63.82 -4.06 -25.86
CA HIS A 328 62.52 -4.61 -25.46
C HIS A 328 62.05 -4.38 -24.05
N ASP A 329 60.74 -4.32 -23.90
CA ASP A 329 60.10 -4.13 -22.61
C ASP A 329 60.43 -5.34 -21.76
N TYR A 330 60.22 -5.25 -20.45
CA TYR A 330 60.60 -6.32 -19.56
C TYR A 330 59.40 -6.95 -18.87
N GLY A 331 59.47 -8.27 -18.69
CA GLY A 331 58.42 -9.02 -18.05
C GLY A 331 58.14 -10.31 -18.76
N SER A 332 57.50 -11.23 -18.05
CA SER A 332 57.14 -12.50 -18.63
C SER A 332 55.74 -12.91 -18.18
N SER A 333 55.34 -14.10 -18.60
CA SER A 333 54.05 -14.66 -18.27
C SER A 333 54.00 -14.92 -16.75
N GLU A 334 55.20 -14.96 -16.17
CA GLU A 334 55.35 -15.16 -14.74
C GLU A 334 54.86 -13.97 -13.98
N GLY A 335 54.82 -12.87 -14.71
CA GLY A 335 54.36 -11.60 -14.22
C GLY A 335 55.12 -10.53 -14.95
N TRP A 336 54.44 -9.85 -15.86
CA TRP A 336 55.07 -8.78 -16.61
C TRP A 336 55.39 -7.60 -15.71
N ILE A 337 56.40 -6.83 -16.10
CA ILE A 337 56.81 -5.71 -15.27
C ILE A 337 56.83 -4.34 -15.89
N ALA A 338 57.71 -4.08 -16.86
CA ALA A 338 57.88 -2.73 -17.39
C ALA A 338 57.83 -2.56 -18.92
N ALA A 339 57.40 -1.38 -19.34
CA ALA A 339 57.27 -1.01 -20.76
C ALA A 339 58.19 0.17 -21.11
N ASN A 340 58.89 0.06 -22.23
CA ASN A 340 59.85 1.07 -22.64
C ASN A 340 59.19 2.31 -23.26
N VAL A 341 58.85 3.28 -22.42
CA VAL A 341 58.24 4.52 -22.91
C VAL A 341 59.21 5.22 -23.86
N THR A 342 60.50 5.07 -23.58
CA THR A 342 61.54 5.74 -24.37
C THR A 342 62.48 4.75 -25.07
N PRO A 343 62.00 4.13 -26.16
CA PRO A 343 62.71 3.16 -27.01
C PRO A 343 63.91 3.70 -27.76
N ARG A 344 63.89 4.99 -28.07
CA ARG A 344 64.98 5.62 -28.82
C ARG A 344 66.25 5.79 -27.99
N LEU A 345 66.17 5.48 -26.69
CA LEU A 345 67.34 5.64 -25.82
C LEU A 345 68.45 4.66 -26.20
N SER A 346 69.68 5.04 -25.85
CA SER A 346 70.86 4.24 -26.13
C SER A 346 70.85 2.94 -25.35
N PRO A 347 71.47 1.88 -25.91
CA PRO A 347 71.46 0.57 -25.24
C PRO A 347 72.11 0.62 -23.86
N GLU A 348 73.08 1.50 -23.69
CA GLU A 348 73.80 1.64 -22.42
C GLU A 348 72.98 2.37 -21.36
N GLU A 349 71.86 2.96 -21.77
CA GLU A 349 71.00 3.74 -20.86
C GLU A 349 69.53 3.35 -20.84
N ALA A 350 69.19 2.25 -21.51
CA ALA A 350 67.78 1.86 -21.68
C ALA A 350 67.03 1.65 -20.36
N THR A 351 65.96 2.42 -20.20
CA THR A 351 65.07 2.36 -19.04
C THR A 351 63.63 2.07 -19.43
N PHE A 352 63.02 1.13 -18.72
CA PHE A 352 61.68 0.66 -19.05
C PHE A 352 60.64 0.94 -17.95
N ALA A 353 59.46 1.44 -18.33
CA ALA A 353 58.42 1.83 -17.36
C ALA A 353 57.45 0.73 -16.94
N VAL A 354 57.37 0.48 -15.64
CA VAL A 354 56.48 -0.55 -15.11
C VAL A 354 55.00 -0.24 -15.39
N ILE A 355 54.23 -1.29 -15.68
CA ILE A 355 52.80 -1.13 -15.87
C ILE A 355 52.13 -1.66 -14.65
N PRO A 356 51.21 -0.86 -14.07
CA PRO A 356 50.54 -1.15 -12.80
C PRO A 356 49.59 -2.36 -12.66
N ASN A 357 48.75 -2.71 -13.64
CA ASN A 357 47.81 -3.82 -13.40
C ASN A 357 48.31 -5.21 -13.78
N LEU A 358 49.55 -5.29 -14.24
CA LEU A 358 50.13 -6.56 -14.64
C LEU A 358 50.17 -7.48 -13.42
N GLY A 359 50.20 -6.86 -12.25
CA GLY A 359 50.22 -7.56 -10.99
C GLY A 359 50.60 -6.64 -9.85
N TYR A 360 50.93 -7.22 -8.70
CA TYR A 360 51.39 -6.46 -7.55
C TYR A 360 52.76 -6.92 -7.14
N PHE A 361 53.73 -6.02 -7.19
CA PHE A 361 55.10 -6.37 -6.86
C PHE A 361 55.60 -5.62 -5.64
N GLU A 362 56.63 -6.17 -5.04
CA GLU A 362 57.30 -5.56 -3.91
C GLU A 362 58.78 -5.75 -4.17
N PHE A 363 59.61 -4.87 -3.64
CA PHE A 363 61.05 -5.00 -3.81
C PHE A 363 61.82 -5.12 -2.50
N LEU A 364 62.73 -6.08 -2.45
CA LEU A 364 63.56 -6.37 -1.28
C LEU A 364 64.94 -5.73 -1.42
N PRO A 365 65.23 -4.73 -0.57
CA PRO A 365 66.50 -3.97 -0.63
C PRO A 365 67.76 -4.77 -0.32
N VAL A 366 68.91 -4.20 -0.67
CA VAL A 366 70.21 -4.85 -0.44
C VAL A 366 71.15 -4.02 0.43
N SER A 367 70.66 -2.89 0.91
CA SER A 367 71.49 -1.91 1.62
C SER A 367 71.74 -2.13 3.10
N GLU A 368 72.61 -3.07 3.46
CA GLU A 368 72.97 -3.19 4.88
C GLU A 368 74.45 -3.47 4.76
N THR A 369 74.73 -4.58 4.09
CA THR A 369 76.05 -5.06 3.73
C THR A 369 75.72 -5.99 2.57
N GLY A 370 75.72 -7.27 2.89
CA GLY A 370 75.32 -8.33 1.99
C GLY A 370 74.98 -9.54 2.83
N GLU A 371 73.71 -9.88 2.99
CA GLU A 371 72.59 -9.23 2.33
C GLU A 371 71.79 -8.21 3.15
N GLY A 372 71.61 -8.44 4.45
CA GLY A 372 70.82 -7.51 5.23
C GLY A 372 69.38 -7.92 5.45
N GLU A 373 68.70 -7.31 6.41
CA GLU A 373 67.31 -7.66 6.74
C GLU A 373 66.28 -6.54 6.81
N GLU A 374 65.80 -6.10 5.65
CA GLU A 374 64.77 -5.08 5.56
C GLU A 374 63.52 -5.61 4.88
N LYS A 375 62.36 -5.28 5.42
CA LYS A 375 61.07 -5.73 4.89
C LYS A 375 60.78 -5.17 3.49
N PRO A 376 60.02 -5.92 2.67
CA PRO A 376 59.70 -5.44 1.32
C PRO A 376 58.90 -4.14 1.38
N VAL A 377 59.16 -3.19 0.48
CA VAL A 377 58.43 -1.91 0.51
C VAL A 377 57.79 -1.54 -0.83
N GLY A 378 56.79 -0.66 -0.76
CA GLY A 378 55.96 -0.31 -1.90
C GLY A 378 56.63 0.14 -3.18
N LEU A 379 55.92 0.00 -4.29
CA LEU A 379 56.48 0.24 -5.63
C LEU A 379 57.27 1.55 -5.75
N THR A 380 56.65 2.69 -5.45
CA THR A 380 57.38 3.95 -5.54
C THR A 380 58.15 4.25 -4.26
N GLN A 381 57.94 3.43 -3.24
CA GLN A 381 58.65 3.60 -1.98
C GLN A 381 60.13 3.38 -2.21
N VAL A 382 60.45 2.58 -3.22
CA VAL A 382 61.83 2.26 -3.55
C VAL A 382 62.59 3.54 -3.87
N LYS A 383 63.67 3.78 -3.14
CA LYS A 383 64.49 4.96 -3.32
C LYS A 383 65.30 4.93 -4.60
N ILE A 384 65.46 6.10 -5.22
CA ILE A 384 66.24 6.17 -6.46
C ILE A 384 67.71 5.88 -6.29
N GLY A 385 68.29 5.21 -7.29
CA GLY A 385 69.71 4.90 -7.30
C GLY A 385 70.19 3.60 -6.64
N GLU A 386 69.40 3.08 -5.71
CA GLU A 386 69.75 1.82 -5.03
C GLU A 386 69.18 0.59 -5.75
N GLU A 387 69.71 -0.59 -5.40
CA GLU A 387 69.30 -1.84 -6.04
C GLU A 387 68.47 -2.77 -5.15
N TYR A 388 67.30 -3.17 -5.66
CA TYR A 388 66.35 -4.02 -4.96
C TYR A 388 65.99 -5.30 -5.70
N GLU A 389 65.93 -6.44 -5.01
CA GLU A 389 65.52 -7.67 -5.66
C GLU A 389 63.99 -7.60 -5.79
N VAL A 390 63.42 -8.41 -6.66
CA VAL A 390 62.01 -8.34 -6.97
C VAL A 390 61.12 -9.52 -6.52
N VAL A 391 60.04 -9.16 -5.85
CA VAL A 391 59.05 -10.13 -5.38
C VAL A 391 57.74 -9.75 -6.06
N ILE A 392 57.04 -10.74 -6.58
CA ILE A 392 55.81 -10.49 -7.28
C ILE A 392 54.65 -11.42 -6.93
N THR A 393 53.45 -10.85 -6.93
CA THR A 393 52.18 -11.53 -6.69
C THR A 393 51.35 -11.24 -7.90
N ASN A 394 50.84 -12.29 -8.53
CA ASN A 394 50.12 -12.13 -9.75
C ASN A 394 49.16 -13.25 -10.03
N TYR A 395 48.71 -13.32 -11.27
CA TYR A 395 47.82 -14.39 -11.70
C TYR A 395 48.61 -15.55 -12.27
N ALA A 396 49.92 -15.37 -12.32
CA ALA A 396 50.84 -16.33 -12.89
C ALA A 396 51.02 -17.53 -11.97
N GLY A 397 50.29 -17.52 -10.85
CA GLY A 397 50.33 -18.58 -9.87
C GLY A 397 51.40 -18.40 -8.83
N LEU A 398 52.23 -17.40 -9.06
CA LEU A 398 53.31 -17.13 -8.16
C LEU A 398 52.92 -16.06 -7.15
N TYR A 399 52.80 -16.44 -5.89
CA TYR A 399 52.42 -15.52 -4.83
C TYR A 399 53.57 -15.22 -3.87
N ARG A 400 53.98 -13.96 -3.79
CA ARG A 400 55.03 -13.53 -2.86
C ARG A 400 56.26 -14.41 -3.00
N TYR A 401 56.80 -14.53 -4.20
CA TYR A 401 57.94 -15.42 -4.39
C TYR A 401 59.26 -14.72 -4.66
N ARG A 402 60.30 -15.26 -4.05
CA ARG A 402 61.63 -14.74 -4.19
C ARG A 402 62.23 -15.29 -5.47
N LEU A 403 62.44 -14.42 -6.46
CA LEU A 403 63.07 -14.86 -7.69
C LEU A 403 64.58 -14.61 -7.63
N GLY A 404 65.01 -13.90 -6.59
CA GLY A 404 66.42 -13.63 -6.35
C GLY A 404 67.33 -12.92 -7.35
N ASP A 405 66.88 -11.77 -7.86
CA ASP A 405 67.62 -10.99 -8.86
C ASP A 405 67.46 -9.48 -8.54
N VAL A 406 68.55 -8.70 -8.65
CA VAL A 406 68.56 -7.28 -8.29
C VAL A 406 68.42 -6.21 -9.41
N VAL A 407 67.54 -5.24 -9.20
CA VAL A 407 67.32 -4.17 -10.17
C VAL A 407 67.63 -2.79 -9.61
N LYS A 408 67.99 -1.84 -10.46
CA LYS A 408 68.23 -0.49 -10.00
C LYS A 408 67.26 0.49 -10.63
N VAL A 409 66.69 1.34 -9.79
CA VAL A 409 65.76 2.35 -10.25
C VAL A 409 66.56 3.63 -10.51
N ILE A 410 66.40 4.21 -11.69
CA ILE A 410 67.15 5.43 -11.99
C ILE A 410 66.38 6.68 -12.17
N GLY A 411 65.09 6.53 -12.46
CA GLY A 411 64.23 7.66 -12.72
C GLY A 411 62.76 7.36 -12.57
N PHE A 412 61.94 8.37 -12.83
CA PHE A 412 60.50 8.25 -12.76
C PHE A 412 59.81 8.76 -14.02
N TYR A 413 58.89 7.98 -14.57
CA TYR A 413 58.10 8.47 -15.71
C TYR A 413 56.79 8.87 -15.06
N ASN A 414 56.45 10.16 -15.05
CA ASN A 414 55.18 10.57 -14.47
C ASN A 414 55.07 10.10 -13.02
N ASN A 415 54.11 9.22 -12.77
CA ASN A 415 53.88 8.68 -11.44
C ASN A 415 54.48 7.29 -11.22
N THR A 416 55.33 6.86 -12.14
CA THR A 416 55.95 5.53 -12.06
C THR A 416 57.46 5.59 -12.18
N PRO A 417 58.14 4.60 -11.59
CA PRO A 417 59.60 4.46 -11.60
C PRO A 417 60.18 3.84 -12.88
N GLN A 418 61.43 4.20 -13.21
CA GLN A 418 62.12 3.67 -14.39
C GLN A 418 63.20 2.68 -13.91
N LEU A 419 63.25 1.50 -14.53
CA LEU A 419 64.16 0.44 -14.09
C LEU A 419 65.26 0.03 -15.07
N LYS A 420 66.47 -0.05 -14.54
CA LYS A 420 67.67 -0.43 -15.26
C LYS A 420 68.24 -1.71 -14.63
N PHE A 421 68.92 -2.52 -15.44
CA PHE A 421 69.50 -3.78 -14.99
C PHE A 421 70.98 -3.95 -15.35
N ILE A 422 71.71 -4.59 -14.45
CA ILE A 422 73.12 -4.87 -14.65
C ILE A 422 73.50 -6.27 -14.34
N CYS A 423 72.48 -7.08 -14.10
CA CYS A 423 72.67 -8.47 -13.71
C CYS A 423 73.14 -9.42 -14.78
N ARG A 424 73.46 -10.62 -14.31
CA ARG A 424 73.83 -11.74 -15.15
C ARG A 424 72.98 -12.95 -14.78
N ARG A 425 73.42 -13.66 -13.76
CA ARG A 425 72.79 -14.90 -13.35
C ARG A 425 72.21 -14.80 -11.93
N ASN A 426 71.10 -15.50 -11.68
CA ASN A 426 70.46 -15.54 -10.38
C ASN A 426 71.19 -16.63 -9.64
N LEU A 427 72.28 -16.26 -9.00
CA LEU A 427 73.18 -17.24 -8.39
C LEU A 427 72.99 -17.77 -6.95
N ILE A 428 72.05 -18.69 -6.81
CA ILE A 428 71.90 -19.46 -5.59
C ILE A 428 71.70 -20.85 -6.09
N LEU A 429 72.69 -21.71 -5.90
CA LEU A 429 72.60 -23.08 -6.42
C LEU A 429 72.84 -24.15 -5.37
N SER A 430 72.06 -25.22 -5.48
CA SER A 430 72.12 -26.34 -4.54
C SER A 430 72.13 -27.62 -5.35
N ILE A 431 72.43 -28.74 -4.70
CA ILE A 431 72.54 -29.98 -5.43
C ILE A 431 71.33 -30.33 -6.22
N ASN A 432 71.59 -30.51 -7.50
CA ASN A 432 70.59 -30.81 -8.51
C ASN A 432 70.38 -32.31 -8.66
N ILE A 433 69.15 -32.73 -8.89
CA ILE A 433 68.87 -34.15 -9.07
C ILE A 433 68.76 -34.63 -10.48
N ASP A 434 68.60 -33.70 -11.41
CA ASP A 434 68.49 -34.06 -12.82
C ASP A 434 69.90 -34.24 -13.40
N LYS A 435 70.69 -35.06 -12.69
CA LYS A 435 72.07 -35.39 -13.02
C LYS A 435 72.42 -36.84 -12.61
N ASN A 436 73.41 -37.53 -13.20
CA ASN A 436 74.26 -37.13 -14.34
C ASN A 436 74.98 -35.78 -14.20
N THR A 437 76.09 -35.76 -13.44
CA THR A 437 76.79 -34.50 -13.12
C THR A 437 76.92 -33.64 -14.35
N GLU A 438 76.66 -32.35 -14.16
CA GLU A 438 76.60 -31.43 -15.30
C GLU A 438 77.84 -31.53 -16.14
N ARG A 439 78.97 -31.84 -15.51
CA ARG A 439 80.18 -32.03 -16.27
C ARG A 439 79.91 -33.19 -17.21
N ASP A 440 79.28 -34.27 -16.74
CA ASP A 440 78.95 -35.44 -17.58
C ASP A 440 77.92 -35.13 -18.68
N LEU A 441 76.94 -34.27 -18.40
CA LEU A 441 75.91 -33.91 -19.39
C LEU A 441 76.58 -33.14 -20.52
N GLN A 442 77.37 -32.17 -20.13
CA GLN A 442 78.16 -31.36 -21.05
C GLN A 442 79.13 -32.28 -21.78
N LEU A 443 79.66 -33.24 -21.05
CA LEU A 443 80.63 -34.22 -21.55
C LEU A 443 80.02 -35.07 -22.62
N SER A 444 78.79 -35.48 -22.39
CA SER A 444 78.06 -36.31 -23.32
C SER A 444 77.81 -35.58 -24.60
N VAL A 445 77.34 -34.35 -24.45
CA VAL A 445 77.08 -33.55 -25.61
C VAL A 445 78.37 -33.36 -26.38
N GLU A 446 79.45 -33.02 -25.67
CA GLU A 446 80.74 -32.77 -26.30
C GLU A 446 81.32 -33.97 -27.06
N SER A 447 81.36 -35.12 -26.41
CA SER A 447 81.91 -36.32 -27.06
C SER A 447 81.05 -36.79 -28.23
N ALA A 448 79.75 -36.88 -28.04
CA ALA A 448 78.86 -37.32 -29.12
C ALA A 448 78.81 -36.37 -30.29
N ALA A 449 78.80 -35.09 -29.97
CA ALA A 449 78.68 -34.04 -30.98
C ALA A 449 79.88 -34.00 -31.89
N LYS A 450 80.95 -34.71 -31.53
CA LYS A 450 82.15 -34.75 -32.35
C LYS A 450 81.78 -35.38 -33.71
N ARG A 451 80.81 -36.28 -33.68
CA ARG A 451 80.32 -36.91 -34.90
C ARG A 451 79.70 -35.81 -35.76
N LEU A 452 79.06 -34.84 -35.11
CA LEU A 452 78.50 -33.69 -35.81
C LEU A 452 79.57 -32.65 -36.09
N SER A 453 80.74 -32.81 -35.47
CA SER A 453 81.85 -31.88 -35.66
C SER A 453 82.69 -32.23 -36.88
N GLU A 454 82.43 -33.40 -37.45
CA GLU A 454 83.14 -33.83 -38.67
C GLU A 454 82.62 -33.04 -39.87
N GLU A 455 81.38 -32.59 -39.75
CA GLU A 455 80.65 -31.96 -40.85
C GLU A 455 80.76 -30.42 -40.88
N LYS A 456 81.87 -29.91 -40.37
CA LYS A 456 82.15 -28.46 -40.36
C LYS A 456 81.16 -27.67 -39.52
N ILE A 457 80.56 -28.33 -38.55
CA ILE A 457 79.62 -27.66 -37.67
C ILE A 457 79.82 -28.04 -36.25
N GLU A 458 79.83 -27.03 -35.39
CA GLU A 458 80.01 -27.25 -33.96
C GLU A 458 78.67 -27.17 -33.25
N VAL A 459 78.46 -28.06 -32.29
CA VAL A 459 77.21 -28.06 -31.52
C VAL A 459 77.11 -26.72 -30.78
N ILE A 460 75.90 -26.19 -30.67
CA ILE A 460 75.68 -24.89 -30.04
C ILE A 460 75.20 -24.91 -28.62
N ASP A 461 74.03 -25.49 -28.35
CA ASP A 461 73.45 -25.55 -26.99
C ASP A 461 72.60 -26.82 -26.81
N PHE A 462 72.23 -27.15 -25.57
CA PHE A 462 71.47 -28.37 -25.33
C PHE A 462 70.70 -28.46 -24.00
N SER A 463 69.79 -29.45 -23.92
CA SER A 463 69.04 -29.73 -22.69
C SER A 463 68.53 -31.17 -22.69
N SER A 464 68.25 -31.66 -21.48
CA SER A 464 67.80 -33.05 -21.31
C SER A 464 66.48 -33.26 -20.52
N TYR A 465 65.79 -34.40 -20.72
CA TYR A 465 64.49 -34.66 -20.04
C TYR A 465 64.30 -36.08 -19.47
N ILE A 466 63.38 -36.22 -18.50
CA ILE A 466 63.07 -37.53 -17.92
C ILE A 466 61.59 -37.78 -17.93
N ASP A 467 61.16 -38.89 -18.52
CA ASP A 467 59.72 -39.16 -18.56
C ASP A 467 59.32 -40.35 -17.69
N VAL A 468 58.45 -40.09 -16.73
CA VAL A 468 57.95 -41.12 -15.82
C VAL A 468 56.66 -41.71 -16.41
N SER A 469 56.18 -41.15 -17.52
CA SER A 469 54.99 -41.71 -18.17
C SER A 469 55.33 -43.07 -18.77
N THR A 470 56.33 -43.10 -19.64
CA THR A 470 56.72 -44.32 -20.31
C THR A 470 57.37 -45.36 -19.39
N ASP A 471 57.08 -46.62 -19.65
CA ASP A 471 57.62 -47.76 -18.91
C ASP A 471 58.35 -48.69 -19.85
N PRO A 472 59.69 -48.76 -19.73
CA PRO A 472 60.49 -47.96 -18.80
C PRO A 472 60.73 -46.54 -19.30
N GLY A 473 60.82 -45.58 -18.38
CA GLY A 473 61.02 -44.19 -18.74
C GLY A 473 62.31 -43.95 -19.50
N HIS A 474 62.25 -43.06 -20.48
CA HIS A 474 63.42 -42.77 -21.31
C HIS A 474 63.88 -41.33 -21.13
N TYR A 475 65.17 -41.14 -20.91
CA TYR A 475 65.70 -39.81 -20.78
C TYR A 475 65.78 -39.22 -22.18
N ALA A 476 65.41 -37.95 -22.33
CA ALA A 476 65.47 -37.33 -23.66
C ALA A 476 66.45 -36.17 -23.72
N ILE A 477 67.47 -36.28 -24.58
CA ILE A 477 68.47 -35.23 -24.72
C ILE A 477 68.24 -34.47 -25.98
N PHE A 478 68.37 -33.16 -25.90
CA PHE A 478 68.11 -32.31 -27.06
C PHE A 478 69.32 -31.48 -27.46
N TRP A 479 69.42 -31.19 -28.75
CA TRP A 479 70.58 -30.48 -29.29
C TRP A 479 70.30 -29.30 -30.21
N GLU A 480 70.99 -28.20 -29.94
CA GLU A 480 70.92 -27.03 -30.80
C GLU A 480 72.22 -27.06 -31.57
N ILE A 481 72.16 -26.96 -32.89
CA ILE A 481 73.37 -27.04 -33.69
C ILE A 481 73.54 -26.08 -34.81
N SER A 482 74.74 -26.06 -35.38
CA SER A 482 75.06 -25.19 -36.50
C SER A 482 74.30 -25.53 -37.80
N GLY A 483 74.14 -26.82 -38.11
CA GLY A 483 73.49 -27.17 -39.36
C GLY A 483 72.81 -28.53 -39.46
N GLU A 484 72.12 -28.73 -40.58
CA GLU A 484 71.39 -29.96 -40.88
C GLU A 484 72.29 -31.13 -41.29
N THR A 485 71.96 -32.30 -40.77
CA THR A 485 72.68 -33.52 -41.10
C THR A 485 71.68 -34.67 -41.11
N ASN A 486 72.06 -35.79 -41.72
CA ASN A 486 71.16 -36.93 -41.84
C ASN A 486 71.01 -37.71 -40.54
N GLU A 487 70.15 -38.71 -40.57
CA GLU A 487 69.79 -39.54 -39.43
C GLU A 487 70.88 -40.41 -38.82
N ASP A 488 71.72 -41.02 -39.65
CA ASP A 488 72.71 -41.96 -39.16
C ASP A 488 73.65 -41.37 -38.11
N VAL A 489 74.22 -40.21 -38.42
CA VAL A 489 75.15 -39.59 -37.48
C VAL A 489 74.49 -39.26 -36.15
N LEU A 490 73.31 -38.65 -36.17
CA LEU A 490 72.63 -38.32 -34.93
C LEU A 490 72.27 -39.58 -34.15
N GLN A 491 72.00 -40.68 -34.85
CA GLN A 491 71.71 -41.93 -34.15
C GLN A 491 72.99 -42.29 -33.40
N ASP A 492 74.12 -42.18 -34.09
CA ASP A 492 75.41 -42.46 -33.46
C ASP A 492 75.62 -41.53 -32.27
N CYS A 493 75.13 -40.29 -32.38
CA CYS A 493 75.24 -39.27 -31.34
C CYS A 493 74.45 -39.62 -30.09
N CYS A 494 73.26 -40.17 -30.29
CA CYS A 494 72.42 -40.61 -29.19
C CYS A 494 73.16 -41.69 -28.47
N ASN A 495 73.60 -42.67 -29.25
CA ASN A 495 74.31 -43.80 -28.71
C ASN A 495 75.53 -43.34 -27.93
N CYS A 496 76.19 -42.33 -28.49
CA CYS A 496 77.36 -41.72 -27.92
C CYS A 496 77.07 -40.98 -26.60
N LEU A 497 75.90 -40.34 -26.50
CA LEU A 497 75.53 -39.66 -25.24
C LEU A 497 75.35 -40.72 -24.20
N ASP A 498 74.77 -41.84 -24.63
CA ASP A 498 74.54 -42.96 -23.74
C ASP A 498 75.88 -43.45 -23.22
N ARG A 499 76.81 -43.62 -24.15
CA ARG A 499 78.18 -44.08 -23.89
C ARG A 499 79.00 -43.09 -23.05
N ALA A 500 78.62 -41.83 -23.16
CA ALA A 500 79.26 -40.70 -22.49
C ALA A 500 79.11 -40.53 -20.97
N PHE A 501 77.91 -40.68 -20.40
CA PHE A 501 77.81 -40.52 -18.95
C PHE A 501 78.54 -41.69 -18.40
N ILE A 502 79.74 -41.42 -17.91
CA ILE A 502 80.59 -42.47 -17.47
C ILE A 502 80.38 -43.14 -16.15
N ASP A 503 79.48 -42.62 -15.33
CA ASP A 503 79.26 -43.20 -14.00
C ASP A 503 78.75 -44.65 -14.01
N ALA A 504 79.09 -45.38 -12.96
CA ALA A 504 78.71 -46.78 -12.77
C ALA A 504 77.19 -47.00 -12.72
N GLY A 505 76.48 -45.96 -12.32
CA GLY A 505 75.06 -46.06 -12.16
C GLY A 505 74.24 -46.07 -13.43
N TYR A 506 74.44 -45.06 -14.27
CA TYR A 506 73.67 -44.92 -15.50
C TYR A 506 73.70 -46.27 -16.26
N VAL A 507 74.85 -46.91 -16.16
CA VAL A 507 75.09 -48.23 -16.73
C VAL A 507 74.30 -49.30 -16.05
N SER A 508 74.27 -49.30 -14.72
CA SER A 508 73.57 -50.37 -14.07
C SER A 508 72.15 -50.32 -14.57
N SER A 509 71.56 -49.13 -14.61
CA SER A 509 70.19 -49.04 -15.05
C SER A 509 69.84 -49.39 -16.45
N ARG A 510 70.43 -48.63 -17.35
CA ARG A 510 70.17 -48.76 -18.77
C ARG A 510 70.64 -50.08 -19.32
N LYS A 511 71.77 -50.55 -18.82
CA LYS A 511 72.28 -51.82 -19.25
C LYS A 511 71.30 -52.85 -18.72
N CYS A 512 70.81 -52.66 -17.51
CA CYS A 512 69.86 -53.62 -16.95
C CYS A 512 68.59 -53.68 -17.79
N LYS A 513 67.86 -52.55 -17.85
CA LYS A 513 66.60 -52.33 -18.61
C LYS A 513 65.60 -51.44 -17.85
N THR A 514 65.86 -51.17 -16.58
CA THR A 514 64.88 -50.45 -15.77
C THR A 514 64.48 -49.05 -16.28
N ILE A 515 65.35 -48.42 -17.07
CA ILE A 515 65.01 -47.16 -17.70
C ILE A 515 65.38 -47.34 -19.13
N GLY A 516 64.50 -46.92 -20.03
CA GLY A 516 64.68 -47.14 -21.46
C GLY A 516 65.88 -46.47 -22.12
N ALA A 517 66.09 -46.83 -23.38
CA ALA A 517 67.19 -46.32 -24.16
C ALA A 517 67.08 -44.81 -24.22
N LEU A 518 68.21 -44.14 -24.05
CA LEU A 518 68.22 -42.69 -24.06
C LEU A 518 67.69 -42.26 -25.42
N GLU A 519 66.71 -41.36 -25.42
CA GLU A 519 66.12 -40.92 -26.67
C GLU A 519 66.70 -39.60 -27.11
N LEU A 520 67.39 -39.60 -28.24
CA LEU A 520 67.93 -38.36 -28.75
C LEU A 520 66.91 -37.78 -29.68
N ARG A 521 66.22 -36.77 -29.19
CA ARG A 521 65.28 -36.07 -30.00
C ARG A 521 65.96 -34.81 -30.47
N VAL A 522 66.85 -34.93 -31.46
CA VAL A 522 67.56 -33.77 -31.97
C VAL A 522 66.50 -32.77 -32.36
N VAL A 523 66.64 -31.59 -31.76
CA VAL A 523 65.75 -30.48 -31.98
C VAL A 523 66.40 -29.60 -33.05
N ALA A 524 66.00 -28.34 -33.12
CA ALA A 524 66.52 -27.44 -34.12
C ALA A 524 67.15 -26.22 -33.46
N LYS A 525 68.00 -25.52 -34.20
CA LYS A 525 68.71 -24.36 -33.65
C LYS A 525 67.79 -23.21 -33.24
N GLY A 526 68.25 -22.46 -32.23
CA GLY A 526 67.53 -21.32 -31.70
C GLY A 526 66.59 -21.63 -30.55
N THR A 527 66.33 -22.92 -30.30
CA THR A 527 65.42 -23.31 -29.22
C THR A 527 65.92 -22.81 -27.87
N PHE A 528 67.21 -23.01 -27.62
CA PHE A 528 67.80 -22.52 -26.39
C PHE A 528 67.83 -21.01 -26.50
N ARG A 529 67.99 -20.51 -27.72
CA ARG A 529 68.01 -19.08 -27.95
C ARG A 529 66.66 -18.50 -27.54
N LYS A 530 65.58 -19.24 -27.79
CA LYS A 530 64.24 -18.84 -27.38
C LYS A 530 64.22 -18.86 -25.87
N ILE A 531 64.85 -19.88 -25.30
CA ILE A 531 64.88 -20.04 -23.87
C ILE A 531 65.50 -18.84 -23.21
N GLN A 532 66.63 -18.41 -23.79
CA GLN A 532 67.30 -17.22 -23.31
C GLN A 532 66.41 -16.00 -23.50
N GLU A 533 65.80 -15.92 -24.68
CA GLU A 533 64.97 -14.78 -25.07
C GLU A 533 63.76 -14.56 -24.18
N HIS A 534 63.15 -15.62 -23.67
CA HIS A 534 62.05 -15.42 -22.76
C HIS A 534 62.60 -15.17 -21.35
N PHE A 535 63.77 -15.75 -21.07
CA PHE A 535 64.33 -15.57 -19.73
C PHE A 535 64.85 -14.18 -19.31
N LEU A 536 65.74 -13.59 -20.09
CA LEU A 536 66.27 -12.26 -19.74
C LEU A 536 65.13 -11.25 -19.72
N GLY A 537 64.12 -11.51 -20.55
CA GLY A 537 62.95 -10.66 -20.70
C GLY A 537 61.96 -10.69 -19.54
N LEU A 538 62.04 -11.73 -18.71
CA LEU A 538 61.12 -11.89 -17.58
C LEU A 538 61.17 -10.72 -16.62
N GLY A 539 60.05 -10.45 -15.97
CA GLY A 539 59.97 -9.33 -15.06
C GLY A 539 60.51 -9.70 -13.71
N SER A 540 61.64 -9.09 -13.43
CA SER A 540 62.39 -9.30 -12.21
C SER A 540 63.63 -8.45 -12.29
N SER A 541 64.70 -9.07 -12.75
CA SER A 541 65.95 -8.38 -12.98
C SER A 541 66.70 -9.19 -14.01
N ALA A 542 67.82 -8.68 -14.50
CA ALA A 542 68.57 -9.37 -15.55
C ALA A 542 69.23 -10.68 -15.11
N GLY A 543 69.11 -11.05 -13.84
CA GLY A 543 69.74 -12.27 -13.37
C GLY A 543 68.87 -13.45 -13.71
N GLN A 544 68.91 -13.84 -14.98
CA GLN A 544 68.05 -14.90 -15.50
C GLN A 544 68.66 -15.77 -16.60
N PHE A 545 69.94 -16.12 -16.53
CA PHE A 545 70.47 -16.95 -17.63
C PHE A 545 71.21 -18.25 -17.29
N LYS A 546 71.32 -18.66 -16.03
CA LYS A 546 72.00 -19.93 -15.81
C LYS A 546 70.94 -21.03 -16.00
N MET A 547 70.76 -21.35 -17.29
CA MET A 547 69.75 -22.29 -17.79
C MET A 547 69.94 -23.76 -17.38
N PRO A 548 68.81 -24.42 -17.06
CA PRO A 548 68.76 -25.82 -16.59
C PRO A 548 69.17 -26.88 -17.62
N ARG A 549 70.07 -27.77 -17.21
CA ARG A 549 70.56 -28.88 -18.02
C ARG A 549 69.64 -30.08 -18.26
N CYS A 550 68.92 -30.53 -17.23
CA CYS A 550 68.00 -31.64 -17.38
C CYS A 550 66.67 -31.31 -16.77
N VAL A 551 65.63 -31.80 -17.40
CA VAL A 551 64.29 -31.47 -16.97
C VAL A 551 63.49 -32.71 -16.54
N LYS A 552 62.91 -32.62 -15.34
CA LYS A 552 62.13 -33.71 -14.76
C LYS A 552 60.62 -33.44 -14.96
N PRO A 553 59.72 -34.00 -14.10
CA PRO A 553 58.34 -33.59 -14.38
C PRO A 553 58.15 -32.08 -14.19
N SER A 554 58.92 -31.50 -13.28
CA SER A 554 58.74 -30.09 -12.94
C SER A 554 59.32 -29.02 -13.88
N ASN A 555 60.02 -29.36 -14.96
CA ASN A 555 60.47 -28.28 -15.87
C ASN A 555 59.44 -28.02 -16.96
N ALA A 556 59.34 -26.78 -17.39
CA ALA A 556 58.35 -26.44 -18.40
C ALA A 556 58.73 -25.57 -19.62
N LYS A 557 59.51 -24.53 -19.42
CA LYS A 557 59.81 -23.65 -20.54
C LYS A 557 60.61 -24.29 -21.67
N VAL A 558 61.44 -25.28 -21.37
CA VAL A 558 62.06 -25.97 -22.48
C VAL A 558 61.06 -27.00 -23.03
N LEU A 559 60.04 -27.32 -22.22
CA LEU A 559 59.06 -28.40 -22.52
C LEU A 559 58.13 -28.30 -23.74
N GLN A 560 57.59 -27.14 -24.09
CA GLN A 560 56.83 -27.17 -25.33
C GLN A 560 57.84 -27.23 -26.45
N ILE A 561 58.98 -26.56 -26.30
CA ILE A 561 60.03 -26.53 -27.33
C ILE A 561 60.63 -27.85 -27.77
N LEU A 562 60.70 -28.80 -26.85
CA LEU A 562 61.32 -30.10 -27.16
C LEU A 562 60.72 -30.98 -28.26
N CYS A 563 59.40 -30.93 -28.39
CA CYS A 563 58.64 -31.91 -29.16
C CYS A 563 58.30 -31.88 -30.64
N GLU A 564 57.36 -31.02 -31.02
CA GLU A 564 56.84 -31.01 -32.37
C GLU A 564 57.94 -30.80 -33.39
N ASN A 565 58.92 -29.97 -33.01
CA ASN A 565 60.02 -29.67 -33.90
C ASN A 565 61.20 -30.58 -33.75
N VAL A 566 60.94 -31.78 -33.29
CA VAL A 566 62.03 -32.69 -33.18
C VAL A 566 62.28 -33.07 -34.63
N VAL A 567 63.37 -32.55 -35.17
CA VAL A 567 63.74 -32.84 -36.53
C VAL A 567 64.02 -34.32 -36.58
N SER A 568 64.67 -34.84 -35.54
CA SER A 568 64.92 -36.30 -35.51
C SER A 568 64.66 -36.92 -34.14
N SER A 569 63.82 -37.95 -34.08
CA SER A 569 63.54 -38.60 -32.80
C SER A 569 63.95 -40.06 -32.84
N TYR A 570 65.05 -40.40 -32.15
CA TYR A 570 65.50 -41.79 -32.22
C TYR A 570 66.02 -42.40 -30.91
N PHE A 571 65.69 -43.67 -30.69
CA PHE A 571 66.17 -44.43 -29.54
C PHE A 571 67.45 -45.14 -29.97
N SER A 572 68.31 -45.45 -29.02
CA SER A 572 69.62 -46.02 -29.33
C SER A 572 69.60 -47.30 -30.16
N THR A 573 70.35 -47.30 -31.27
CA THR A 573 70.48 -48.47 -32.14
C THR A 573 71.11 -49.61 -31.37
N ALA A 574 71.91 -49.25 -30.38
CA ALA A 574 72.56 -50.22 -29.53
C ALA A 574 71.51 -50.89 -28.65
N PHE A 575 71.97 -51.48 -27.56
CA PHE A 575 71.08 -52.12 -26.59
C PHE A 575 70.41 -53.36 -27.18
N LEU B 10 19.34 -39.88 13.22
CA LEU B 10 20.24 -39.40 12.18
C LEU B 10 19.44 -38.74 11.06
N PRO B 11 20.01 -37.68 10.46
CA PRO B 11 19.33 -36.92 9.41
C PRO B 11 18.88 -37.81 8.26
N ILE B 12 17.68 -37.56 7.77
CA ILE B 12 17.15 -38.35 6.66
C ILE B 12 17.23 -37.59 5.40
N LEU B 13 17.94 -38.12 4.42
CA LEU B 13 18.07 -37.42 3.17
C LEU B 13 17.12 -37.95 2.11
N LEU B 14 16.12 -37.14 1.75
CA LEU B 14 15.18 -37.53 0.72
C LEU B 14 15.91 -37.15 -0.56
N ASP B 15 16.45 -38.18 -1.22
CA ASP B 15 17.27 -38.03 -2.42
C ASP B 15 16.83 -38.90 -3.59
N TYR B 16 17.39 -38.60 -4.76
CA TYR B 16 17.11 -39.34 -5.99
C TYR B 16 18.45 -39.82 -6.54
N TRP B 17 18.49 -41.05 -7.06
CA TRP B 17 19.75 -41.63 -7.56
C TRP B 17 20.40 -40.80 -8.68
N PRO B 18 19.61 -40.27 -9.64
CA PRO B 18 20.25 -39.49 -10.71
C PRO B 18 20.34 -37.98 -10.47
N SER B 19 19.56 -37.45 -9.54
CA SER B 19 19.48 -36.01 -9.30
C SER B 19 20.75 -35.33 -8.80
N MET B 20 21.20 -34.34 -9.57
CA MET B 20 22.43 -33.59 -9.31
C MET B 20 22.42 -32.84 -7.99
N PHE B 21 21.32 -32.14 -7.76
CA PHE B 21 21.19 -31.32 -6.58
C PHE B 21 21.23 -32.18 -5.29
N GLY B 22 20.56 -33.33 -5.32
CA GLY B 22 20.59 -34.22 -4.17
C GLY B 22 22.04 -34.60 -3.92
N MET B 23 22.79 -34.78 -5.01
CA MET B 23 24.21 -35.12 -4.96
C MET B 23 24.93 -33.99 -4.23
N ARG B 24 24.47 -32.75 -4.43
CA ARG B 24 25.05 -31.58 -3.77
C ARG B 24 24.84 -31.67 -2.27
N ALA B 25 23.63 -32.09 -1.90
CA ALA B 25 23.30 -32.21 -0.50
C ALA B 25 24.24 -33.21 0.14
N ARG B 26 24.32 -34.35 -0.53
CA ARG B 26 25.12 -35.45 -0.03
C ARG B 26 26.59 -35.09 0.13
N VAL B 27 27.14 -34.44 -0.89
CA VAL B 27 28.53 -34.03 -0.88
C VAL B 27 28.79 -33.04 0.24
N ALA B 28 27.79 -32.20 0.52
CA ALA B 28 27.93 -31.18 1.56
C ALA B 28 28.01 -31.78 2.96
N LEU B 29 27.03 -32.62 3.29
CA LEU B 29 27.00 -33.25 4.61
C LEU B 29 28.26 -34.06 4.82
N ARG B 30 28.64 -34.83 3.80
CA ARG B 30 29.87 -35.61 3.92
C ARG B 30 31.12 -34.78 4.04
N GLU B 31 31.19 -33.68 3.31
CA GLU B 31 32.37 -32.84 3.32
C GLU B 31 32.59 -32.24 4.70
N LYS B 32 31.53 -31.71 5.30
CA LYS B 32 31.67 -31.09 6.62
C LYS B 32 32.14 -32.05 7.72
N GLY B 33 31.49 -33.20 7.87
CA GLY B 33 31.86 -34.12 8.93
C GLY B 33 30.70 -34.60 9.79
N VAL B 34 29.62 -35.00 9.15
CA VAL B 34 28.43 -35.50 9.85
C VAL B 34 28.06 -36.90 9.34
N GLU B 35 27.37 -37.68 10.17
CA GLU B 35 26.95 -39.01 9.75
C GLU B 35 25.43 -38.96 9.56
N PHE B 36 25.01 -39.18 8.32
CA PHE B 36 23.60 -39.11 7.96
C PHE B 36 23.14 -40.31 7.15
N GLU B 37 21.83 -40.43 6.98
CA GLU B 37 21.24 -41.55 6.25
C GLU B 37 20.74 -41.13 4.88
N TYR B 38 21.10 -41.91 3.87
CA TYR B 38 20.71 -41.62 2.50
C TYR B 38 19.47 -42.42 2.11
N ARG B 39 18.43 -41.71 1.70
CA ARG B 39 17.21 -42.36 1.26
C ARG B 39 16.99 -42.18 -0.22
N GLU B 40 16.82 -43.29 -0.92
CA GLU B 40 16.53 -43.26 -2.35
C GLU B 40 15.02 -43.09 -2.46
N GLU B 41 14.50 -42.91 -3.66
CA GLU B 41 13.06 -42.74 -3.80
C GLU B 41 12.42 -43.34 -5.02
N ASP B 42 11.16 -43.72 -4.84
CA ASP B 42 10.37 -44.21 -5.93
C ASP B 42 9.45 -43.05 -6.22
N PHE B 43 9.71 -42.31 -7.30
CA PHE B 43 8.83 -41.21 -7.66
C PHE B 43 7.48 -41.77 -8.02
N SER B 44 7.50 -42.96 -8.59
CA SER B 44 6.31 -43.69 -8.91
C SER B 44 5.54 -43.93 -7.61
N ASN B 45 6.30 -44.22 -6.56
CA ASN B 45 5.72 -44.55 -5.26
C ASN B 45 6.41 -43.78 -4.12
N LYS B 46 6.24 -42.46 -4.13
CA LYS B 46 6.89 -41.58 -3.16
C LYS B 46 6.49 -41.92 -1.73
N SER B 47 7.48 -41.90 -0.84
CA SER B 47 7.29 -42.28 0.56
C SER B 47 6.36 -41.32 1.29
N PRO B 48 5.74 -41.80 2.39
CA PRO B 48 4.84 -40.98 3.21
C PRO B 48 5.62 -39.82 3.79
N LEU B 49 6.88 -40.08 4.10
CA LEU B 49 7.77 -39.07 4.65
C LEU B 49 7.98 -37.97 3.63
N LEU B 50 8.24 -38.34 2.38
CA LEU B 50 8.42 -37.35 1.32
C LEU B 50 7.18 -36.52 1.09
N LEU B 51 6.05 -37.21 0.95
CA LEU B 51 4.78 -36.56 0.67
C LEU B 51 4.39 -35.59 1.77
N GLN B 52 4.70 -35.93 3.01
CA GLN B 52 4.44 -35.01 4.12
C GLN B 52 5.45 -33.85 4.16
N SER B 53 6.71 -34.17 3.89
CA SER B 53 7.80 -33.20 3.99
C SER B 53 7.73 -32.04 2.99
N ASN B 54 7.43 -32.33 1.73
CA ASN B 54 7.29 -31.29 0.72
C ASN B 54 6.18 -31.66 -0.27
N PRO B 55 4.92 -31.58 0.18
CA PRO B 55 3.73 -32.02 -0.58
C PRO B 55 3.54 -31.35 -1.93
N ILE B 56 3.63 -30.03 -2.05
CA ILE B 56 3.42 -29.46 -3.37
C ILE B 56 4.38 -29.74 -4.45
N HIS B 57 5.64 -29.51 -4.15
CA HIS B 57 6.73 -29.79 -5.06
C HIS B 57 7.08 -31.27 -5.22
N LYS B 58 7.13 -31.99 -4.10
CA LYS B 58 7.42 -33.42 -4.08
C LYS B 58 8.81 -33.73 -4.61
N LYS B 59 9.65 -32.68 -4.67
CA LYS B 59 11.00 -32.80 -5.21
C LYS B 59 12.09 -32.86 -4.13
N ILE B 60 13.24 -33.38 -4.54
CA ILE B 60 14.38 -33.55 -3.66
C ILE B 60 15.46 -32.56 -3.96
N PRO B 61 16.45 -32.37 -3.07
CA PRO B 61 16.64 -33.04 -1.77
C PRO B 61 15.79 -32.49 -0.66
N VAL B 62 15.55 -33.32 0.36
CA VAL B 62 14.82 -32.89 1.56
C VAL B 62 15.44 -33.55 2.79
N LEU B 63 16.16 -32.78 3.61
CA LEU B 63 16.81 -33.37 4.78
C LEU B 63 16.03 -33.16 6.08
N VAL B 64 15.62 -34.26 6.70
CA VAL B 64 14.89 -34.18 7.96
C VAL B 64 15.91 -34.28 9.08
N HIS B 65 16.06 -33.19 9.81
CA HIS B 65 17.01 -33.07 10.91
C HIS B 65 16.30 -32.62 12.18
N ASN B 66 16.31 -33.50 13.20
CA ASN B 66 15.66 -33.26 14.50
C ASN B 66 14.15 -33.21 14.35
N GLY B 67 13.67 -33.47 13.14
CA GLY B 67 12.25 -33.39 12.84
C GLY B 67 11.96 -32.12 12.05
N LYS B 68 13.01 -31.55 11.47
CA LYS B 68 12.89 -30.33 10.68
C LYS B 68 13.45 -30.57 9.28
N PRO B 69 12.56 -30.58 8.27
CA PRO B 69 12.91 -30.87 6.87
C PRO B 69 13.37 -29.67 6.03
N VAL B 70 14.54 -29.84 5.42
CA VAL B 70 15.15 -28.79 4.61
C VAL B 70 15.23 -29.22 3.15
N CYS B 71 14.35 -28.67 2.33
CA CYS B 71 14.34 -28.98 0.91
C CYS B 71 15.35 -28.17 0.12
N GLU B 72 15.55 -28.52 -1.14
CA GLU B 72 16.45 -27.81 -2.06
C GLU B 72 17.91 -28.10 -1.71
N SER B 73 18.72 -28.34 -2.74
CA SER B 73 20.15 -28.57 -2.55
C SER B 73 20.92 -27.35 -2.10
N LEU B 74 20.65 -26.19 -2.71
CA LEU B 74 21.35 -24.98 -2.30
C LEU B 74 20.94 -24.66 -0.87
N ASN B 75 19.65 -24.76 -0.62
CA ASN B 75 19.12 -24.51 0.72
C ASN B 75 19.73 -25.49 1.71
N VAL B 76 19.81 -26.77 1.33
CA VAL B 76 20.39 -27.80 2.20
C VAL B 76 21.91 -27.62 2.45
N VAL B 77 22.68 -27.21 1.44
CA VAL B 77 24.12 -27.00 1.60
C VAL B 77 24.34 -25.81 2.53
N GLN B 78 23.51 -24.79 2.36
CA GLN B 78 23.57 -23.63 3.23
C GLN B 78 23.25 -24.09 4.65
N TYR B 79 22.26 -24.97 4.75
CA TYR B 79 21.83 -25.51 6.03
C TYR B 79 22.93 -26.30 6.73
N VAL B 80 23.59 -27.18 5.97
CA VAL B 80 24.68 -27.99 6.50
C VAL B 80 25.73 -27.04 7.01
N ASP B 81 25.91 -25.97 6.26
CA ASP B 81 26.89 -24.97 6.62
C ASP B 81 26.59 -24.31 7.98
N GLU B 82 25.41 -23.70 8.10
CA GLU B 82 24.99 -23.01 9.34
C GLU B 82 24.65 -23.81 10.60
N ALA B 83 24.00 -24.96 10.45
CA ALA B 83 23.67 -25.77 11.62
C ALA B 83 24.97 -26.29 12.22
N TRP B 84 25.93 -26.56 11.35
CA TRP B 84 27.22 -27.16 11.71
C TRP B 84 28.48 -26.38 11.24
N PRO B 85 28.52 -25.05 11.42
CA PRO B 85 29.70 -24.30 10.94
C PRO B 85 30.84 -24.23 11.94
N GLU B 86 31.51 -25.35 12.20
CA GLU B 86 32.61 -25.33 13.15
C GLU B 86 34.01 -25.72 12.62
N LYS B 87 34.10 -26.34 11.45
CA LYS B 87 35.42 -26.75 10.95
C LYS B 87 35.79 -26.29 9.54
N ASN B 88 35.22 -26.94 8.53
CA ASN B 88 35.47 -26.61 7.12
C ASN B 88 34.39 -25.70 6.52
N PRO B 89 34.38 -24.42 6.92
CA PRO B 89 33.33 -23.50 6.47
C PRO B 89 33.26 -23.33 4.97
N PHE B 90 32.04 -23.39 4.44
CA PHE B 90 31.80 -23.26 3.01
C PHE B 90 32.01 -21.82 2.52
N PHE B 91 31.34 -20.89 3.19
CA PHE B 91 31.39 -19.46 2.84
C PHE B 91 32.61 -18.72 3.36
N PRO B 92 33.02 -17.67 2.64
CA PRO B 92 34.12 -16.80 3.07
C PRO B 92 33.56 -15.91 4.18
N SER B 93 34.39 -15.39 5.05
CA SER B 93 33.91 -14.55 6.15
C SER B 93 33.22 -13.26 5.72
N ASP B 94 33.70 -12.62 4.65
CA ASP B 94 33.12 -11.37 4.17
C ASP B 94 31.78 -11.56 3.49
N PRO B 95 30.85 -10.61 3.71
CA PRO B 95 29.52 -10.69 3.09
C PRO B 95 29.61 -10.68 1.56
N TYR B 96 30.43 -9.81 0.98
CA TYR B 96 30.58 -9.77 -0.48
C TYR B 96 31.14 -11.10 -1.00
N GLY B 97 31.95 -11.76 -0.18
CA GLY B 97 32.49 -13.06 -0.55
C GLY B 97 31.39 -14.11 -0.59
N ARG B 98 30.59 -14.14 0.47
CA ARG B 98 29.47 -15.08 0.57
C ARG B 98 28.61 -14.80 -0.63
N ALA B 99 28.57 -13.53 -0.99
CA ALA B 99 27.82 -13.02 -2.12
C ALA B 99 28.30 -13.63 -3.42
N GLN B 100 29.61 -13.64 -3.61
CA GLN B 100 30.19 -14.19 -4.82
C GLN B 100 29.86 -15.68 -4.93
N ALA B 101 29.98 -16.38 -3.80
CA ALA B 101 29.66 -17.79 -3.78
C ALA B 101 28.19 -17.99 -4.14
N ARG B 102 27.34 -17.15 -3.58
CA ARG B 102 25.90 -17.20 -3.79
C ARG B 102 25.49 -16.95 -5.24
N PHE B 103 26.02 -15.86 -5.78
CA PHE B 103 25.74 -15.40 -7.13
C PHE B 103 26.18 -16.44 -8.16
N TRP B 104 27.36 -17.00 -7.93
CA TRP B 104 27.91 -18.05 -8.80
C TRP B 104 27.17 -19.40 -8.67
N ALA B 105 26.78 -19.76 -7.45
CA ALA B 105 26.04 -20.99 -7.22
C ALA B 105 24.67 -20.88 -7.89
N ASP B 106 24.02 -19.73 -7.70
CA ASP B 106 22.74 -19.49 -8.31
C ASP B 106 22.91 -19.58 -9.82
N PHE B 107 24.11 -19.15 -10.26
CA PHE B 107 24.49 -19.16 -11.66
C PHE B 107 24.61 -20.57 -12.27
N VAL B 108 25.30 -21.50 -11.61
CA VAL B 108 25.37 -22.84 -12.18
C VAL B 108 23.96 -23.39 -12.28
N ASP B 109 23.18 -23.07 -11.26
CA ASP B 109 21.82 -23.55 -11.12
C ASP B 109 20.74 -23.00 -12.03
N LYS B 110 21.01 -21.93 -12.78
CA LYS B 110 19.96 -21.40 -13.63
C LYS B 110 20.25 -21.62 -15.12
N LYS B 111 21.07 -20.77 -15.74
CA LYS B 111 21.37 -20.93 -17.18
C LYS B 111 22.10 -22.23 -17.53
N PHE B 112 23.15 -22.54 -16.77
CA PHE B 112 23.95 -23.74 -17.05
C PHE B 112 23.11 -24.99 -16.97
N THR B 113 22.32 -25.10 -15.90
CA THR B 113 21.49 -26.28 -15.66
C THR B 113 20.47 -26.49 -16.77
N ASP B 114 19.83 -25.41 -17.20
CA ASP B 114 18.86 -25.50 -18.27
C ASP B 114 19.54 -25.97 -19.55
N ALA B 115 20.68 -25.35 -19.89
CA ALA B 115 21.38 -25.74 -21.11
C ALA B 115 21.86 -27.19 -21.14
N GLN B 116 22.43 -27.68 -20.04
CA GLN B 116 22.87 -29.08 -20.01
C GLN B 116 21.65 -29.99 -20.07
N PHE B 117 20.54 -29.47 -19.55
CA PHE B 117 19.29 -30.19 -19.58
C PHE B 117 18.99 -30.40 -21.06
N LYS B 118 19.24 -29.37 -21.87
CA LYS B 118 19.05 -29.50 -23.31
C LYS B 118 20.03 -30.49 -23.94
N VAL B 119 21.27 -30.50 -23.43
CA VAL B 119 22.32 -31.36 -23.98
C VAL B 119 22.10 -32.86 -23.73
N TRP B 120 21.32 -33.24 -22.71
CA TRP B 120 21.07 -34.69 -22.55
C TRP B 120 19.61 -35.11 -22.76
N GLY B 121 18.68 -34.17 -22.66
CA GLY B 121 17.27 -34.52 -22.77
C GLY B 121 16.50 -34.11 -24.03
N LYS B 122 17.18 -33.57 -25.03
CA LYS B 122 16.50 -33.09 -26.24
C LYS B 122 17.14 -33.40 -27.61
N LYS B 123 16.40 -33.04 -28.65
CA LYS B 123 16.75 -33.28 -30.03
C LYS B 123 16.55 -32.05 -30.91
N GLY B 124 17.05 -32.14 -32.14
CA GLY B 124 16.98 -31.10 -33.13
C GLY B 124 17.71 -29.82 -32.77
N GLU B 125 17.00 -28.71 -32.95
CA GLU B 125 17.55 -27.39 -32.71
C GLU B 125 17.93 -27.13 -31.25
N GLU B 126 17.12 -27.66 -30.33
CA GLU B 126 17.42 -27.49 -28.93
C GLU B 126 18.74 -28.17 -28.61
N GLN B 127 19.09 -29.21 -29.35
CA GLN B 127 20.35 -29.86 -29.09
C GLN B 127 21.52 -28.97 -29.53
N GLU B 128 21.46 -28.45 -30.75
CA GLU B 128 22.54 -27.57 -31.22
C GLU B 128 22.63 -26.30 -30.38
N ALA B 129 21.48 -25.71 -30.09
CA ALA B 129 21.49 -24.51 -29.26
C ALA B 129 22.10 -24.89 -27.93
N GLY B 130 21.69 -26.06 -27.43
CA GLY B 130 22.15 -26.50 -26.12
C GLY B 130 23.66 -26.65 -26.07
N LYS B 131 24.27 -27.20 -27.10
CA LYS B 131 25.73 -27.32 -27.06
C LYS B 131 26.41 -25.95 -27.07
N LYS B 132 25.89 -25.04 -27.89
CA LYS B 132 26.50 -23.71 -28.00
C LYS B 132 26.47 -22.96 -26.69
N GLU B 133 25.30 -22.96 -26.06
CA GLU B 133 25.13 -22.31 -24.77
C GLU B 133 26.05 -22.98 -23.77
N PHE B 134 26.30 -24.26 -23.97
CA PHE B 134 27.17 -24.98 -23.06
C PHE B 134 28.57 -24.38 -23.09
N ILE B 135 29.11 -24.18 -24.29
CA ILE B 135 30.44 -23.60 -24.39
C ILE B 135 30.55 -22.17 -23.96
N GLU B 136 29.57 -21.37 -24.37
CA GLU B 136 29.54 -19.94 -24.03
C GLU B 136 29.48 -19.81 -22.53
N ALA B 137 28.63 -20.60 -21.91
CA ALA B 137 28.50 -20.60 -20.47
C ALA B 137 29.81 -21.08 -19.86
N VAL B 138 30.34 -22.16 -20.41
CA VAL B 138 31.55 -22.77 -19.86
C VAL B 138 32.72 -21.79 -19.76
N LYS B 139 32.91 -20.98 -20.79
CA LYS B 139 33.98 -20.00 -20.74
C LYS B 139 33.74 -18.94 -19.63
N ILE B 140 32.48 -18.54 -19.44
CA ILE B 140 32.17 -17.52 -18.44
C ILE B 140 32.49 -17.95 -17.06
N LEU B 141 32.06 -19.13 -16.64
CA LEU B 141 32.38 -19.54 -15.29
C LEU B 141 33.91 -19.59 -15.21
N GLU B 142 34.53 -20.17 -16.24
CA GLU B 142 35.99 -20.27 -16.30
C GLU B 142 36.61 -18.88 -16.29
N SER B 143 35.95 -17.95 -16.95
CA SER B 143 36.42 -16.59 -17.05
C SER B 143 36.41 -15.90 -15.69
N GLU B 144 35.33 -16.04 -14.93
CA GLU B 144 35.34 -15.37 -13.63
C GLU B 144 36.42 -15.97 -12.73
N LEU B 145 36.69 -17.24 -12.92
CA LEU B 145 37.59 -17.92 -12.05
C LEU B 145 38.98 -17.21 -11.88
N GLY B 146 39.44 -16.47 -12.89
CA GLY B 146 40.72 -15.79 -12.73
C GLY B 146 41.58 -17.01 -12.74
N ASP B 147 41.95 -17.44 -11.53
CA ASP B 147 42.65 -18.71 -11.36
C ASP B 147 42.43 -19.19 -9.93
N LYS B 148 41.21 -19.64 -9.60
CA LYS B 148 40.84 -20.07 -8.25
C LYS B 148 40.65 -21.60 -8.11
N PRO B 149 41.39 -22.24 -7.19
CA PRO B 149 41.31 -23.69 -7.11
C PRO B 149 39.93 -24.24 -6.79
N TYR B 150 39.22 -23.54 -5.93
CA TYR B 150 37.88 -23.91 -5.56
C TYR B 150 37.07 -22.66 -5.81
N PHE B 151 35.85 -22.57 -5.32
CA PHE B 151 35.06 -21.39 -5.61
C PHE B 151 34.48 -20.73 -4.35
N GLY B 152 33.81 -21.53 -3.51
CA GLY B 152 33.19 -21.00 -2.31
C GLY B 152 34.10 -20.50 -1.21
N GLY B 153 35.16 -21.25 -0.89
CA GLY B 153 36.07 -20.88 0.18
C GLY B 153 37.47 -21.35 -0.20
N ASP B 154 38.46 -21.21 0.69
CA ASP B 154 39.81 -21.66 0.38
C ASP B 154 39.84 -23.17 0.07
N SER B 155 38.88 -23.91 0.60
CA SER B 155 38.80 -25.32 0.29
C SER B 155 37.45 -25.52 -0.37
N PHE B 156 36.79 -26.64 -0.10
CA PHE B 156 35.50 -26.87 -0.72
C PHE B 156 34.49 -25.78 -0.33
N GLY B 157 33.76 -25.30 -1.33
CA GLY B 157 32.84 -24.18 -1.18
C GLY B 157 31.40 -24.32 -1.64
N TYR B 158 30.59 -23.31 -1.35
CA TYR B 158 29.17 -23.30 -1.66
C TYR B 158 28.84 -23.38 -3.15
N VAL B 159 29.49 -22.54 -3.93
CA VAL B 159 29.36 -22.57 -5.39
C VAL B 159 29.98 -23.86 -5.89
N ASP B 160 31.05 -24.24 -5.22
CA ASP B 160 31.75 -25.46 -5.54
C ASP B 160 30.79 -26.62 -5.37
N ILE B 161 30.07 -26.62 -4.25
CA ILE B 161 29.09 -27.65 -3.96
C ILE B 161 27.99 -27.67 -4.95
N SER B 162 27.62 -26.46 -5.38
CA SER B 162 26.56 -26.30 -6.36
C SER B 162 26.90 -26.93 -7.71
N LEU B 163 28.13 -26.72 -8.19
CA LEU B 163 28.51 -27.25 -9.51
C LEU B 163 29.23 -28.61 -9.56
N ILE B 164 29.73 -29.12 -8.45
CA ILE B 164 30.47 -30.39 -8.48
C ILE B 164 29.78 -31.61 -8.95
N THR B 165 28.51 -31.71 -8.60
CA THR B 165 27.71 -32.87 -8.95
C THR B 165 27.62 -33.01 -10.46
N PHE B 166 27.75 -31.86 -11.13
CA PHE B 166 27.73 -31.79 -12.59
C PHE B 166 28.99 -32.46 -13.16
N SER B 167 29.97 -32.71 -12.29
CA SER B 167 31.20 -33.39 -12.71
C SER B 167 30.82 -34.75 -13.25
N SER B 168 29.82 -35.36 -12.63
CA SER B 168 29.35 -36.66 -13.06
C SER B 168 28.83 -36.52 -14.49
N TRP B 169 28.11 -35.44 -14.74
CA TRP B 169 27.50 -35.18 -16.06
C TRP B 169 28.45 -34.71 -17.14
N PHE B 170 29.70 -34.43 -16.78
CA PHE B 170 30.65 -34.01 -17.80
C PHE B 170 30.91 -35.13 -18.82
N GLN B 171 30.93 -36.39 -18.39
CA GLN B 171 31.14 -37.51 -19.31
C GLN B 171 29.96 -37.61 -20.30
N ALA B 172 28.76 -37.44 -19.77
CA ALA B 172 27.57 -37.50 -20.58
C ALA B 172 27.59 -36.40 -21.62
N TYR B 173 27.93 -35.19 -21.21
CA TYR B 173 28.03 -34.07 -22.15
C TYR B 173 29.15 -34.34 -23.14
N GLU B 174 30.15 -35.08 -22.67
CA GLU B 174 31.34 -35.44 -23.41
C GLU B 174 30.98 -36.23 -24.66
N LYS B 175 30.07 -37.18 -24.52
CA LYS B 175 29.69 -37.95 -25.71
C LYS B 175 28.37 -37.52 -26.36
N PHE B 176 27.34 -37.38 -25.54
CA PHE B 176 25.99 -37.00 -25.97
C PHE B 176 25.96 -35.60 -26.55
N GLY B 177 26.74 -34.71 -25.96
CA GLY B 177 26.81 -33.34 -26.45
C GLY B 177 27.75 -33.24 -27.62
N ASN B 178 28.40 -34.36 -27.92
CA ASN B 178 29.34 -34.46 -29.04
C ASN B 178 30.40 -33.38 -28.90
N PHE B 179 30.75 -33.09 -27.66
CA PHE B 179 31.69 -32.03 -27.36
C PHE B 179 32.76 -32.47 -26.37
N SER B 180 33.81 -31.68 -26.27
CA SER B 180 34.84 -31.95 -25.28
C SER B 180 34.87 -30.72 -24.40
N ILE B 181 34.48 -30.90 -23.14
CA ILE B 181 34.50 -29.79 -22.21
C ILE B 181 35.89 -29.54 -21.75
N GLU B 182 36.75 -30.52 -22.02
CA GLU B 182 38.13 -30.48 -21.58
C GLU B 182 39.10 -29.99 -22.65
N SER B 183 38.92 -30.37 -23.90
CA SER B 183 39.83 -29.90 -24.93
C SER B 183 39.74 -28.37 -25.07
N GLU B 184 38.52 -27.85 -24.95
CA GLU B 184 38.28 -26.42 -25.03
C GLU B 184 38.38 -25.75 -23.67
N SER B 185 38.17 -26.52 -22.62
CA SER B 185 38.22 -26.00 -21.26
C SER B 185 38.63 -27.06 -20.26
N PRO B 186 39.90 -27.50 -20.32
CA PRO B 186 40.37 -28.58 -19.44
C PRO B 186 40.08 -28.20 -18.01
N LYS B 187 40.04 -26.88 -17.84
CA LYS B 187 39.93 -26.18 -16.59
C LYS B 187 38.76 -26.59 -15.67
N LEU B 188 37.54 -26.62 -16.21
CA LEU B 188 36.35 -26.95 -15.43
C LEU B 188 36.26 -28.41 -14.98
N ILE B 189 36.29 -29.33 -15.96
CA ILE B 189 36.23 -30.75 -15.67
C ILE B 189 37.36 -31.21 -14.82
N ALA B 190 38.52 -30.65 -15.12
CA ALA B 190 39.72 -30.94 -14.35
C ALA B 190 39.57 -30.42 -12.93
N TRP B 191 38.88 -29.28 -12.80
CA TRP B 191 38.67 -28.67 -11.50
C TRP B 191 37.92 -29.75 -10.74
N ALA B 192 36.94 -30.35 -11.43
CA ALA B 192 36.15 -31.42 -10.84
C ALA B 192 37.01 -32.61 -10.45
N LYS B 193 38.01 -32.92 -11.27
CA LYS B 193 38.93 -34.05 -11.03
C LYS B 193 39.72 -33.83 -9.74
N ARG B 194 40.15 -32.59 -9.53
CA ARG B 194 40.86 -32.20 -8.31
C ARG B 194 39.88 -32.39 -7.17
N CYS B 195 38.63 -31.99 -7.41
CA CYS B 195 37.58 -32.09 -6.40
C CYS B 195 37.18 -33.55 -6.15
N MET B 196 37.70 -34.45 -6.99
CA MET B 196 37.41 -35.88 -6.90
C MET B 196 38.40 -36.62 -6.01
N GLU B 197 39.31 -35.88 -5.39
CA GLU B 197 40.27 -36.50 -4.48
C GLU B 197 39.70 -36.52 -3.07
N LYS B 198 38.89 -35.51 -2.75
CA LYS B 198 38.23 -35.44 -1.45
C LYS B 198 37.20 -36.57 -1.37
N GLU B 199 37.01 -37.14 -0.18
CA GLU B 199 36.07 -38.25 -0.01
C GLU B 199 34.64 -37.92 -0.38
N SER B 200 34.26 -36.65 -0.17
CA SER B 200 32.89 -36.23 -0.39
C SER B 200 32.42 -36.50 -1.81
N VAL B 201 33.22 -36.12 -2.80
CA VAL B 201 32.85 -36.37 -4.19
C VAL B 201 33.32 -37.78 -4.58
N SER B 202 34.19 -38.34 -3.75
CA SER B 202 34.70 -39.68 -4.00
C SER B 202 33.55 -40.67 -3.98
N LYS B 203 32.69 -40.55 -2.98
CA LYS B 203 31.54 -41.45 -2.90
C LYS B 203 30.19 -40.80 -3.19
N SER B 204 30.10 -39.48 -3.16
CA SER B 204 28.79 -38.86 -3.41
C SER B 204 28.26 -39.07 -4.81
N LEU B 205 29.04 -38.74 -5.82
CA LEU B 205 28.55 -38.82 -7.19
C LEU B 205 28.59 -40.22 -7.77
N PRO B 206 27.43 -40.71 -8.21
CA PRO B 206 27.34 -42.06 -8.79
C PRO B 206 28.21 -42.13 -10.04
N ASP B 207 28.53 -43.35 -10.46
CA ASP B 207 29.48 -43.57 -11.54
C ASP B 207 29.13 -42.81 -12.82
N SER B 208 30.16 -42.26 -13.45
CA SER B 208 29.99 -41.47 -14.66
C SER B 208 29.26 -42.29 -15.71
N GLU B 209 29.66 -43.54 -15.84
CA GLU B 209 29.02 -44.42 -16.81
C GLU B 209 27.54 -44.64 -16.46
N LYS B 210 27.21 -44.85 -15.19
CA LYS B 210 25.81 -45.07 -14.85
C LYS B 210 24.96 -43.84 -15.23
N ILE B 211 25.46 -42.65 -14.90
CA ILE B 211 24.73 -41.44 -15.20
C ILE B 211 24.51 -41.26 -16.67
N VAL B 212 25.54 -41.56 -17.46
CA VAL B 212 25.39 -41.41 -18.90
C VAL B 212 24.37 -42.41 -19.49
N ALA B 213 24.43 -43.68 -19.06
CA ALA B 213 23.51 -44.67 -19.60
C ALA B 213 22.06 -44.36 -19.26
N TYR B 214 21.78 -44.06 -17.99
CA TYR B 214 20.40 -43.74 -17.64
C TYR B 214 19.97 -42.47 -18.39
N ALA B 215 20.91 -41.56 -18.65
CA ALA B 215 20.56 -40.35 -19.38
C ALA B 215 20.06 -40.72 -20.78
N ALA B 216 20.81 -41.61 -21.44
CA ALA B 216 20.41 -42.07 -22.76
C ALA B 216 19.04 -42.73 -22.65
N GLU B 217 18.84 -43.42 -21.54
CA GLU B 217 17.57 -44.09 -21.28
C GLU B 217 16.41 -43.11 -21.17
N TYR B 218 16.69 -41.96 -20.56
CA TYR B 218 15.68 -40.91 -20.43
C TYR B 218 15.32 -40.50 -21.82
N ARG B 219 16.31 -40.50 -22.71
CA ARG B 219 16.03 -40.17 -24.10
C ARG B 219 15.14 -41.24 -24.74
N LYS B 220 15.39 -42.50 -24.41
CA LYS B 220 14.61 -43.61 -24.95
C LYS B 220 13.12 -43.56 -24.52
N ASN B 221 12.88 -43.28 -23.24
CA ASN B 221 11.51 -43.30 -22.70
C ASN B 221 10.47 -42.26 -23.17
N ASN B 222 10.89 -41.10 -23.68
CA ASN B 222 9.91 -40.14 -24.16
C ASN B 222 10.35 -39.50 -25.47
N LEU B 223 9.40 -39.32 -26.38
CA LEU B 223 9.70 -38.78 -27.71
C LEU B 223 8.84 -37.58 -28.06
N LEU C 10 27.91 6.32 -0.31
CA LEU C 10 26.49 6.09 -0.50
C LEU C 10 26.22 4.96 -1.49
N PRO C 11 25.23 4.12 -1.19
CA PRO C 11 24.83 2.98 -2.03
C PRO C 11 24.05 3.44 -3.24
N ILE C 12 24.24 2.81 -4.39
CA ILE C 12 23.44 3.21 -5.55
C ILE C 12 22.66 2.09 -6.18
N LEU C 13 21.38 2.35 -6.44
CA LEU C 13 20.52 1.30 -7.00
C LEU C 13 20.00 1.52 -8.40
N LEU C 14 20.23 0.52 -9.24
CA LEU C 14 19.71 0.57 -10.59
C LEU C 14 18.36 -0.12 -10.47
N ASP C 15 17.31 0.65 -10.76
CA ASP C 15 15.91 0.23 -10.60
C ASP C 15 14.95 0.53 -11.77
N TYR C 16 13.91 -0.27 -11.85
CA TYR C 16 12.85 -0.15 -12.85
C TYR C 16 11.56 0.20 -12.12
N TRP C 17 10.80 1.19 -12.62
CA TRP C 17 9.59 1.62 -11.90
C TRP C 17 8.54 0.50 -11.66
N PRO C 18 8.38 -0.46 -12.59
CA PRO C 18 7.41 -1.54 -12.35
C PRO C 18 8.15 -2.82 -11.99
N SER C 19 9.37 -2.73 -11.48
CA SER C 19 10.13 -3.95 -11.19
C SER C 19 9.93 -4.48 -9.78
N MET C 20 9.19 -5.59 -9.69
CA MET C 20 8.94 -6.28 -8.45
C MET C 20 10.29 -6.66 -7.86
N PHE C 21 11.22 -6.99 -8.76
CA PHE C 21 12.58 -7.36 -8.42
C PHE C 21 13.32 -6.16 -7.82
N GLY C 22 13.25 -5.04 -8.55
CA GLY C 22 13.85 -3.81 -8.09
C GLY C 22 13.19 -3.43 -6.79
N MET C 23 11.88 -3.68 -6.70
CA MET C 23 11.13 -3.40 -5.49
C MET C 23 11.59 -4.28 -4.34
N ARG C 24 12.05 -5.48 -4.66
CA ARG C 24 12.54 -6.39 -3.65
C ARG C 24 13.71 -5.65 -3.03
N ALA C 25 14.60 -5.15 -3.90
CA ALA C 25 15.77 -4.42 -3.40
C ALA C 25 15.40 -3.16 -2.59
N ARG C 26 14.52 -2.34 -3.17
CA ARG C 26 14.13 -1.08 -2.54
C ARG C 26 13.46 -1.30 -1.18
N VAL C 27 12.53 -2.25 -1.12
CA VAL C 27 11.83 -2.54 0.11
C VAL C 27 12.86 -2.98 1.14
N ALA C 28 13.79 -3.83 0.72
CA ALA C 28 14.79 -4.32 1.67
C ALA C 28 15.67 -3.20 2.25
N LEU C 29 16.25 -2.39 1.37
CA LEU C 29 17.14 -1.31 1.80
C LEU C 29 16.44 -0.31 2.69
N ARG C 30 15.24 0.09 2.31
CA ARG C 30 14.50 1.05 3.12
C ARG C 30 14.17 0.39 4.45
N GLU C 31 13.94 -0.92 4.40
CA GLU C 31 13.56 -1.68 5.59
C GLU C 31 14.61 -1.67 6.68
N LYS C 32 15.86 -1.95 6.34
CA LYS C 32 16.88 -1.96 7.38
C LYS C 32 17.15 -0.59 8.02
N GLY C 33 17.27 0.46 7.21
CA GLY C 33 17.58 1.78 7.73
C GLY C 33 18.74 2.44 7.02
N VAL C 34 18.67 2.45 5.70
CA VAL C 34 19.73 3.00 4.85
C VAL C 34 19.29 4.11 3.90
N GLU C 35 20.05 5.19 3.86
CA GLU C 35 19.77 6.27 2.91
C GLU C 35 20.54 5.96 1.64
N PHE C 36 19.85 5.98 0.50
CA PHE C 36 20.44 5.57 -0.77
C PHE C 36 19.90 6.33 -1.97
N GLU C 37 20.50 6.08 -3.13
CA GLU C 37 20.06 6.73 -4.36
C GLU C 37 19.52 5.76 -5.40
N TYR C 38 18.45 6.20 -6.05
CA TYR C 38 17.76 5.46 -7.09
C TYR C 38 17.92 6.09 -8.48
N ARG C 39 18.14 5.24 -9.48
CA ARG C 39 18.27 5.70 -10.86
C ARG C 39 17.50 4.79 -11.82
N GLU C 40 16.48 5.35 -12.44
CA GLU C 40 15.59 4.64 -13.34
C GLU C 40 16.29 4.26 -14.63
N GLU C 41 15.92 3.09 -15.15
CA GLU C 41 16.59 2.59 -16.34
C GLU C 41 15.77 2.40 -17.60
N ASP C 42 16.25 3.03 -18.67
CA ASP C 42 15.67 2.86 -19.97
C ASP C 42 16.37 1.58 -20.37
N PHE C 43 15.70 0.44 -20.26
CA PHE C 43 16.36 -0.82 -20.58
C PHE C 43 16.78 -0.87 -22.03
N SER C 44 16.18 0.00 -22.84
CA SER C 44 16.54 0.10 -24.24
C SER C 44 18.03 0.52 -24.27
N ASN C 45 18.39 1.48 -23.42
CA ASN C 45 19.78 1.91 -23.31
C ASN C 45 20.23 1.68 -21.88
N LYS C 46 20.83 0.52 -21.62
CA LYS C 46 21.28 0.24 -20.27
C LYS C 46 22.54 1.04 -19.92
N SER C 47 22.63 1.36 -18.65
CA SER C 47 23.70 2.20 -18.10
C SER C 47 25.11 1.64 -18.12
N PRO C 48 26.10 2.53 -18.28
CA PRO C 48 27.50 2.11 -18.27
C PRO C 48 27.89 1.48 -16.94
N LEU C 49 27.39 2.05 -15.84
CA LEU C 49 27.61 1.47 -14.53
C LEU C 49 26.85 0.15 -14.51
N LEU C 50 25.63 0.14 -15.07
CA LEU C 50 24.83 -1.09 -15.11
C LEU C 50 25.42 -2.16 -16.01
N LEU C 51 25.82 -1.79 -17.22
CA LEU C 51 26.39 -2.76 -18.13
C LEU C 51 27.63 -3.32 -17.43
N GLN C 52 28.35 -2.43 -16.75
CA GLN C 52 29.50 -2.86 -15.98
C GLN C 52 29.11 -3.84 -14.86
N SER C 53 27.96 -3.61 -14.23
CA SER C 53 27.50 -4.48 -13.16
C SER C 53 27.21 -5.89 -13.66
N ASN C 54 26.36 -5.98 -14.67
CA ASN C 54 26.02 -7.25 -15.29
C ASN C 54 26.05 -7.09 -16.81
N PRO C 55 27.22 -7.36 -17.42
CA PRO C 55 27.41 -7.19 -18.87
C PRO C 55 26.47 -8.04 -19.71
N ILE C 56 26.17 -9.25 -19.25
CA ILE C 56 25.32 -10.17 -19.99
C ILE C 56 23.84 -10.15 -19.73
N HIS C 57 23.44 -10.30 -18.47
CA HIS C 57 22.04 -10.24 -18.12
C HIS C 57 21.50 -8.87 -18.43
N LYS C 58 22.28 -7.88 -18.00
CA LYS C 58 21.93 -6.49 -18.13
C LYS C 58 20.64 -6.30 -17.35
N LYS C 59 20.52 -7.04 -16.24
CA LYS C 59 19.31 -7.03 -15.42
C LYS C 59 19.45 -6.58 -13.96
N ILE C 60 18.47 -5.80 -13.55
CA ILE C 60 18.38 -5.23 -12.21
C ILE C 60 17.64 -6.07 -11.20
N PRO C 61 17.54 -5.65 -9.91
CA PRO C 61 18.09 -4.41 -9.34
C PRO C 61 19.55 -4.54 -9.03
N VAL C 62 20.26 -3.42 -9.04
CA VAL C 62 21.68 -3.48 -8.74
C VAL C 62 22.07 -2.56 -7.62
N LEU C 63 22.71 -3.08 -6.59
CA LEU C 63 23.13 -2.22 -5.50
C LEU C 63 24.64 -2.09 -5.51
N VAL C 64 25.16 -0.88 -5.51
CA VAL C 64 26.60 -0.75 -5.51
C VAL C 64 27.05 -0.19 -4.19
N HIS C 65 27.95 -0.96 -3.58
CA HIS C 65 28.55 -0.60 -2.30
C HIS C 65 30.07 -0.72 -2.37
N ASN C 66 30.77 0.34 -1.99
CA ASN C 66 32.23 0.30 -1.92
C ASN C 66 32.83 -0.07 -3.29
N GLY C 67 32.07 0.19 -4.35
CA GLY C 67 32.54 -0.08 -5.69
C GLY C 67 32.25 -1.44 -6.25
N LYS C 68 31.39 -2.17 -5.57
CA LYS C 68 31.06 -3.50 -6.05
C LYS C 68 29.58 -3.62 -6.30
N PRO C 69 29.23 -3.94 -7.56
CA PRO C 69 27.83 -4.12 -7.94
C PRO C 69 27.31 -5.42 -7.38
N VAL C 70 26.16 -5.32 -6.76
CA VAL C 70 25.47 -6.41 -6.11
C VAL C 70 24.27 -6.74 -7.00
N CYS C 71 24.15 -8.02 -7.37
CA CYS C 71 23.14 -8.46 -8.33
C CYS C 71 22.24 -9.61 -7.89
N GLU C 72 21.02 -9.60 -8.42
CA GLU C 72 19.96 -10.62 -8.23
C GLU C 72 19.10 -10.24 -7.04
N SER C 73 17.80 -10.39 -7.18
CA SER C 73 16.84 -9.96 -6.16
C SER C 73 16.96 -10.62 -4.78
N LEU C 74 16.86 -11.94 -4.74
CA LEU C 74 16.99 -12.64 -3.47
C LEU C 74 18.40 -12.42 -2.97
N ASN C 75 19.34 -12.37 -3.90
CA ASN C 75 20.72 -12.14 -3.54
C ASN C 75 20.83 -10.74 -2.95
N VAL C 76 20.20 -9.76 -3.57
CA VAL C 76 20.24 -8.37 -3.09
C VAL C 76 19.67 -8.23 -1.68
N VAL C 77 18.55 -8.91 -1.40
CA VAL C 77 17.96 -8.87 -0.07
C VAL C 77 18.86 -9.58 0.96
N GLN C 78 19.46 -10.71 0.58
CA GLN C 78 20.36 -11.42 1.49
C GLN C 78 21.48 -10.43 1.81
N TYR C 79 21.85 -9.70 0.76
CA TYR C 79 22.86 -8.68 0.83
C TYR C 79 22.41 -7.60 1.80
N VAL C 80 21.11 -7.37 1.84
CA VAL C 80 20.58 -6.36 2.72
C VAL C 80 20.83 -6.81 4.16
N ASP C 81 20.48 -8.05 4.50
CA ASP C 81 20.68 -8.51 5.87
C ASP C 81 22.15 -8.53 6.29
N GLU C 82 22.99 -9.04 5.41
CA GLU C 82 24.43 -9.13 5.63
C GLU C 82 25.20 -7.79 5.67
N ALA C 83 24.68 -6.79 4.96
CA ALA C 83 25.33 -5.47 4.87
C ALA C 83 25.39 -4.65 6.17
N TRP C 84 24.36 -4.73 7.00
CA TRP C 84 24.33 -3.97 8.27
C TRP C 84 23.79 -4.85 9.40
N PRO C 85 24.60 -5.83 9.85
CA PRO C 85 24.13 -6.81 10.83
C PRO C 85 24.08 -6.36 12.30
N GLU C 86 23.25 -5.37 12.63
CA GLU C 86 23.13 -4.93 14.03
C GLU C 86 21.72 -4.52 14.48
N LYS C 87 20.89 -4.04 13.56
CA LYS C 87 19.58 -3.50 13.97
C LYS C 87 18.31 -4.27 13.58
N ASN C 88 18.08 -4.46 12.28
CA ASN C 88 16.89 -5.13 11.80
C ASN C 88 17.25 -6.37 10.98
N PRO C 89 16.88 -7.57 11.47
CA PRO C 89 17.16 -8.84 10.78
C PRO C 89 15.88 -9.38 10.16
N PHE C 90 15.92 -9.83 8.90
CA PHE C 90 14.68 -10.36 8.31
C PHE C 90 14.54 -11.85 8.66
N PHE C 91 15.66 -12.47 9.04
CA PHE C 91 15.73 -13.89 9.39
C PHE C 91 15.64 -14.16 10.88
N PRO C 92 15.16 -15.35 11.23
CA PRO C 92 15.09 -15.82 12.61
C PRO C 92 16.45 -16.35 13.05
N SER C 93 16.64 -16.55 14.35
CA SER C 93 17.92 -17.04 14.86
C SER C 93 18.29 -18.45 14.39
N ASP C 94 17.32 -19.35 14.32
CA ASP C 94 17.55 -20.76 13.94
C ASP C 94 17.93 -20.93 12.46
N PRO C 95 18.73 -21.97 12.16
CA PRO C 95 19.11 -22.30 10.77
C PRO C 95 17.93 -22.79 9.92
N TYR C 96 17.10 -23.63 10.52
CA TYR C 96 15.94 -24.20 9.85
C TYR C 96 14.98 -23.09 9.43
N GLY C 97 14.81 -22.09 10.27
CA GLY C 97 13.92 -20.98 9.96
C GLY C 97 14.39 -20.24 8.72
N ARG C 98 15.71 -20.04 8.65
CA ARG C 98 16.34 -19.40 7.51
C ARG C 98 16.01 -20.25 6.29
N ALA C 99 16.10 -21.56 6.47
CA ALA C 99 15.81 -22.51 5.40
C ALA C 99 14.34 -22.48 4.93
N GLN C 100 13.42 -22.34 5.87
CA GLN C 100 11.99 -22.27 5.56
C GLN C 100 11.71 -21.04 4.74
N ALA C 101 12.28 -19.93 5.20
CA ALA C 101 12.10 -18.65 4.51
C ALA C 101 12.67 -18.68 3.10
N ARG C 102 13.88 -19.21 2.96
CA ARG C 102 14.51 -19.33 1.65
C ARG C 102 13.69 -20.24 0.75
N PHE C 103 13.19 -21.33 1.32
CA PHE C 103 12.38 -22.27 0.58
C PHE C 103 11.16 -21.57 0.02
N TRP C 104 10.49 -20.83 0.88
CA TRP C 104 9.31 -20.10 0.47
C TRP C 104 9.65 -18.99 -0.56
N ALA C 105 10.71 -18.23 -0.36
CA ALA C 105 11.04 -17.20 -1.34
C ALA C 105 11.30 -17.84 -2.69
N ASP C 106 11.94 -19.00 -2.66
CA ASP C 106 12.21 -19.74 -3.88
C ASP C 106 10.86 -20.10 -4.50
N PHE C 107 9.87 -20.36 -3.65
CA PHE C 107 8.51 -20.67 -4.10
C PHE C 107 7.94 -19.46 -4.82
N VAL C 108 8.27 -18.27 -4.30
CA VAL C 108 7.78 -17.01 -4.85
C VAL C 108 8.26 -16.82 -6.28
N ASP C 109 9.48 -17.28 -6.56
CA ASP C 109 10.09 -17.08 -7.86
C ASP C 109 9.82 -18.13 -8.93
N LYS C 110 9.10 -19.19 -8.61
CA LYS C 110 8.87 -20.22 -9.64
C LYS C 110 7.57 -20.09 -10.40
N LYS C 111 6.65 -21.03 -10.16
CA LYS C 111 5.36 -21.01 -10.87
C LYS C 111 4.61 -19.76 -10.55
N PHE C 112 4.91 -19.08 -9.43
CA PHE C 112 4.22 -17.84 -9.02
C PHE C 112 4.49 -16.64 -9.94
N THR C 113 5.76 -16.34 -10.16
CA THR C 113 6.13 -15.22 -11.04
C THR C 113 5.61 -15.56 -12.42
N ASP C 114 5.83 -16.81 -12.82
CA ASP C 114 5.37 -17.26 -14.12
C ASP C 114 3.87 -17.15 -14.20
N ALA C 115 3.17 -17.48 -13.13
CA ALA C 115 1.70 -17.45 -13.11
C ALA C 115 1.13 -16.06 -13.34
N GLN C 116 1.60 -15.08 -12.57
CA GLN C 116 1.11 -13.73 -12.77
C GLN C 116 1.51 -13.30 -14.17
N PHE C 117 2.74 -13.66 -14.54
CA PHE C 117 3.31 -13.34 -15.85
C PHE C 117 2.39 -13.88 -16.92
N LYS C 118 1.79 -15.04 -16.67
CA LYS C 118 0.84 -15.64 -17.58
C LYS C 118 -0.51 -14.90 -17.62
N VAL C 119 -1.05 -14.47 -16.47
CA VAL C 119 -2.35 -13.80 -16.47
C VAL C 119 -2.31 -12.39 -17.08
N TRP C 120 -1.41 -11.52 -16.59
CA TRP C 120 -1.26 -10.21 -17.20
C TRP C 120 -0.59 -10.36 -18.55
N GLY C 121 0.38 -11.26 -18.64
CA GLY C 121 1.12 -11.48 -19.86
C GLY C 121 0.41 -12.04 -21.08
N LYS C 122 -0.35 -13.11 -20.93
CA LYS C 122 -1.00 -13.73 -22.09
C LYS C 122 -2.52 -13.81 -22.01
N LYS C 123 -3.10 -14.51 -22.97
CA LYS C 123 -4.55 -14.66 -23.08
C LYS C 123 -4.99 -16.02 -23.64
N GLY C 124 -6.28 -16.29 -23.57
CA GLY C 124 -6.84 -17.52 -24.10
C GLY C 124 -6.34 -18.82 -23.47
N GLU C 125 -5.78 -19.70 -24.31
CA GLU C 125 -5.31 -21.00 -23.85
C GLU C 125 -4.27 -20.87 -22.74
N GLU C 126 -3.33 -19.94 -22.93
CA GLU C 126 -2.31 -19.67 -21.95
C GLU C 126 -2.90 -19.09 -20.65
N GLN C 127 -3.87 -18.19 -20.86
CA GLN C 127 -4.41 -17.42 -19.75
C GLN C 127 -5.02 -18.27 -18.65
N GLU C 128 -5.99 -19.15 -18.94
CA GLU C 128 -6.62 -19.94 -17.89
C GLU C 128 -5.62 -20.81 -17.13
N ALA C 129 -4.65 -21.37 -17.85
CA ALA C 129 -3.65 -22.23 -17.21
C ALA C 129 -2.95 -21.37 -16.17
N GLY C 130 -2.56 -20.17 -16.58
CA GLY C 130 -1.92 -19.24 -15.66
C GLY C 130 -2.82 -18.85 -14.50
N LYS C 131 -4.12 -18.74 -14.78
CA LYS C 131 -5.12 -18.33 -13.77
C LYS C 131 -5.26 -19.33 -12.67
N LYS C 132 -5.45 -20.60 -13.03
CA LYS C 132 -5.52 -21.64 -12.03
C LYS C 132 -4.16 -21.79 -11.33
N GLU C 133 -3.07 -21.58 -12.07
CA GLU C 133 -1.76 -21.70 -11.44
C GLU C 133 -1.56 -20.65 -10.35
N PHE C 134 -1.87 -19.40 -10.65
CA PHE C 134 -1.77 -18.34 -9.65
C PHE C 134 -2.80 -18.50 -8.53
N ILE C 135 -4.03 -18.92 -8.80
CA ILE C 135 -4.97 -19.13 -7.69
C ILE C 135 -4.52 -20.22 -6.77
N GLU C 136 -4.00 -21.30 -7.37
CA GLU C 136 -3.49 -22.43 -6.61
C GLU C 136 -2.33 -21.94 -5.75
N ALA C 137 -1.44 -21.17 -6.37
CA ALA C 137 -0.26 -20.63 -5.68
C ALA C 137 -0.60 -19.66 -4.52
N VAL C 138 -1.57 -18.77 -4.74
CA VAL C 138 -2.00 -17.84 -3.70
C VAL C 138 -2.59 -18.66 -2.56
N LYS C 139 -3.25 -19.77 -2.90
CA LYS C 139 -3.83 -20.71 -1.91
C LYS C 139 -2.81 -21.49 -1.07
N ILE C 140 -1.78 -22.05 -1.70
CA ILE C 140 -0.75 -22.74 -0.94
C ILE C 140 -0.09 -21.71 -0.06
N LEU C 141 0.03 -20.51 -0.62
CA LEU C 141 0.63 -19.37 0.09
C LEU C 141 -0.23 -19.11 1.32
N GLU C 142 -1.54 -19.23 1.11
CA GLU C 142 -2.54 -19.05 2.14
C GLU C 142 -2.34 -20.07 3.26
N SER C 143 -2.05 -21.30 2.86
CA SER C 143 -1.82 -22.38 3.82
C SER C 143 -0.58 -22.21 4.68
N GLU C 144 0.55 -21.89 4.05
CA GLU C 144 1.79 -21.67 4.79
C GLU C 144 1.66 -20.43 5.67
N LEU C 145 0.94 -19.41 5.19
CA LEU C 145 0.77 -18.19 5.97
C LEU C 145 0.08 -18.55 7.26
N GLY C 146 -1.04 -19.24 7.10
CA GLY C 146 -1.82 -19.76 8.21
C GLY C 146 -2.28 -18.68 9.15
N ASP C 147 -1.32 -18.13 9.89
CA ASP C 147 -1.60 -17.09 10.87
C ASP C 147 -0.66 -15.92 10.96
N LYS C 148 0.59 -16.20 10.62
CA LYS C 148 1.70 -15.27 10.85
C LYS C 148 1.47 -13.87 10.29
N PRO C 149 1.92 -12.86 11.05
CA PRO C 149 1.80 -11.48 10.60
C PRO C 149 2.66 -11.35 9.38
N TYR C 150 3.86 -11.93 9.47
CA TYR C 150 4.83 -11.91 8.41
C TYR C 150 5.48 -13.31 8.29
N PHE C 151 5.64 -13.86 7.09
CA PHE C 151 6.19 -15.23 6.91
C PHE C 151 7.66 -15.39 7.25
N GLY C 152 8.45 -14.34 7.02
CA GLY C 152 9.89 -14.44 7.25
C GLY C 152 10.24 -14.72 8.69
N GLY C 153 9.30 -14.48 9.60
CA GLY C 153 9.52 -14.68 11.01
C GLY C 153 8.42 -14.01 11.81
N ASP C 154 8.69 -13.72 13.07
CA ASP C 154 7.70 -13.05 13.92
C ASP C 154 7.42 -11.60 13.50
N SER C 155 8.41 -10.96 12.88
CA SER C 155 8.27 -9.57 12.44
C SER C 155 8.55 -9.51 10.93
N PHE C 156 8.66 -8.30 10.39
CA PHE C 156 8.90 -8.15 8.96
C PHE C 156 10.16 -8.92 8.61
N GLY C 157 10.05 -9.78 7.60
CA GLY C 157 11.14 -10.65 7.20
C GLY C 157 11.63 -10.59 5.77
N TYR C 158 12.36 -11.64 5.41
CA TYR C 158 12.97 -11.80 4.09
C TYR C 158 11.95 -11.98 3.00
N VAL C 159 11.13 -12.99 3.22
CA VAL C 159 10.09 -13.33 2.29
C VAL C 159 9.08 -12.20 2.18
N ASP C 160 8.80 -11.51 3.30
CA ASP C 160 7.79 -10.46 3.27
C ASP C 160 8.17 -9.47 2.20
N ILE C 161 9.43 -9.07 2.23
CA ILE C 161 9.97 -8.18 1.24
C ILE C 161 9.93 -8.76 -0.13
N SER C 162 10.17 -10.07 -0.17
CA SER C 162 10.21 -10.82 -1.43
C SER C 162 8.90 -10.87 -2.23
N LEU C 163 7.80 -11.11 -1.56
CA LEU C 163 6.52 -11.23 -2.25
C LEU C 163 5.46 -10.17 -1.97
N ILE C 164 5.75 -9.23 -1.08
CA ILE C 164 4.79 -8.17 -0.82
C ILE C 164 4.66 -7.33 -2.03
N THR C 165 5.80 -7.22 -2.72
CA THR C 165 5.94 -6.41 -3.90
C THR C 165 4.99 -6.82 -5.02
N PHE C 166 4.54 -8.07 -5.02
CA PHE C 166 3.64 -8.55 -6.06
C PHE C 166 2.23 -7.96 -5.92
N SER C 167 1.93 -7.40 -4.76
CA SER C 167 0.59 -6.85 -4.47
C SER C 167 0.12 -5.68 -5.32
N SER C 168 1.01 -4.79 -5.71
CA SER C 168 0.60 -3.65 -6.54
C SER C 168 0.02 -4.16 -7.88
N TRP C 169 0.60 -5.24 -8.39
CA TRP C 169 0.16 -5.85 -9.65
C TRP C 169 -1.18 -6.56 -9.54
N PHE C 170 -1.67 -6.69 -8.31
CA PHE C 170 -2.91 -7.42 -8.05
C PHE C 170 -4.04 -6.78 -8.81
N GLN C 171 -4.01 -5.45 -8.92
CA GLN C 171 -5.04 -4.74 -9.65
C GLN C 171 -5.03 -5.24 -11.09
N ALA C 172 -3.83 -5.33 -11.65
CA ALA C 172 -3.65 -5.76 -13.04
C ALA C 172 -4.18 -7.17 -13.24
N TYR C 173 -3.76 -8.07 -12.38
CA TYR C 173 -4.20 -9.45 -12.48
C TYR C 173 -5.70 -9.61 -12.32
N GLU C 174 -6.27 -8.82 -11.42
CA GLU C 174 -7.71 -8.85 -11.18
C GLU C 174 -8.46 -8.40 -12.43
N LYS C 175 -8.04 -7.29 -13.03
CA LYS C 175 -8.70 -6.80 -14.25
C LYS C 175 -8.44 -7.57 -15.57
N PHE C 176 -7.19 -7.91 -15.87
CA PHE C 176 -6.85 -8.59 -17.12
C PHE C 176 -7.50 -9.96 -17.26
N GLY C 177 -7.46 -10.74 -16.19
CA GLY C 177 -8.10 -12.03 -16.19
C GLY C 177 -9.52 -11.90 -15.71
N ASN C 178 -9.93 -10.65 -15.47
CA ASN C 178 -11.26 -10.27 -14.98
C ASN C 178 -11.63 -11.10 -13.77
N PHE C 179 -10.65 -11.33 -12.91
CA PHE C 179 -10.85 -12.11 -11.70
C PHE C 179 -11.14 -11.28 -10.48
N SER C 180 -10.93 -11.92 -9.33
CA SER C 180 -11.06 -11.30 -8.03
C SER C 180 -10.41 -12.30 -7.08
N ILE C 181 -9.08 -12.23 -6.98
CA ILE C 181 -8.35 -13.20 -6.15
C ILE C 181 -8.63 -13.17 -4.69
N GLU C 182 -9.37 -12.15 -4.27
CA GLU C 182 -9.71 -12.01 -2.87
C GLU C 182 -10.66 -13.09 -2.32
N SER C 183 -11.78 -13.38 -2.98
CA SER C 183 -12.73 -14.38 -2.43
C SER C 183 -12.21 -15.80 -2.26
N GLU C 184 -11.49 -16.31 -3.25
CA GLU C 184 -10.93 -17.66 -3.15
C GLU C 184 -9.83 -17.72 -2.09
N SER C 185 -8.98 -16.70 -2.06
CA SER C 185 -7.91 -16.60 -1.06
C SER C 185 -7.76 -15.16 -0.58
N PRO C 186 -8.49 -14.79 0.48
CA PRO C 186 -8.53 -13.45 1.07
C PRO C 186 -7.33 -12.98 1.90
N LYS C 187 -6.79 -13.86 2.73
CA LYS C 187 -5.72 -13.49 3.64
C LYS C 187 -4.45 -13.02 2.95
N LEU C 188 -4.26 -13.42 1.69
CA LEU C 188 -3.05 -13.00 0.98
C LEU C 188 -3.05 -11.53 0.62
N ILE C 189 -4.11 -11.10 -0.05
CA ILE C 189 -4.26 -9.71 -0.38
C ILE C 189 -4.36 -8.89 0.83
N ALA C 190 -5.06 -9.45 1.82
CA ALA C 190 -5.28 -8.75 3.07
C ALA C 190 -3.94 -8.44 3.72
N TRP C 191 -3.15 -9.50 3.90
CA TRP C 191 -1.84 -9.35 4.47
C TRP C 191 -1.00 -8.40 3.59
N ALA C 192 -1.24 -8.41 2.28
CA ALA C 192 -0.45 -7.59 1.38
C ALA C 192 -0.57 -6.09 1.70
N LYS C 193 -1.80 -5.62 1.80
CA LYS C 193 -1.97 -4.22 2.15
C LYS C 193 -1.62 -4.04 3.63
N ARG C 194 -1.51 -5.15 4.37
CA ARG C 194 -1.11 -5.04 5.78
C ARG C 194 0.33 -4.57 5.76
N CYS C 195 1.14 -5.26 4.96
CA CYS C 195 2.55 -4.97 4.80
C CYS C 195 2.78 -3.64 4.14
N MET C 196 1.74 -3.10 3.52
CA MET C 196 1.86 -1.79 2.90
C MET C 196 2.31 -0.77 3.95
N GLU C 197 1.98 -1.05 5.22
CA GLU C 197 2.30 -0.14 6.33
C GLU C 197 3.78 0.14 6.54
N LYS C 198 4.63 -0.83 6.22
CA LYS C 198 6.06 -0.66 6.41
C LYS C 198 6.56 0.48 5.53
N GLU C 199 7.40 1.34 6.12
CA GLU C 199 7.97 2.48 5.40
C GLU C 199 8.87 1.99 4.27
N SER C 200 9.22 0.71 4.34
CA SER C 200 10.03 0.04 3.34
C SER C 200 9.36 -0.08 1.97
N VAL C 201 8.06 -0.34 1.96
CA VAL C 201 7.33 -0.53 0.71
C VAL C 201 6.32 0.61 0.48
N SER C 202 6.16 1.46 1.48
CA SER C 202 5.26 2.59 1.40
C SER C 202 5.68 3.63 0.36
N LYS C 203 6.98 3.74 0.10
CA LYS C 203 7.49 4.75 -0.83
C LYS C 203 8.24 4.19 -2.04
N SER C 204 8.84 3.01 -1.86
CA SER C 204 9.62 2.36 -2.91
C SER C 204 8.79 1.93 -4.11
N LEU C 205 7.56 1.50 -3.86
CA LEU C 205 6.69 1.01 -4.92
C LEU C 205 5.76 2.04 -5.55
N PRO C 206 5.86 2.22 -6.88
CA PRO C 206 5.00 3.14 -7.62
C PRO C 206 3.57 2.62 -7.70
N ASP C 207 2.65 3.50 -8.09
CA ASP C 207 1.23 3.20 -8.11
C ASP C 207 0.75 2.08 -9.03
N SER C 208 -0.33 1.42 -8.60
CA SER C 208 -0.95 0.30 -9.31
C SER C 208 -1.66 0.64 -10.62
N GLU C 209 -2.33 1.79 -10.70
CA GLU C 209 -3.03 2.13 -11.93
C GLU C 209 -2.01 2.24 -13.06
N LYS C 210 -0.86 2.81 -12.74
CA LYS C 210 0.26 2.95 -13.67
C LYS C 210 0.88 1.61 -14.05
N ILE C 211 1.05 0.73 -13.07
CA ILE C 211 1.62 -0.59 -13.33
C ILE C 211 0.70 -1.38 -14.19
N VAL C 212 -0.58 -1.31 -13.85
CA VAL C 212 -1.65 -1.94 -14.62
C VAL C 212 -1.58 -1.33 -16.01
N ALA C 213 -1.34 -0.03 -16.07
CA ALA C 213 -1.24 0.70 -17.35
C ALA C 213 -0.09 0.18 -18.20
N TYR C 214 1.00 -0.20 -17.53
CA TYR C 214 2.17 -0.75 -18.20
C TYR C 214 1.65 -2.03 -18.77
N ALA C 215 0.86 -2.68 -17.95
CA ALA C 215 0.25 -3.92 -18.37
C ALA C 215 -0.67 -3.67 -19.58
N ALA C 216 -1.34 -2.53 -19.61
CA ALA C 216 -2.22 -2.19 -20.74
C ALA C 216 -1.40 -1.98 -22.01
N GLU C 217 -0.27 -1.27 -21.87
CA GLU C 217 0.63 -0.92 -22.97
C GLU C 217 1.34 -2.12 -23.63
N TYR C 218 2.03 -2.95 -22.85
CA TYR C 218 2.64 -4.14 -23.44
C TYR C 218 1.54 -5.03 -23.99
N ARG C 219 0.38 -5.11 -23.34
CA ARG C 219 -0.68 -5.94 -23.92
C ARG C 219 -1.12 -5.34 -25.25
N LYS C 220 -1.10 -4.01 -25.33
CA LYS C 220 -1.50 -3.29 -26.54
C LYS C 220 -0.57 -3.63 -27.70
N ASN C 221 0.73 -3.76 -27.43
CA ASN C 221 1.65 -4.06 -28.51
C ASN C 221 1.55 -5.50 -29.03
N ASN C 222 1.52 -6.46 -28.11
CA ASN C 222 1.52 -7.87 -28.49
C ASN C 222 0.17 -8.57 -28.66
N LEU C 223 -0.59 -8.14 -29.66
CA LEU C 223 -1.88 -8.77 -29.98
C LEU C 223 -1.98 -9.03 -31.49
N THR D 7 -43.84 33.74 3.49
CA THR D 7 -43.40 34.27 2.20
C THR D 7 -42.27 35.26 2.42
N PHE D 8 -41.47 35.52 1.38
CA PHE D 8 -40.32 36.39 1.54
C PHE D 8 -40.38 37.81 0.97
N ASP D 9 -40.10 38.77 1.85
CA ASP D 9 -39.92 40.18 1.53
C ASP D 9 -38.93 40.65 2.58
N MET D 10 -37.84 41.28 2.16
CA MET D 10 -36.77 41.67 3.09
C MET D 10 -37.12 42.64 4.22
N ASN D 11 -37.78 43.74 3.89
CA ASN D 11 -38.10 44.75 4.89
C ASN D 11 -38.98 44.24 6.01
N ARG D 12 -40.05 43.52 5.65
CA ARG D 12 -40.95 42.95 6.64
C ARG D 12 -40.32 41.86 7.49
N VAL D 13 -39.58 40.93 6.88
CA VAL D 13 -38.98 39.88 7.68
C VAL D 13 -38.01 40.53 8.68
N ILE D 14 -37.17 41.46 8.22
CA ILE D 14 -36.25 42.09 9.14
C ILE D 14 -36.91 42.93 10.19
N ASP D 15 -38.00 43.63 9.87
CA ASP D 15 -38.67 44.47 10.87
C ASP D 15 -39.25 43.54 11.95
N GLU D 16 -39.81 42.39 11.54
CA GLU D 16 -40.33 41.43 12.53
C GLU D 16 -39.15 41.01 13.41
N PHE D 17 -37.99 40.83 12.78
CA PHE D 17 -36.76 40.44 13.47
C PHE D 17 -36.26 41.52 14.46
N ASP D 18 -36.33 42.79 14.09
CA ASP D 18 -35.89 43.85 14.98
C ASP D 18 -36.80 43.77 16.19
N GLU D 19 -38.08 43.51 15.91
CA GLU D 19 -39.06 43.40 16.98
C GLU D 19 -38.69 42.26 17.92
N MET D 20 -38.33 41.10 17.37
CA MET D 20 -37.99 39.94 18.21
C MET D 20 -36.72 40.16 19.03
N THR D 21 -35.69 40.78 18.45
CA THR D 21 -34.45 41.00 19.17
C THR D 21 -34.72 41.89 20.36
N ARG D 22 -35.46 42.97 20.09
CA ARG D 22 -35.85 43.87 21.16
C ARG D 22 -36.88 43.18 22.06
N ASN D 23 -37.52 42.14 21.52
CA ASN D 23 -38.52 41.35 22.23
C ASN D 23 -37.80 40.17 22.85
N ALA D 24 -36.49 40.29 23.08
CA ALA D 24 -35.70 39.14 23.49
C ALA D 24 -36.21 38.42 24.72
N HIS D 25 -36.49 39.16 25.78
CA HIS D 25 -37.01 38.58 27.00
C HIS D 25 -38.48 38.10 26.97
N GLN D 26 -39.38 38.90 26.39
CA GLN D 26 -40.80 38.51 26.28
C GLN D 26 -40.80 37.21 25.44
N VAL D 27 -40.03 37.26 24.36
CA VAL D 27 -39.94 36.14 23.44
C VAL D 27 -39.33 34.90 24.10
N GLN D 28 -38.22 35.05 24.83
CA GLN D 28 -37.58 33.91 25.49
C GLN D 28 -38.48 33.33 26.59
N LYS D 29 -39.20 34.20 27.29
CA LYS D 29 -40.12 33.78 28.35
C LYS D 29 -41.39 33.08 27.87
N GLN D 30 -42.06 33.66 26.87
CA GLN D 30 -43.22 32.98 26.31
C GLN D 30 -42.72 31.73 25.62
N THR D 31 -41.54 31.81 25.00
CA THR D 31 -40.96 30.65 24.35
C THR D 31 -40.75 29.59 25.42
N LEU D 32 -40.42 30.02 26.64
CA LEU D 32 -40.26 29.10 27.75
C LEU D 32 -41.57 28.39 27.95
N LYS D 33 -42.61 29.23 28.04
CA LYS D 33 -43.95 28.77 28.32
C LYS D 33 -44.41 27.76 27.29
N GLU D 34 -44.19 28.06 26.01
CA GLU D 34 -44.54 27.14 24.93
C GLU D 34 -43.66 25.88 24.89
N ILE D 35 -42.38 25.99 25.27
CA ILE D 35 -41.52 24.82 25.25
C ILE D 35 -42.09 23.82 26.18
N LEU D 36 -42.32 24.26 27.42
CA LEU D 36 -42.93 23.40 28.43
C LEU D 36 -44.42 23.09 28.09
N LEU D 37 -45.10 23.98 27.39
CA LEU D 37 -46.51 23.80 27.03
C LEU D 37 -46.68 22.62 26.13
N LYS D 38 -45.73 22.47 25.25
CA LYS D 38 -45.70 21.34 24.39
C LYS D 38 -44.88 20.28 25.11
N ASN D 39 -44.27 20.64 26.25
CA ASN D 39 -43.48 19.67 27.02
C ASN D 39 -43.63 19.65 28.55
N GLN D 40 -44.88 19.66 29.01
CA GLN D 40 -45.25 19.67 30.43
C GLN D 40 -45.38 18.26 31.00
N SER D 41 -45.30 17.25 30.14
CA SER D 41 -45.49 15.87 30.58
C SER D 41 -44.23 15.03 30.57
N ALA D 42 -43.08 15.66 30.40
CA ALA D 42 -41.81 14.91 30.38
C ALA D 42 -41.49 14.33 31.76
N ILE D 43 -41.02 13.09 31.76
CA ILE D 43 -40.68 12.38 33.00
C ILE D 43 -39.54 12.93 33.74
N TYR D 44 -38.67 13.63 33.01
CA TYR D 44 -37.49 14.27 33.57
C TYR D 44 -38.01 15.29 34.59
N LEU D 45 -39.00 16.04 34.12
CA LEU D 45 -39.70 17.06 34.90
C LEU D 45 -40.42 16.44 36.10
N GLN D 46 -41.00 15.24 35.91
CA GLN D 46 -41.71 14.59 37.01
C GLN D 46 -40.77 14.26 38.14
N ASN D 47 -39.60 13.73 37.76
CA ASN D 47 -38.60 13.38 38.74
C ASN D 47 -38.35 14.69 39.46
N CYS D 48 -38.20 15.75 38.67
CA CYS D 48 -38.02 17.07 39.23
C CYS D 48 -39.31 17.58 39.93
N GLY D 49 -40.49 17.30 39.36
CA GLY D 49 -41.73 17.74 39.98
C GLY D 49 -42.49 18.91 39.35
N LEU D 50 -42.19 19.21 38.09
CA LEU D 50 -42.83 20.32 37.41
C LEU D 50 -44.30 20.02 37.00
N ASN D 51 -45.22 20.96 37.23
CA ASN D 51 -46.64 20.75 36.89
C ASN D 51 -47.29 21.77 35.93
N GLY D 52 -46.61 22.88 35.67
CA GLY D 52 -47.07 23.94 34.78
C GLY D 52 -47.76 25.15 35.41
N ASN D 53 -48.06 26.14 34.57
CA ASN D 53 -48.70 27.40 34.99
C ASN D 53 -47.86 28.07 36.07
N ALA D 54 -48.51 28.46 37.16
CA ALA D 54 -47.90 29.14 38.29
C ALA D 54 -47.52 30.57 37.91
N THR D 55 -46.94 31.28 38.87
CA THR D 55 -46.47 32.64 38.62
C THR D 55 -44.96 32.62 38.84
N ASP D 56 -44.44 31.44 39.16
CA ASP D 56 -43.01 31.25 39.39
C ASP D 56 -42.38 30.21 38.42
N PRO D 57 -42.83 30.16 37.15
CA PRO D 57 -42.33 29.11 36.25
C PRO D 57 -40.82 29.12 35.97
N GLU D 58 -40.25 30.30 35.69
CA GLU D 58 -38.83 30.38 35.38
C GLU D 58 -37.98 29.94 36.56
N GLU D 59 -38.32 30.44 37.75
CA GLU D 59 -37.59 30.08 38.95
C GLU D 59 -37.72 28.59 39.19
N ALA D 60 -38.90 28.07 38.87
CA ALA D 60 -39.17 26.66 39.05
C ALA D 60 -38.16 25.88 38.21
N PHE D 61 -37.93 26.38 36.99
CA PHE D 61 -36.96 25.76 36.11
C PHE D 61 -35.52 25.84 36.63
N LYS D 62 -35.09 27.02 37.08
CA LYS D 62 -33.70 27.16 37.55
C LYS D 62 -33.46 26.59 38.93
N SER D 63 -34.51 26.15 39.63
CA SER D 63 -34.34 25.64 40.97
C SER D 63 -34.58 24.16 41.13
N MET D 64 -35.75 23.71 40.69
CA MET D 64 -36.14 22.31 40.80
C MET D 64 -35.37 21.33 39.94
N VAL D 65 -35.07 21.71 38.69
CA VAL D 65 -34.42 20.81 37.77
C VAL D 65 -32.90 20.96 37.61
N PRO D 66 -32.16 19.89 37.99
CA PRO D 66 -30.70 19.85 37.88
C PRO D 66 -30.27 19.89 36.42
N LEU D 67 -29.02 20.28 36.18
CA LEU D 67 -28.50 20.34 34.82
C LEU D 67 -28.27 18.92 34.30
N VAL D 68 -28.25 18.77 32.97
CA VAL D 68 -28.09 17.42 32.41
C VAL D 68 -26.73 17.26 31.72
N THR D 69 -26.34 16.00 31.50
CA THR D 69 -25.07 15.62 30.88
C THR D 69 -25.36 14.58 29.82
N ASP D 70 -24.44 14.43 28.87
CA ASP D 70 -24.63 13.46 27.80
C ASP D 70 -24.73 12.04 28.34
N VAL D 71 -24.01 11.78 29.42
CA VAL D 71 -23.94 10.46 30.05
C VAL D 71 -25.28 9.97 30.60
N GLU D 72 -26.01 10.85 31.29
CA GLU D 72 -27.32 10.51 31.82
C GLU D 72 -28.39 10.62 30.73
N LEU D 73 -28.08 11.38 29.69
CA LEU D 73 -28.97 11.55 28.53
C LEU D 73 -29.07 10.30 27.68
N GLU D 74 -27.94 9.63 27.48
CA GLU D 74 -27.86 8.48 26.57
C GLU D 74 -28.87 7.35 26.85
N PRO D 75 -29.16 7.05 28.14
CA PRO D 75 -30.09 5.94 28.38
C PRO D 75 -31.46 6.13 27.73
N TYR D 76 -32.06 7.29 27.95
CA TYR D 76 -33.38 7.53 27.42
C TYR D 76 -33.51 7.53 25.89
N ILE D 77 -32.65 8.28 25.21
CA ILE D 77 -32.73 8.29 23.77
C ILE D 77 -32.48 6.89 23.28
N LYS D 78 -31.63 6.17 24.03
CA LYS D 78 -31.33 4.78 23.67
C LYS D 78 -32.61 3.96 23.73
N ARG D 79 -33.45 4.25 24.71
CA ARG D 79 -34.72 3.55 24.84
C ARG D 79 -35.49 3.77 23.57
N MET D 80 -35.50 5.01 23.11
CA MET D 80 -36.25 5.33 21.89
C MET D 80 -35.79 4.67 20.58
N VAL D 81 -34.50 4.52 20.38
CA VAL D 81 -33.98 3.97 19.13
C VAL D 81 -34.01 2.46 18.75
N ASP D 82 -33.52 1.60 19.63
CA ASP D 82 -33.42 0.17 19.33
C ASP D 82 -34.58 -0.78 19.67
N GLY D 83 -35.69 -0.64 18.96
CA GLY D 83 -36.83 -1.53 19.14
C GLY D 83 -37.92 -1.05 20.08
N ASP D 84 -37.56 -0.13 20.96
CA ASP D 84 -38.55 0.48 21.82
C ASP D 84 -38.71 1.82 21.18
N THR D 85 -39.91 2.14 20.70
CA THR D 85 -40.11 3.41 20.03
C THR D 85 -40.49 4.47 21.05
N SER D 86 -40.28 4.14 22.33
CA SER D 86 -40.66 4.98 23.45
C SER D 86 -39.86 6.27 23.67
N PRO D 87 -40.58 7.35 24.01
CA PRO D 87 -40.18 8.70 24.38
C PRO D 87 -39.68 8.94 25.78
N ILE D 88 -38.92 10.03 25.83
CA ILE D 88 -38.11 10.39 26.95
C ILE D 88 -38.04 11.78 27.48
N LEU D 89 -36.82 12.29 27.56
CA LEU D 89 -36.55 13.62 28.11
C LEU D 89 -37.25 14.71 27.30
N THR D 90 -37.45 14.49 26.01
CA THR D 90 -38.16 15.47 25.20
C THR D 90 -39.58 15.01 25.36
N GLY D 91 -40.01 14.31 24.33
CA GLY D 91 -41.32 13.76 24.26
C GLY D 91 -41.48 12.79 23.13
N HIS D 92 -42.38 13.16 22.22
CA HIS D 92 -42.80 12.32 21.13
C HIS D 92 -41.60 11.72 20.43
N PRO D 93 -41.72 10.45 19.99
CA PRO D 93 -40.60 9.78 19.34
C PRO D 93 -40.32 10.56 18.10
N VAL D 94 -39.10 11.06 18.08
CA VAL D 94 -38.61 11.91 17.04
C VAL D 94 -38.27 11.21 15.73
N PRO D 95 -38.49 11.92 14.63
CA PRO D 95 -38.23 11.42 13.28
C PRO D 95 -36.77 11.04 13.08
N ALA D 96 -35.86 11.73 13.75
CA ALA D 96 -34.43 11.47 13.61
C ALA D 96 -33.64 11.86 14.86
N ILE D 97 -32.41 11.36 14.99
CA ILE D 97 -31.59 11.68 16.15
C ILE D 97 -30.26 12.23 15.73
N SER D 98 -29.55 12.93 16.63
CA SER D 98 -28.26 13.56 16.31
C SER D 98 -27.11 13.20 17.22
N LEU D 99 -25.90 13.41 16.70
CA LEU D 99 -24.66 13.16 17.41
C LEU D 99 -23.95 14.49 17.60
N SER D 100 -23.27 14.62 18.74
CA SER D 100 -22.54 15.83 19.07
C SER D 100 -21.06 15.55 19.07
N SER D 101 -20.27 16.53 18.64
CA SER D 101 -18.83 16.40 18.62
C SER D 101 -18.38 16.26 20.05
N GLY D 102 -17.21 15.67 20.25
CA GLY D 102 -16.81 15.36 21.59
C GLY D 102 -17.58 14.06 21.75
N THR D 103 -17.75 13.57 22.97
CA THR D 103 -18.42 12.28 23.17
C THR D 103 -19.10 12.10 24.52
N SER D 104 -19.93 11.07 24.60
CA SER D 104 -20.61 10.76 25.85
C SER D 104 -19.63 9.94 26.67
N GLN D 105 -18.63 10.60 27.27
CA GLN D 105 -17.58 9.87 27.99
C GLN D 105 -16.87 8.99 26.97
N GLY D 106 -16.59 9.53 25.79
CA GLY D 106 -15.94 8.76 24.74
C GLY D 106 -16.98 7.87 24.05
N ARG D 107 -18.15 7.76 24.65
CA ARG D 107 -19.22 6.97 24.07
C ARG D 107 -20.11 7.79 23.15
N PRO D 108 -20.89 7.07 22.33
CA PRO D 108 -21.84 7.69 21.43
C PRO D 108 -22.94 8.46 22.15
N LYS D 109 -23.26 9.68 21.71
CA LYS D 109 -24.29 10.49 22.35
C LYS D 109 -25.48 10.77 21.42
N PHE D 110 -26.68 10.55 21.93
CA PHE D 110 -27.93 10.68 21.19
C PHE D 110 -28.83 11.84 21.60
N ILE D 111 -29.44 12.49 20.61
CA ILE D 111 -30.42 13.56 20.86
C ILE D 111 -31.48 13.67 19.79
N PRO D 112 -32.73 13.91 20.20
CA PRO D 112 -33.93 13.98 19.35
C PRO D 112 -34.09 15.11 18.29
N PHE D 113 -35.10 14.91 17.43
CA PHE D 113 -35.46 15.80 16.32
C PHE D 113 -36.92 16.22 16.35
N THR D 114 -37.25 17.27 15.62
CA THR D 114 -38.63 17.71 15.52
C THR D 114 -38.86 18.58 14.30
N ASP D 115 -40.07 18.54 13.74
CA ASP D 115 -40.39 19.33 12.56
C ASP D 115 -40.13 20.83 12.84
N GLU D 116 -40.30 21.23 14.09
CA GLU D 116 -40.04 22.62 14.43
C GLU D 116 -38.57 22.95 14.23
N LEU D 117 -37.68 21.96 14.28
CA LEU D 117 -36.27 22.27 14.10
C LEU D 117 -36.20 22.93 12.73
N MET D 118 -37.03 22.39 11.84
CA MET D 118 -37.21 22.98 10.53
C MET D 118 -37.93 24.32 10.65
N GLU D 119 -38.86 24.47 11.58
CA GLU D 119 -39.55 25.76 11.67
C GLU D 119 -38.55 26.90 12.00
N ASN D 120 -37.65 26.59 12.92
CA ASN D 120 -36.59 27.48 13.39
C ASN D 120 -35.63 27.72 12.23
N THR D 121 -35.35 26.63 11.54
CA THR D 121 -34.44 26.65 10.40
C THR D 121 -34.94 27.45 9.21
N LEU D 122 -36.17 27.21 8.78
CA LEU D 122 -36.74 27.88 7.63
C LEU D 122 -36.85 29.37 7.92
N GLN D 123 -37.27 29.71 9.14
CA GLN D 123 -37.38 31.14 9.46
C GLN D 123 -35.99 31.79 9.47
N LEU D 124 -35.01 31.07 10.01
CA LEU D 124 -33.65 31.59 10.06
C LEU D 124 -33.17 31.82 8.67
N PHE D 125 -33.45 30.87 7.80
CA PHE D 125 -33.04 30.96 6.42
C PHE D 125 -33.65 32.09 5.62
N ARG D 126 -34.95 32.29 5.82
CA ARG D 126 -35.69 33.33 5.15
C ARG D 126 -35.14 34.71 5.55
N THR D 127 -35.03 34.89 6.88
CA THR D 127 -34.52 36.16 7.39
C THR D 127 -33.07 36.37 6.98
N ALA D 128 -32.29 35.29 7.04
CA ALA D 128 -30.86 35.35 6.76
C ALA D 128 -30.57 35.78 5.33
N PHE D 129 -31.17 35.08 4.37
CA PHE D 129 -30.93 35.48 2.99
C PHE D 129 -31.46 36.89 2.83
N ALA D 130 -32.44 37.29 3.64
CA ALA D 130 -32.90 38.66 3.52
C ALA D 130 -31.82 39.69 3.90
N PHE D 131 -31.23 39.57 5.09
CA PHE D 131 -30.19 40.54 5.46
C PHE D 131 -29.00 40.44 4.49
N ARG D 132 -28.61 39.23 4.09
CA ARG D 132 -27.50 39.11 3.16
C ARG D 132 -27.78 39.76 1.81
N ASN D 133 -28.97 39.57 1.26
CA ASN D 133 -29.28 40.23 -0.01
C ASN D 133 -29.32 41.74 0.15
N ARG D 134 -29.72 42.20 1.33
CA ARG D 134 -29.71 43.64 1.53
C ARG D 134 -28.25 44.06 1.41
N ASP D 135 -27.37 43.32 2.09
CA ASP D 135 -25.94 43.58 2.03
C ASP D 135 -25.26 43.08 0.73
N PHE D 136 -25.63 41.88 0.25
CA PHE D 136 -25.09 41.28 -0.99
C PHE D 136 -26.23 40.81 -1.91
N PRO D 137 -26.75 41.74 -2.73
CA PRO D 137 -27.91 41.52 -3.62
C PRO D 137 -27.74 40.44 -4.69
N ILE D 138 -28.86 39.84 -5.08
CA ILE D 138 -28.86 38.80 -6.10
C ILE D 138 -29.93 38.85 -7.15
N ASP D 139 -29.65 38.33 -8.34
CA ASP D 139 -30.66 38.28 -9.40
C ASP D 139 -31.68 37.18 -9.12
N ASP D 140 -32.96 37.51 -9.29
CA ASP D 140 -34.05 36.59 -9.06
C ASP D 140 -33.97 35.37 -10.01
N ASN D 141 -33.64 35.62 -11.27
CA ASN D 141 -33.56 34.58 -12.30
C ASN D 141 -32.32 33.69 -12.13
N GLY D 142 -31.44 34.12 -11.23
CA GLY D 142 -30.14 33.50 -11.00
C GLY D 142 -30.01 32.17 -10.30
N LYS D 143 -28.75 31.73 -10.26
CA LYS D 143 -28.34 30.46 -9.72
C LYS D 143 -27.31 30.55 -8.58
N ALA D 144 -26.87 29.41 -8.05
CA ALA D 144 -25.82 29.36 -7.02
C ALA D 144 -25.08 28.01 -7.01
N LEU D 145 -23.79 28.03 -6.72
CA LEU D 145 -23.01 26.82 -6.61
C LEU D 145 -22.96 26.45 -5.13
N GLN D 146 -23.68 25.39 -4.76
CA GLN D 146 -23.74 24.97 -3.36
C GLN D 146 -23.39 23.50 -3.13
N PHE D 147 -22.24 23.23 -2.50
CA PHE D 147 -21.82 21.84 -2.27
C PHE D 147 -22.50 21.17 -1.09
N ILE D 148 -23.78 20.85 -1.29
CA ILE D 148 -24.58 20.20 -0.29
C ILE D 148 -25.03 18.83 -0.63
N PHE D 149 -24.78 17.88 0.27
CA PHE D 149 -25.12 16.50 0.00
C PHE D 149 -25.77 15.83 1.19
N SER D 150 -27.03 15.46 1.01
CA SER D 150 -27.79 14.79 2.04
C SER D 150 -28.45 13.61 1.39
N SER D 151 -27.63 12.83 0.73
CA SER D 151 -28.07 11.70 -0.04
C SER D 151 -28.03 10.40 0.74
N LYS D 152 -28.07 10.49 2.05
CA LYS D 152 -27.95 9.32 2.89
C LYS D 152 -29.19 9.05 3.73
N GLN D 153 -29.81 7.89 3.53
CA GLN D 153 -31.04 7.56 4.24
C GLN D 153 -31.11 6.16 4.81
N TYR D 154 -31.19 6.02 6.13
CA TYR D 154 -31.25 4.69 6.73
C TYR D 154 -32.34 4.54 7.77
N ILE D 155 -32.54 3.29 8.20
CA ILE D 155 -33.45 2.98 9.26
C ILE D 155 -32.72 2.32 10.38
N SER D 156 -32.95 2.75 11.62
CA SER D 156 -32.26 2.16 12.78
C SER D 156 -32.77 0.76 13.11
N THR D 157 -32.09 0.12 14.06
CA THR D 157 -32.40 -1.23 14.49
C THR D 157 -33.85 -1.35 14.94
N GLY D 158 -34.41 -0.25 15.41
CA GLY D 158 -35.78 -0.25 15.87
C GLY D 158 -36.82 -0.11 14.77
N GLY D 159 -36.35 0.08 13.54
CA GLY D 159 -37.26 0.28 12.42
C GLY D 159 -37.68 1.74 12.30
N VAL D 160 -36.90 2.61 12.94
CA VAL D 160 -37.13 4.06 12.92
C VAL D 160 -35.88 4.79 12.42
N PRO D 161 -36.05 5.88 11.65
CA PRO D 161 -34.90 6.63 11.12
C PRO D 161 -34.30 7.60 12.14
N VAL D 162 -32.97 7.77 12.15
CA VAL D 162 -32.34 8.72 13.08
C VAL D 162 -31.10 9.34 12.37
N GLY D 163 -31.13 10.65 12.13
CA GLY D 163 -30.04 11.25 11.37
C GLY D 163 -29.45 12.66 11.49
N THR D 164 -28.73 13.03 10.43
CA THR D 164 -27.99 14.28 10.32
C THR D 164 -28.80 15.50 9.90
N ALA D 165 -28.24 16.67 10.21
CA ALA D 165 -28.85 17.95 9.89
C ALA D 165 -28.98 18.10 8.38
N THR D 166 -27.95 17.73 7.62
CA THR D 166 -28.03 17.88 6.17
C THR D 166 -29.17 17.04 5.54
N THR D 167 -29.28 15.76 5.92
CA THR D 167 -30.34 14.94 5.33
C THR D 167 -31.70 15.46 5.76
N ASN D 168 -31.87 15.67 7.05
CA ASN D 168 -33.13 16.18 7.54
C ASN D 168 -33.48 17.54 6.94
N VAL D 169 -32.47 18.34 6.58
CA VAL D 169 -32.71 19.66 6.00
C VAL D 169 -32.94 19.60 4.48
N TYR D 170 -32.71 18.45 3.85
CA TYR D 170 -33.00 18.38 2.39
C TYR D 170 -34.10 17.37 1.97
N ARG D 171 -34.39 16.38 2.81
CA ARG D 171 -35.39 15.36 2.45
C ARG D 171 -36.79 15.46 3.08
N ASN D 172 -36.93 16.28 4.12
CA ASN D 172 -38.21 16.53 4.78
C ASN D 172 -39.06 17.36 3.78
N PRO D 173 -40.40 17.28 3.87
CA PRO D 173 -41.31 17.89 2.87
C PRO D 173 -41.26 19.40 2.52
N ASN D 174 -40.90 20.30 3.43
CA ASN D 174 -41.00 21.74 3.13
C ASN D 174 -39.79 22.48 2.56
N PHE D 175 -38.72 21.75 2.25
CA PHE D 175 -37.49 22.38 1.71
C PHE D 175 -37.53 22.98 0.35
N LYS D 176 -38.10 22.25 -0.60
CA LYS D 176 -38.13 22.76 -1.96
C LYS D 176 -38.91 24.10 -1.87
N ALA D 177 -40.08 24.03 -1.23
CA ALA D 177 -40.92 25.21 -1.04
C ALA D 177 -40.37 26.25 -0.07
N GLY D 178 -39.91 25.84 1.11
CA GLY D 178 -39.39 26.80 2.07
C GLY D 178 -38.17 27.55 1.57
N MET D 179 -37.26 26.81 0.94
CA MET D 179 -36.05 27.38 0.37
C MET D 179 -36.29 28.17 -0.93
N LYS D 180 -37.24 27.70 -1.74
CA LYS D 180 -37.54 28.24 -3.07
C LYS D 180 -37.21 29.69 -3.39
N SER D 181 -38.12 30.61 -3.05
CA SER D 181 -37.96 32.01 -3.41
C SER D 181 -36.83 32.79 -2.70
N ILE D 182 -36.30 32.26 -1.61
CA ILE D 182 -35.26 32.96 -0.87
C ILE D 182 -33.86 32.61 -1.20
N THR D 183 -33.72 31.77 -2.22
CA THR D 183 -32.41 31.36 -2.70
C THR D 183 -32.46 31.28 -4.22
N SER D 184 -31.29 31.10 -4.82
CA SER D 184 -31.20 30.92 -6.26
C SER D 184 -31.22 29.42 -6.55
N PRO D 185 -31.94 29.00 -7.61
CA PRO D 185 -32.09 27.57 -7.93
C PRO D 185 -30.77 26.82 -7.97
N SER D 186 -30.76 25.67 -7.29
CA SER D 186 -29.56 24.85 -7.13
C SER D 186 -28.86 24.45 -8.42
N CYS D 187 -27.52 24.46 -8.36
CA CYS D 187 -26.65 24.11 -9.46
C CYS D 187 -26.87 22.71 -9.88
N SER D 188 -27.30 21.98 -8.90
CA SER D 188 -27.49 20.57 -9.01
C SER D 188 -28.92 20.11 -9.09
N PRO D 189 -29.14 19.04 -9.84
CA PRO D 189 -30.44 18.41 -9.82
C PRO D 189 -30.52 17.91 -8.38
N ASP D 190 -31.69 17.75 -7.81
CA ASP D 190 -31.75 17.26 -6.44
C ASP D 190 -31.12 15.87 -6.40
N GLU D 191 -31.30 15.11 -7.46
CA GLU D 191 -30.78 13.75 -7.53
C GLU D 191 -29.26 13.65 -7.39
N VAL D 192 -28.49 14.55 -8.02
CA VAL D 192 -27.03 14.55 -7.83
C VAL D 192 -26.71 15.01 -6.40
N ILE D 193 -27.55 15.90 -5.88
CA ILE D 193 -27.45 16.33 -4.51
C ILE D 193 -27.74 15.15 -3.65
N PHE D 194 -28.76 14.40 -4.09
CA PHE D 194 -29.23 13.22 -3.37
C PHE D 194 -28.70 11.89 -3.95
N SER D 195 -27.61 11.94 -4.72
CA SER D 195 -27.01 10.74 -5.34
C SER D 195 -26.18 9.90 -4.36
N PRO D 196 -26.29 8.56 -4.46
CA PRO D 196 -25.60 7.59 -3.61
C PRO D 196 -24.07 7.66 -3.69
N ASP D 197 -23.52 8.17 -4.77
CA ASP D 197 -22.09 8.28 -4.87
C ASP D 197 -21.76 9.77 -4.75
N VAL D 198 -21.59 10.28 -3.54
CA VAL D 198 -21.33 11.72 -3.41
C VAL D 198 -20.04 12.21 -4.04
N HIS D 199 -18.92 11.51 -3.95
CA HIS D 199 -17.68 12.08 -4.49
C HIS D 199 -17.81 12.41 -5.98
N GLN D 200 -18.42 11.49 -6.70
CA GLN D 200 -18.69 11.69 -8.10
C GLN D 200 -19.68 12.84 -8.22
N ALA D 201 -20.63 12.86 -7.29
CA ALA D 201 -21.66 13.89 -7.24
C ALA D 201 -21.11 15.30 -7.00
N LEU D 202 -20.20 15.46 -6.02
CA LEU D 202 -19.57 16.74 -5.68
C LEU D 202 -18.74 17.14 -6.87
N TYR D 203 -18.12 16.16 -7.52
CA TYR D 203 -17.33 16.45 -8.71
C TYR D 203 -18.28 17.08 -9.72
N CYS D 204 -19.49 16.54 -9.77
CA CYS D 204 -20.55 17.02 -10.65
C CYS D 204 -21.27 18.21 -10.01
N HIS D 205 -20.86 18.55 -8.79
CA HIS D 205 -21.35 19.72 -8.09
C HIS D 205 -20.50 20.84 -8.58
N LEU D 206 -19.24 20.49 -8.78
CA LEU D 206 -18.30 21.43 -9.32
C LEU D 206 -18.84 21.66 -10.70
N LEU D 207 -18.97 20.56 -11.44
CA LEU D 207 -19.41 20.54 -12.85
C LEU D 207 -20.82 21.21 -13.02
N SER D 208 -21.70 20.98 -12.06
CA SER D 208 -22.98 21.66 -12.14
C SER D 208 -22.82 23.13 -11.83
N GLY D 209 -22.17 23.43 -10.71
CA GLY D 209 -22.04 24.81 -10.27
C GLY D 209 -21.41 25.69 -11.31
N ILE D 210 -20.48 25.11 -12.03
CA ILE D 210 -19.83 25.75 -13.16
C ILE D 210 -20.77 25.87 -14.29
N LEU D 211 -21.69 24.91 -14.51
CA LEU D 211 -22.52 25.11 -15.72
C LEU D 211 -23.37 26.41 -15.82
N PHE D 212 -24.28 26.70 -14.90
CA PHE D 212 -25.06 27.94 -14.99
C PHE D 212 -24.29 29.09 -14.32
N ARG D 213 -22.99 29.20 -14.58
CA ARG D 213 -22.13 30.19 -13.92
C ARG D 213 -22.53 31.66 -14.05
N ASP D 214 -23.00 32.03 -15.23
CA ASP D 214 -23.33 33.42 -15.51
C ASP D 214 -24.51 33.95 -14.70
N GLN D 215 -25.39 33.06 -14.25
CA GLN D 215 -26.51 33.52 -13.43
C GLN D 215 -26.29 33.20 -11.96
N VAL D 216 -25.16 32.57 -11.63
CA VAL D 216 -24.90 32.26 -10.22
C VAL D 216 -24.66 33.53 -9.43
N GLN D 217 -24.82 33.41 -8.13
CA GLN D 217 -24.66 34.54 -7.22
C GLN D 217 -23.57 34.39 -6.18
N TYR D 218 -23.27 33.16 -5.81
CA TYR D 218 -22.26 32.95 -4.80
C TYR D 218 -21.70 31.55 -4.79
N VAL D 219 -20.57 31.42 -4.11
CA VAL D 219 -19.94 30.13 -3.93
C VAL D 219 -20.29 29.80 -2.49
N PHE D 220 -20.73 28.57 -2.24
CA PHE D 220 -21.15 28.24 -0.90
C PHE D 220 -20.58 26.96 -0.33
N ALA D 221 -20.29 27.04 0.96
CA ALA D 221 -19.89 25.92 1.76
C ALA D 221 -20.26 26.31 3.17
N VAL D 222 -20.49 25.35 4.04
CA VAL D 222 -20.73 25.73 5.41
C VAL D 222 -19.38 26.20 5.92
N PHE D 223 -18.33 25.47 5.56
CA PHE D 223 -16.98 25.81 6.01
C PHE D 223 -15.99 26.17 4.93
N ALA D 224 -14.97 26.90 5.36
CA ALA D 224 -13.89 27.30 4.47
C ALA D 224 -13.21 26.03 4.00
N HIS D 225 -13.07 25.08 4.92
CA HIS D 225 -12.38 23.81 4.67
C HIS D 225 -13.03 23.10 3.49
N GLY D 226 -14.35 23.13 3.43
CA GLY D 226 -15.08 22.48 2.37
C GLY D 226 -14.92 23.05 0.98
N LEU D 227 -15.08 24.36 0.88
CA LEU D 227 -14.91 25.03 -0.40
C LEU D 227 -13.47 24.80 -0.83
N VAL D 228 -12.58 24.79 0.14
CA VAL D 228 -11.17 24.55 -0.11
C VAL D 228 -11.02 23.20 -0.77
N HIS D 229 -11.73 22.22 -0.22
CA HIS D 229 -11.69 20.88 -0.73
C HIS D 229 -12.12 20.92 -2.20
N ALA D 230 -13.24 21.60 -2.45
CA ALA D 230 -13.78 21.68 -3.79
C ALA D 230 -12.83 22.30 -4.82
N PHE D 231 -12.19 23.41 -4.44
CA PHE D 231 -11.27 24.10 -5.34
C PHE D 231 -9.92 23.41 -5.57
N ARG D 232 -9.28 22.85 -4.54
CA ARG D 232 -8.03 22.15 -4.82
C ARG D 232 -8.37 20.97 -5.72
N THR D 233 -9.52 20.34 -5.46
CA THR D 233 -9.94 19.25 -6.33
C THR D 233 -10.21 19.77 -7.75
N PHE D 234 -10.71 20.99 -7.86
CA PHE D 234 -10.98 21.61 -9.15
C PHE D 234 -9.62 21.70 -9.85
N GLU D 235 -8.56 21.93 -9.08
CA GLU D 235 -7.19 22.00 -9.61
C GLU D 235 -6.68 20.65 -10.09
N GLN D 236 -6.97 19.62 -9.32
CA GLN D 236 -6.49 18.27 -9.68
C GLN D 236 -7.21 17.69 -10.90
N VAL D 237 -8.52 17.91 -10.99
CA VAL D 237 -9.32 17.32 -12.08
C VAL D 237 -10.00 18.26 -13.10
N TRP D 238 -9.61 19.53 -13.18
CA TRP D 238 -10.29 20.45 -14.10
C TRP D 238 -10.24 19.96 -15.54
N GLU D 239 -9.06 19.55 -16.00
CA GLU D 239 -8.90 19.07 -17.37
C GLU D 239 -9.86 17.92 -17.61
N GLU D 240 -10.00 17.07 -16.59
CA GLU D 240 -10.89 15.95 -16.68
C GLU D 240 -12.31 16.45 -16.88
N ILE D 241 -12.70 17.47 -16.12
CA ILE D 241 -14.04 18.01 -16.24
C ILE D 241 -14.27 18.42 -17.64
N VAL D 242 -13.27 19.12 -18.18
CA VAL D 242 -13.32 19.65 -19.53
C VAL D 242 -13.66 18.55 -20.50
N THR D 243 -12.89 17.48 -20.42
CA THR D 243 -13.10 16.35 -21.32
C THR D 243 -14.48 15.75 -21.19
N ASP D 244 -14.97 15.60 -19.97
CA ASP D 244 -16.27 14.93 -19.78
C ASP D 244 -17.36 15.62 -20.53
N ILE D 245 -17.47 16.90 -20.25
CA ILE D 245 -18.47 17.70 -20.92
C ILE D 245 -18.26 17.85 -22.39
N LYS D 246 -16.99 17.82 -22.78
CA LYS D 246 -16.58 18.08 -24.16
C LYS D 246 -17.11 17.24 -25.29
N ASP D 247 -16.87 15.95 -25.19
CA ASP D 247 -17.30 15.01 -26.21
C ASP D 247 -18.70 14.55 -25.90
N GLY D 248 -19.33 15.25 -24.96
CA GLY D 248 -20.65 14.88 -24.51
C GLY D 248 -20.59 13.52 -23.89
N VAL D 249 -19.42 13.17 -23.39
CA VAL D 249 -19.25 11.87 -22.76
C VAL D 249 -18.68 12.04 -21.36
N LEU D 250 -19.52 11.71 -20.39
CA LEU D 250 -19.17 11.82 -18.98
C LEU D 250 -17.96 10.95 -18.71
N SER D 251 -17.00 11.43 -17.93
CA SER D 251 -15.79 10.66 -17.66
C SER D 251 -16.08 9.36 -16.94
N ASN D 252 -15.18 8.41 -17.12
CA ASN D 252 -15.32 7.08 -16.58
C ASN D 252 -15.16 7.05 -15.05
N ARG D 253 -14.84 8.20 -14.46
CA ARG D 253 -14.69 8.33 -13.02
C ARG D 253 -16.05 8.22 -12.29
N ILE D 254 -17.09 8.77 -12.89
CA ILE D 254 -18.43 8.74 -12.30
C ILE D 254 -19.18 7.51 -12.69
N THR D 255 -19.60 6.69 -11.73
CA THR D 255 -20.25 5.41 -12.08
C THR D 255 -21.67 4.95 -11.64
N VAL D 256 -22.36 5.65 -10.74
CA VAL D 256 -23.68 5.16 -10.28
C VAL D 256 -24.85 5.52 -11.22
N PRO D 257 -25.70 4.53 -11.56
CA PRO D 257 -26.76 4.62 -12.57
C PRO D 257 -27.80 5.74 -12.45
N SER D 258 -28.32 6.06 -11.27
CA SER D 258 -29.33 7.13 -11.21
C SER D 258 -28.75 8.47 -11.64
N VAL D 259 -27.63 8.83 -11.04
CA VAL D 259 -26.96 10.08 -11.36
C VAL D 259 -26.38 10.06 -12.77
N ARG D 260 -25.84 8.92 -13.21
CA ARG D 260 -25.28 8.83 -14.55
C ARG D 260 -26.37 9.04 -15.60
N THR D 261 -27.54 8.46 -15.36
CA THR D 261 -28.66 8.63 -16.27
C THR D 261 -29.01 10.11 -16.28
N ALA D 262 -29.07 10.70 -15.10
CA ALA D 262 -29.42 12.12 -14.98
C ALA D 262 -28.44 13.03 -15.72
N MET D 263 -27.14 12.76 -15.60
CA MET D 263 -26.11 13.55 -16.26
C MET D 263 -26.15 13.40 -17.78
N SER D 264 -26.27 12.15 -18.24
CA SER D 264 -26.30 11.86 -19.67
C SER D 264 -27.52 12.50 -20.34
N LYS D 265 -28.52 12.83 -19.52
CA LYS D 265 -29.71 13.48 -20.01
C LYS D 265 -29.37 14.84 -20.56
N LEU D 266 -28.25 15.38 -20.10
CA LEU D 266 -27.81 16.71 -20.55
C LEU D 266 -26.58 16.75 -21.48
N LEU D 267 -25.59 15.89 -21.27
CA LEU D 267 -24.32 15.92 -22.04
C LEU D 267 -24.39 15.80 -23.57
N THR D 268 -23.56 16.59 -24.27
CA THR D 268 -23.43 16.60 -25.75
C THR D 268 -22.05 17.10 -26.22
N PRO D 269 -21.66 16.79 -27.48
CA PRO D 269 -20.33 17.20 -27.98
C PRO D 269 -20.21 18.68 -28.30
N ASN D 270 -19.37 19.40 -27.55
CA ASN D 270 -19.23 20.85 -27.72
C ASN D 270 -17.79 21.36 -27.48
N PRO D 271 -16.93 21.29 -28.51
CA PRO D 271 -15.47 21.58 -28.50
C PRO D 271 -14.89 22.97 -28.15
N GLU D 272 -15.49 24.07 -28.61
CA GLU D 272 -14.90 25.41 -28.41
C GLU D 272 -14.64 25.72 -26.95
N LEU D 273 -15.53 25.21 -26.15
CA LEU D 273 -15.57 25.45 -24.73
C LEU D 273 -14.30 24.94 -24.10
N ALA D 274 -13.87 23.78 -24.57
CA ALA D 274 -12.67 23.13 -24.06
C ALA D 274 -11.52 24.10 -24.25
N GLU D 275 -11.55 24.75 -25.40
CA GLU D 275 -10.55 25.72 -25.78
C GLU D 275 -10.53 26.79 -24.72
N THR D 276 -11.71 27.27 -24.39
CA THR D 276 -11.84 28.34 -23.43
C THR D 276 -11.33 28.02 -22.03
N ILE D 277 -11.90 26.99 -21.44
CA ILE D 277 -11.56 26.63 -20.09
C ILE D 277 -10.14 26.33 -19.87
N ARG D 278 -9.55 25.61 -20.81
CA ARG D 278 -8.17 25.22 -20.68
C ARG D 278 -7.34 26.46 -20.58
N THR D 279 -7.62 27.43 -21.46
CA THR D 279 -6.77 28.60 -21.45
C THR D 279 -6.85 29.31 -20.11
N LYS D 280 -8.06 29.61 -19.65
CA LYS D 280 -8.15 30.33 -18.40
C LYS D 280 -7.56 29.53 -17.26
N CYS D 281 -7.81 28.22 -17.30
CA CYS D 281 -7.34 27.35 -16.25
C CYS D 281 -5.83 27.27 -16.15
N MET D 282 -5.14 27.40 -17.28
CA MET D 282 -3.69 27.34 -17.16
C MET D 282 -3.10 28.72 -16.89
N SER D 283 -3.88 29.76 -17.18
CA SER D 283 -3.40 31.14 -16.98
C SER D 283 -3.20 31.55 -15.51
N LEU D 284 -3.86 30.84 -14.60
CA LEU D 284 -3.84 31.17 -13.17
C LEU D 284 -2.50 31.02 -12.45
N SER D 285 -2.34 31.78 -11.38
CA SER D 285 -1.14 31.79 -10.56
C SER D 285 -1.29 30.85 -9.36
N ASN D 286 -0.90 29.59 -9.52
CA ASN D 286 -1.01 28.60 -8.45
C ASN D 286 -2.43 28.60 -7.89
N TRP D 287 -3.39 28.85 -8.79
CA TRP D 287 -4.79 28.81 -8.44
C TRP D 287 -5.22 29.98 -7.52
N TYR D 288 -4.40 31.03 -7.42
CA TYR D 288 -4.74 32.16 -6.56
C TYR D 288 -6.02 32.84 -7.08
N GLY D 289 -7.00 32.95 -6.19
CA GLY D 289 -8.26 33.63 -6.48
C GLY D 289 -9.12 33.25 -7.67
N LEU D 290 -9.27 31.95 -7.93
CA LEU D 290 -10.10 31.53 -9.06
C LEU D 290 -11.60 31.66 -8.88
N ILE D 291 -12.09 31.73 -7.65
CA ILE D 291 -13.54 31.79 -7.48
C ILE D 291 -14.14 32.96 -8.20
N PRO D 292 -13.54 34.16 -8.08
CA PRO D 292 -14.09 35.27 -8.87
C PRO D 292 -13.86 35.01 -10.35
N ALA D 293 -12.82 34.29 -10.71
CA ALA D 293 -12.55 34.03 -12.12
C ALA D 293 -13.59 33.12 -12.78
N LEU D 294 -13.99 32.06 -12.09
CA LEU D 294 -14.99 31.15 -12.62
C LEU D 294 -16.36 31.78 -12.76
N PHE D 295 -16.89 32.30 -11.66
CA PHE D 295 -18.14 33.04 -11.71
C PHE D 295 -17.79 34.36 -11.04
N PRO D 296 -17.50 35.38 -11.85
CA PRO D 296 -17.04 36.70 -11.39
C PRO D 296 -18.06 37.65 -10.87
N ASN D 297 -19.31 37.30 -11.04
CA ASN D 297 -20.36 38.17 -10.62
C ASN D 297 -20.85 37.96 -9.20
N ALA D 298 -20.26 37.01 -8.49
CA ALA D 298 -20.66 36.77 -7.13
C ALA D 298 -20.32 37.98 -6.25
N LYS D 299 -21.28 38.44 -5.46
CA LYS D 299 -21.04 39.51 -4.51
C LYS D 299 -20.14 38.97 -3.43
N TYR D 300 -20.29 37.67 -3.15
CA TYR D 300 -19.62 37.07 -2.00
C TYR D 300 -19.31 35.58 -2.01
N VAL D 301 -18.56 35.18 -0.98
CA VAL D 301 -18.22 33.80 -0.69
C VAL D 301 -18.98 33.53 0.61
N TYR D 302 -19.60 32.38 0.76
CA TYR D 302 -20.42 32.11 1.94
C TYR D 302 -19.99 30.90 2.78
N GLY D 303 -20.02 31.06 4.10
CA GLY D 303 -19.68 30.01 5.04
C GLY D 303 -19.40 30.55 6.42
N ILE D 304 -18.85 29.72 7.31
CA ILE D 304 -18.47 30.16 8.65
C ILE D 304 -17.00 30.02 8.77
N MET D 305 -16.36 31.17 8.98
CA MET D 305 -14.91 31.26 9.02
C MET D 305 -14.29 31.37 10.41
N THR D 306 -15.09 31.28 11.46
CA THR D 306 -14.54 31.43 12.80
C THR D 306 -14.32 30.09 13.52
N GLY D 307 -13.61 30.16 14.64
CA GLY D 307 -13.29 28.97 15.42
C GLY D 307 -12.45 27.95 14.68
N SER D 308 -12.94 26.71 14.65
CA SER D 308 -12.20 25.59 14.09
C SER D 308 -11.69 25.83 12.67
N MET D 309 -12.42 26.64 11.90
CA MET D 309 -12.08 26.86 10.50
C MET D 309 -11.10 28.00 10.22
N GLU D 310 -10.52 28.58 11.26
CA GLU D 310 -9.61 29.71 11.06
C GLU D 310 -8.43 29.35 10.13
N PRO D 311 -7.85 28.14 10.26
CA PRO D 311 -6.75 27.83 9.34
C PRO D 311 -7.18 27.72 7.87
N TYR D 312 -8.48 27.57 7.62
CA TYR D 312 -8.98 27.38 6.26
C TYR D 312 -9.55 28.63 5.59
N VAL D 313 -9.75 29.72 6.34
CA VAL D 313 -10.21 30.96 5.72
C VAL D 313 -9.13 31.57 4.80
N PRO D 314 -7.81 31.41 5.12
CA PRO D 314 -6.84 32.03 4.19
C PRO D 314 -6.89 31.39 2.81
N LYS D 315 -6.79 30.06 2.74
CA LYS D 315 -6.85 29.38 1.45
C LYS D 315 -8.15 29.73 0.74
N LEU D 316 -9.23 29.87 1.51
CA LEU D 316 -10.51 30.25 0.91
C LEU D 316 -10.34 31.62 0.29
N ARG D 317 -9.76 32.52 1.08
CA ARG D 317 -9.46 33.87 0.62
C ARG D 317 -8.51 33.74 -0.57
N HIS D 318 -7.56 32.81 -0.46
CA HIS D 318 -6.59 32.56 -1.53
C HIS D 318 -7.40 32.20 -2.76
N TYR D 319 -8.38 31.32 -2.57
CA TYR D 319 -9.28 30.91 -3.65
C TYR D 319 -10.19 32.05 -4.09
N ALA D 320 -10.62 32.86 -3.12
CA ALA D 320 -11.55 33.95 -3.36
C ALA D 320 -10.98 35.22 -4.00
N GLY D 321 -9.66 35.36 -4.01
CA GLY D 321 -9.06 36.57 -4.54
C GLY D 321 -9.46 37.74 -3.65
N ASP D 322 -10.07 38.77 -4.25
CA ASP D 322 -10.49 39.92 -3.45
C ASP D 322 -11.98 39.83 -3.14
N LEU D 323 -12.64 38.81 -3.69
CA LEU D 323 -14.07 38.66 -3.47
C LEU D 323 -14.37 38.57 -1.98
N PRO D 324 -15.38 39.32 -1.50
CA PRO D 324 -15.75 39.38 -0.08
C PRO D 324 -16.15 38.03 0.50
N LEU D 325 -15.77 37.78 1.74
CA LEU D 325 -16.13 36.54 2.42
C LEU D 325 -17.07 36.86 3.57
N VAL D 326 -18.27 36.28 3.52
CA VAL D 326 -19.27 36.49 4.55
C VAL D 326 -19.48 35.27 5.44
N SER D 327 -19.63 35.53 6.73
CA SER D 327 -19.87 34.47 7.70
C SER D 327 -21.35 34.09 7.82
N HIS D 328 -21.59 32.82 8.12
CA HIS D 328 -22.93 32.30 8.34
C HIS D 328 -23.35 32.35 9.81
N ASP D 329 -24.64 32.10 10.05
CA ASP D 329 -25.25 32.15 11.36
C ASP D 329 -24.84 31.00 12.26
N TYR D 330 -25.39 31.02 13.48
CA TYR D 330 -25.05 30.05 14.52
C TYR D 330 -26.28 29.31 15.05
N GLY D 331 -26.32 27.99 14.85
CA GLY D 331 -27.44 27.18 15.32
C GLY D 331 -27.37 25.74 14.85
N SER D 332 -28.25 24.89 15.38
CA SER D 332 -28.24 23.47 15.00
C SER D 332 -29.50 22.70 15.32
N SER D 333 -29.41 21.39 15.11
CA SER D 333 -30.47 20.47 15.46
C SER D 333 -30.64 20.51 16.99
N GLU D 334 -29.50 20.69 17.68
CA GLU D 334 -29.47 20.79 19.14
C GLU D 334 -30.28 22.02 19.56
N GLY D 335 -30.04 23.14 18.89
CA GLY D 335 -30.79 24.36 19.17
C GLY D 335 -30.31 25.44 18.23
N TRP D 336 -31.21 26.30 17.77
CA TRP D 336 -30.77 27.40 16.94
C TRP D 336 -30.39 28.52 17.87
N ILE D 337 -29.18 29.04 17.70
CA ILE D 337 -28.71 30.11 18.57
C ILE D 337 -28.71 31.45 17.94
N ALA D 338 -27.74 31.67 17.05
CA ALA D 338 -27.50 32.99 16.49
C ALA D 338 -27.53 33.15 14.98
N ALA D 339 -28.01 34.32 14.55
CA ALA D 339 -28.10 34.69 13.14
C ALA D 339 -27.17 35.87 12.89
N ASN D 340 -26.40 35.82 11.80
CA ASN D 340 -25.43 36.87 11.49
C ASN D 340 -26.07 38.04 10.74
N VAL D 341 -26.62 38.99 11.49
CA VAL D 341 -27.33 40.13 10.91
C VAL D 341 -26.51 40.95 9.92
N THR D 342 -25.20 40.94 10.09
CA THR D 342 -24.34 41.77 9.24
C THR D 342 -23.33 40.97 8.42
N PRO D 343 -23.77 40.36 7.32
CA PRO D 343 -22.91 39.55 6.47
C PRO D 343 -21.77 40.34 5.85
N ARG D 344 -21.87 41.68 5.86
CA ARG D 344 -20.84 42.52 5.29
C ARG D 344 -19.52 42.39 6.05
N LEU D 345 -19.57 41.96 7.31
CA LEU D 345 -18.36 41.85 8.12
C LEU D 345 -17.41 40.75 7.63
N SER D 346 -16.11 41.02 7.80
CA SER D 346 -15.06 40.10 7.41
C SER D 346 -15.03 38.95 8.42
N PRO D 347 -14.45 37.80 8.01
CA PRO D 347 -14.39 36.61 8.86
C PRO D 347 -13.69 36.83 10.20
N GLU D 348 -12.70 37.70 10.21
CA GLU D 348 -11.92 38.00 11.41
C GLU D 348 -12.77 38.64 12.51
N GLU D 349 -13.68 39.51 12.09
CA GLU D 349 -14.55 40.26 12.99
C GLU D 349 -15.95 39.67 13.05
N ALA D 350 -16.11 38.48 12.49
CA ALA D 350 -17.42 37.83 12.43
C ALA D 350 -18.01 37.45 13.77
N THR D 351 -19.23 37.91 14.01
CA THR D 351 -19.99 37.58 15.23
C THR D 351 -21.45 37.37 14.79
N PHE D 352 -22.19 36.51 15.48
CA PHE D 352 -23.58 36.21 15.11
C PHE D 352 -24.61 36.51 16.22
N ALA D 353 -25.69 37.21 15.88
CA ALA D 353 -26.76 37.55 16.85
C ALA D 353 -27.78 36.44 17.09
N VAL D 354 -28.27 36.35 18.33
CA VAL D 354 -29.20 35.30 18.75
C VAL D 354 -30.68 35.47 18.38
N ILE D 355 -31.30 34.40 17.92
CA ILE D 355 -32.72 34.40 17.59
C ILE D 355 -33.43 33.89 18.80
N PRO D 356 -34.08 34.79 19.55
CA PRO D 356 -34.75 34.49 20.84
C PRO D 356 -35.91 33.48 20.88
N ASN D 357 -36.80 33.47 19.90
CA ASN D 357 -38.00 32.62 19.93
C ASN D 357 -37.85 31.10 19.89
N LEU D 358 -36.75 30.64 19.34
CA LEU D 358 -36.55 29.21 19.17
C LEU D 358 -36.53 28.46 20.49
N GLY D 359 -35.88 29.05 21.50
CA GLY D 359 -35.77 28.43 22.80
C GLY D 359 -35.45 29.37 23.95
N TYR D 360 -35.10 28.78 25.08
CA TYR D 360 -34.71 29.49 26.30
C TYR D 360 -33.26 29.19 26.53
N PHE D 361 -32.43 30.22 26.54
CA PHE D 361 -31.00 30.03 26.73
C PHE D 361 -30.51 30.66 28.02
N GLU D 362 -29.50 30.05 28.61
CA GLU D 362 -28.87 30.53 29.83
C GLU D 362 -27.40 30.18 29.70
N PHE D 363 -26.53 30.92 30.37
CA PHE D 363 -25.11 30.63 30.23
C PHE D 363 -24.42 30.52 31.59
N LEU D 364 -23.35 29.73 31.62
CA LEU D 364 -22.60 29.56 32.88
C LEU D 364 -21.27 30.33 32.81
N PRO D 365 -21.09 31.31 33.72
CA PRO D 365 -19.90 32.17 33.81
C PRO D 365 -18.62 31.45 34.26
N VAL D 366 -17.48 31.82 33.67
CA VAL D 366 -16.20 31.16 33.93
C VAL D 366 -15.14 31.87 34.77
N SER D 367 -15.31 33.14 35.08
CA SER D 367 -14.25 33.91 35.75
C SER D 367 -14.15 33.84 37.28
N GLU D 368 -13.09 33.17 37.74
CA GLU D 368 -12.74 33.05 39.16
C GLU D 368 -11.28 32.61 39.16
N THR D 369 -11.06 31.32 38.92
CA THR D 369 -9.74 30.75 38.71
C THR D 369 -9.94 29.89 37.49
N GLY D 370 -10.26 28.63 37.77
CA GLY D 370 -10.67 27.62 36.83
C GLY D 370 -11.28 26.63 37.80
N GLU D 371 -12.59 26.36 37.70
CA GLU D 371 -13.50 26.93 36.73
C GLU D 371 -14.38 28.03 37.32
N GLY D 372 -14.95 27.77 38.50
CA GLY D 372 -15.80 28.72 39.18
C GLY D 372 -17.24 28.26 39.34
N GLU D 373 -17.70 28.25 40.59
CA GLU D 373 -19.07 27.80 40.90
C GLU D 373 -20.09 28.92 40.72
N GLU D 374 -20.14 29.50 39.52
CA GLU D 374 -21.06 30.59 39.25
C GLU D 374 -22.41 30.10 38.76
N LYS D 375 -23.48 30.55 39.41
CA LYS D 375 -24.82 30.16 39.01
C LYS D 375 -25.23 30.83 37.69
N PRO D 376 -26.11 30.16 36.92
CA PRO D 376 -26.57 30.66 35.62
C PRO D 376 -27.35 31.95 35.73
N VAL D 377 -27.30 32.75 34.67
CA VAL D 377 -28.00 34.02 34.61
C VAL D 377 -28.66 34.15 33.25
N GLY D 378 -29.57 35.11 33.11
CA GLY D 378 -30.35 35.29 31.90
C GLY D 378 -29.51 35.59 30.67
N LEU D 379 -30.11 35.44 29.49
CA LEU D 379 -29.38 35.63 28.23
C LEU D 379 -28.81 37.03 28.16
N THR D 380 -29.67 38.01 28.41
CA THR D 380 -29.29 39.42 28.38
C THR D 380 -28.43 39.85 29.57
N GLN D 381 -28.29 38.96 30.54
CA GLN D 381 -27.51 39.27 31.74
C GLN D 381 -26.07 38.86 31.61
N VAL D 382 -25.72 38.32 30.44
CA VAL D 382 -24.34 37.96 30.20
C VAL D 382 -23.65 39.27 29.86
N LYS D 383 -22.57 39.56 30.57
CA LYS D 383 -21.88 40.82 30.36
C LYS D 383 -20.87 40.74 29.21
N ILE D 384 -20.75 41.81 28.45
CA ILE D 384 -19.87 41.83 27.29
C ILE D 384 -18.39 41.76 27.49
N GLY D 385 -17.74 41.04 26.59
CA GLY D 385 -16.30 40.85 26.60
C GLY D 385 -15.86 39.65 27.43
N GLU D 386 -16.76 39.14 28.25
CA GLU D 386 -16.48 37.98 29.09
C GLU D 386 -16.99 36.74 28.36
N GLU D 387 -16.49 35.58 28.75
CA GLU D 387 -16.85 34.32 28.12
C GLU D 387 -17.67 33.40 29.05
N TYR D 388 -18.81 32.94 28.57
CA TYR D 388 -19.70 32.04 29.32
C TYR D 388 -20.02 30.82 28.47
N GLU D 389 -20.31 29.68 29.11
CA GLU D 389 -20.69 28.49 28.37
C GLU D 389 -22.19 28.51 28.12
N VAL D 390 -22.67 27.59 27.29
CA VAL D 390 -24.09 27.58 26.93
C VAL D 390 -24.92 26.42 27.47
N VAL D 391 -26.06 26.77 28.05
CA VAL D 391 -27.04 25.81 28.52
C VAL D 391 -28.37 26.17 27.85
N ILE D 392 -28.91 25.22 27.08
CA ILE D 392 -30.13 25.43 26.31
C ILE D 392 -31.34 24.59 26.61
N THR D 393 -32.50 25.23 26.69
CA THR D 393 -33.73 24.50 26.91
C THR D 393 -34.70 24.80 25.78
N ASN D 394 -35.06 23.77 25.02
CA ASN D 394 -35.98 23.90 23.91
C ASN D 394 -36.57 22.52 23.64
N TYR D 395 -37.23 22.32 22.50
CA TYR D 395 -37.84 21.03 22.21
C TYR D 395 -36.86 20.02 21.65
N ALA D 396 -35.58 20.35 21.66
CA ALA D 396 -34.56 19.49 21.07
C ALA D 396 -34.31 18.22 21.87
N GLY D 397 -34.86 18.15 23.07
CA GLY D 397 -34.69 17.02 23.95
C GLY D 397 -33.64 17.26 25.00
N LEU D 398 -32.97 18.40 24.88
CA LEU D 398 -31.92 18.76 25.80
C LEU D 398 -32.44 19.83 26.78
N TYR D 399 -32.55 19.47 28.06
CA TYR D 399 -33.03 20.41 29.09
C TYR D 399 -31.99 20.76 30.13
N ARG D 400 -31.69 22.06 30.24
CA ARG D 400 -30.70 22.56 31.19
C ARG D 400 -29.40 21.78 31.01
N TYR D 401 -28.99 21.64 29.75
CA TYR D 401 -27.81 20.87 29.40
C TYR D 401 -26.57 21.69 29.10
N ARG D 402 -25.43 21.12 29.49
CA ARG D 402 -24.15 21.76 29.31
C ARG D 402 -23.51 21.25 28.02
N LEU D 403 -23.25 22.18 27.10
CA LEU D 403 -22.71 21.84 25.79
C LEU D 403 -21.19 21.75 25.73
N GLY D 404 -20.55 22.04 26.85
CA GLY D 404 -19.10 22.00 26.95
C GLY D 404 -18.32 22.98 26.09
N ASP D 405 -18.86 24.18 25.93
CA ASP D 405 -18.14 25.19 25.16
C ASP D 405 -18.46 26.60 25.66
N VAL D 406 -17.44 27.45 25.65
CA VAL D 406 -17.54 28.82 26.16
C VAL D 406 -17.37 29.89 25.06
N VAL D 407 -18.23 30.90 25.11
CA VAL D 407 -18.31 31.95 24.11
C VAL D 407 -18.41 33.34 24.73
N LYS D 408 -17.91 34.37 24.03
CA LYS D 408 -17.98 35.71 24.59
C LYS D 408 -18.90 36.61 23.78
N VAL D 409 -19.53 37.56 24.47
CA VAL D 409 -20.43 38.50 23.81
C VAL D 409 -19.75 39.83 23.51
N ILE D 410 -19.52 40.06 22.22
CA ILE D 410 -18.90 41.29 21.74
C ILE D 410 -19.72 42.53 21.83
N GLY D 411 -21.01 42.40 21.56
CA GLY D 411 -21.90 43.55 21.56
C GLY D 411 -23.37 43.22 21.64
N PHE D 412 -24.19 44.21 21.29
CA PHE D 412 -25.65 44.07 21.30
C PHE D 412 -26.32 44.49 19.99
N TYR D 413 -27.18 43.62 19.45
CA TYR D 413 -27.97 43.97 18.26
C TYR D 413 -29.31 44.39 18.84
N ASN D 414 -29.54 45.69 18.98
CA ASN D 414 -30.77 46.16 19.60
C ASN D 414 -30.74 45.58 21.02
N ASN D 415 -31.72 44.77 21.39
CA ASN D 415 -31.75 44.20 22.75
C ASN D 415 -31.33 42.72 22.82
N THR D 416 -30.72 42.22 21.75
CA THR D 416 -30.27 40.82 21.68
C THR D 416 -28.74 40.73 21.68
N PRO D 417 -28.19 39.78 22.44
CA PRO D 417 -26.74 39.57 22.57
C PRO D 417 -26.02 38.99 21.33
N GLN D 418 -24.84 39.55 21.06
CA GLN D 418 -23.98 39.13 19.95
C GLN D 418 -22.89 38.18 20.45
N LEU D 419 -22.62 37.09 19.75
CA LEU D 419 -21.61 36.13 20.21
C LEU D 419 -20.39 35.97 19.29
N LYS D 420 -19.23 35.74 19.89
CA LYS D 420 -17.97 35.53 19.15
C LYS D 420 -17.28 34.25 19.65
N PHE D 421 -16.66 33.50 18.74
CA PHE D 421 -16.08 32.20 19.12
C PHE D 421 -14.57 31.98 18.92
N ILE D 422 -13.90 31.56 19.98
CA ILE D 422 -12.46 31.27 19.98
C ILE D 422 -12.13 29.84 20.29
N CYS D 423 -13.14 29.00 20.08
CA CYS D 423 -13.14 27.59 20.45
C CYS D 423 -13.10 26.57 19.36
N ARG D 424 -12.36 25.48 19.61
CA ARG D 424 -12.17 24.38 18.66
C ARG D 424 -12.65 23.03 19.21
N ARG D 425 -12.28 22.73 20.46
CA ARG D 425 -12.66 21.46 21.04
C ARG D 425 -13.24 21.55 22.45
N ASN D 426 -14.30 20.78 22.67
CA ASN D 426 -14.88 20.65 23.99
C ASN D 426 -14.06 19.51 24.59
N LEU D 427 -12.81 19.82 24.93
CA LEU D 427 -11.87 18.81 25.37
C LEU D 427 -12.00 18.34 26.81
N ILE D 428 -13.10 17.64 27.05
CA ILE D 428 -13.29 16.95 28.29
C ILE D 428 -13.53 15.55 27.79
N LEU D 429 -12.65 14.63 28.15
CA LEU D 429 -12.76 13.26 27.66
C LEU D 429 -12.71 12.24 28.79
N SER D 430 -13.23 11.05 28.50
CA SER D 430 -13.25 9.94 29.43
C SER D 430 -13.02 8.65 28.67
N ILE D 431 -12.96 7.54 29.39
CA ILE D 431 -12.77 6.26 28.73
C ILE D 431 -13.91 5.99 27.84
N ASN D 432 -13.58 5.51 26.67
CA ASN D 432 -14.50 5.23 25.59
C ASN D 432 -14.96 3.77 25.61
N ILE D 433 -16.01 3.43 24.85
CA ILE D 433 -16.39 2.01 24.70
C ILE D 433 -16.48 1.68 23.24
N ASP D 434 -16.29 2.69 22.41
CA ASP D 434 -16.35 2.46 20.97
C ASP D 434 -14.94 2.16 20.43
N LYS D 435 -14.13 1.52 21.27
CA LYS D 435 -12.74 1.18 20.94
C LYS D 435 -12.28 -0.14 21.60
N ASN D 436 -11.36 -0.93 21.02
CA ASN D 436 -10.65 -0.70 19.75
C ASN D 436 -9.87 0.61 19.71
N THR D 437 -8.90 0.76 20.62
CA THR D 437 -8.06 1.96 20.78
C THR D 437 -8.04 2.89 19.58
N GLU D 438 -8.27 4.18 19.85
CA GLU D 438 -8.34 5.17 18.79
C GLU D 438 -7.10 5.02 17.93
N ARG D 439 -6.01 4.64 18.58
CA ARG D 439 -4.74 4.42 17.92
C ARG D 439 -4.88 3.31 16.87
N ASP D 440 -5.54 2.21 17.23
CA ASP D 440 -5.77 1.08 16.30
C ASP D 440 -6.73 1.39 15.17
N LEU D 441 -7.82 2.11 15.43
CA LEU D 441 -8.77 2.46 14.37
C LEU D 441 -8.12 3.41 13.37
N GLN D 442 -7.48 4.45 13.88
CA GLN D 442 -6.82 5.40 13.00
C GLN D 442 -5.76 4.64 12.22
N LEU D 443 -5.09 3.73 12.92
CA LEU D 443 -4.09 2.86 12.32
C LEU D 443 -4.76 1.95 11.30
N SER D 444 -6.04 1.67 11.52
CA SER D 444 -6.81 0.77 10.68
C SER D 444 -7.01 1.35 9.32
N VAL D 445 -7.62 2.53 9.29
CA VAL D 445 -7.81 3.22 8.04
C VAL D 445 -6.48 3.58 7.40
N GLU D 446 -5.51 3.99 8.22
CA GLU D 446 -4.20 4.37 7.71
C GLU D 446 -3.52 3.22 6.99
N SER D 447 -3.42 2.08 7.67
CA SER D 447 -2.81 0.88 7.10
C SER D 447 -3.60 0.32 5.93
N ALA D 448 -4.92 0.25 6.09
CA ALA D 448 -5.78 -0.29 5.05
C ALA D 448 -5.81 0.50 3.76
N ALA D 449 -5.72 1.82 3.87
CA ALA D 449 -5.83 2.74 2.74
C ALA D 449 -4.62 2.88 1.81
N LYS D 450 -3.46 2.35 2.17
CA LYS D 450 -2.30 2.51 1.28
C LYS D 450 -2.59 1.84 -0.06
N ARG D 451 -3.44 0.83 -0.01
CA ARG D 451 -3.86 0.14 -1.22
C ARG D 451 -4.55 1.19 -2.07
N LEU D 452 -5.16 2.19 -1.45
CA LEU D 452 -5.76 3.32 -2.15
C LEU D 452 -4.65 4.23 -2.64
N SER D 453 -3.61 4.37 -1.82
CA SER D 453 -2.45 5.21 -2.12
C SER D 453 -1.74 4.71 -3.38
N GLU D 454 -2.07 3.50 -3.78
CA GLU D 454 -1.52 2.89 -5.00
C GLU D 454 -2.12 3.62 -6.21
N GLU D 455 -3.07 4.50 -5.95
CA GLU D 455 -3.78 5.22 -7.00
C GLU D 455 -3.67 6.75 -6.85
N LYS D 456 -2.61 7.22 -6.20
CA LYS D 456 -2.36 8.64 -5.99
C LYS D 456 -3.47 9.36 -5.23
N ILE D 457 -4.03 8.70 -4.22
CA ILE D 457 -5.06 9.31 -3.39
C ILE D 457 -4.79 9.15 -1.93
N GLU D 458 -5.06 10.22 -1.19
CA GLU D 458 -4.84 10.23 0.26
C GLU D 458 -6.15 10.33 1.03
N VAL D 459 -6.20 9.58 2.13
CA VAL D 459 -7.40 9.44 2.95
C VAL D 459 -7.66 10.60 3.86
N ILE D 460 -8.63 11.44 3.53
CA ILE D 460 -8.91 12.55 4.40
C ILE D 460 -9.44 12.15 5.76
N ASP D 461 -10.48 11.32 5.83
CA ASP D 461 -11.08 10.91 7.13
C ASP D 461 -11.77 9.51 7.20
N PHE D 462 -12.18 9.10 8.41
CA PHE D 462 -12.83 7.78 8.62
C PHE D 462 -13.67 7.58 9.91
N SER D 463 -14.50 6.54 9.96
CA SER D 463 -15.37 6.25 11.13
C SER D 463 -15.70 4.76 11.33
N SER D 464 -16.52 4.43 12.34
CA SER D 464 -16.89 3.03 12.64
C SER D 464 -18.25 2.87 13.37
N TYR D 465 -18.83 1.66 13.32
CA TYR D 465 -20.14 1.39 13.94
C TYR D 465 -20.43 -0.09 14.28
N ILE D 466 -21.30 -0.32 15.28
CA ILE D 466 -21.73 -1.66 15.67
C ILE D 466 -23.22 -1.85 15.75
N ASP D 467 -23.73 -2.87 15.07
CA ASP D 467 -25.18 -3.12 15.06
C ASP D 467 -25.56 -4.44 15.74
N VAL D 468 -26.43 -4.34 16.73
CA VAL D 468 -26.89 -5.52 17.45
C VAL D 468 -28.20 -6.03 16.83
N SER D 469 -28.66 -5.36 15.78
CA SER D 469 -29.86 -5.83 15.10
C SER D 469 -29.53 -7.16 14.45
N THR D 470 -28.42 -7.16 13.70
CA THR D 470 -27.95 -8.34 13.00
C THR D 470 -27.40 -9.42 13.91
N ASP D 471 -27.28 -10.62 13.35
CA ASP D 471 -26.71 -11.77 14.03
C ASP D 471 -25.90 -12.53 12.99
N PRO D 472 -24.58 -12.64 13.19
CA PRO D 472 -23.83 -12.03 14.29
C PRO D 472 -23.61 -10.55 14.02
N GLY D 473 -23.53 -9.73 15.06
CA GLY D 473 -23.38 -8.29 14.88
C GLY D 473 -22.20 -7.98 13.97
N HIS D 474 -22.40 -7.03 13.05
CA HIS D 474 -21.35 -6.69 12.11
C HIS D 474 -20.94 -5.22 12.20
N TYR D 475 -19.63 -5.05 12.28
CA TYR D 475 -19.00 -3.74 12.33
C TYR D 475 -19.06 -3.10 10.96
N ALA D 476 -19.18 -1.78 10.92
CA ALA D 476 -19.22 -1.08 9.64
C ALA D 476 -18.44 0.22 9.76
N ILE D 477 -17.38 0.35 8.95
CA ILE D 477 -16.53 1.53 9.02
C ILE D 477 -16.46 2.36 7.78
N PHE D 478 -16.59 3.67 7.95
CA PHE D 478 -16.62 4.61 6.81
C PHE D 478 -15.30 5.22 6.42
N TRP D 479 -15.20 5.59 5.14
CA TRP D 479 -14.01 6.22 4.60
C TRP D 479 -14.25 7.48 3.79
N GLU D 480 -13.27 8.38 3.84
CA GLU D 480 -13.29 9.59 3.05
C GLU D 480 -12.00 9.70 2.27
N ILE D 481 -12.09 9.58 0.95
CA ILE D 481 -10.91 9.59 0.11
C ILE D 481 -10.93 10.47 -1.08
N SER D 482 -9.74 10.82 -1.56
CA SER D 482 -9.59 11.73 -2.70
C SER D 482 -10.15 11.18 -4.01
N GLY D 483 -9.93 9.90 -4.28
CA GLY D 483 -10.39 9.36 -5.55
C GLY D 483 -11.08 8.01 -5.59
N GLU D 484 -11.92 7.86 -6.60
CA GLU D 484 -12.68 6.64 -6.85
C GLU D 484 -11.80 5.47 -7.27
N THR D 485 -12.06 4.30 -6.71
CA THR D 485 -11.31 3.10 -7.06
C THR D 485 -12.26 1.90 -7.14
N ASN D 486 -11.74 0.78 -7.64
CA ASN D 486 -12.54 -0.43 -7.84
C ASN D 486 -12.91 -1.20 -6.56
N GLU D 487 -13.90 -2.07 -6.69
CA GLU D 487 -14.44 -2.85 -5.58
C GLU D 487 -13.45 -3.81 -4.92
N ASP D 488 -12.61 -4.47 -5.73
CA ASP D 488 -11.70 -5.49 -5.23
C ASP D 488 -10.72 -4.99 -4.18
N VAL D 489 -10.09 -3.85 -4.44
CA VAL D 489 -9.17 -3.28 -3.46
C VAL D 489 -9.94 -2.95 -2.20
N LEU D 490 -11.17 -2.46 -2.36
CA LEU D 490 -12.00 -2.06 -1.24
C LEU D 490 -12.24 -3.25 -0.31
N GLN D 491 -12.63 -4.37 -0.91
CA GLN D 491 -12.85 -5.59 -0.15
C GLN D 491 -11.56 -6.03 0.55
N ASP D 492 -10.44 -5.86 -0.17
CA ASP D 492 -9.16 -6.23 0.38
C ASP D 492 -8.91 -5.46 1.68
N CYS D 493 -9.24 -4.16 1.71
CA CYS D 493 -9.03 -3.43 2.95
C CYS D 493 -10.05 -3.65 4.02
N CYS D 494 -11.30 -3.99 3.73
CA CYS D 494 -12.19 -4.24 4.89
C CYS D 494 -11.50 -5.37 5.61
N ASN D 495 -10.92 -6.24 4.79
CA ASN D 495 -10.14 -7.31 5.34
C ASN D 495 -9.03 -6.66 6.18
N CYS D 496 -8.41 -5.61 5.65
CA CYS D 496 -7.32 -4.94 6.39
C CYS D 496 -7.71 -4.25 7.70
N LEU D 497 -8.85 -3.57 7.77
CA LEU D 497 -9.29 -2.90 9.00
C LEU D 497 -9.61 -3.94 10.06
N ASP D 498 -10.14 -5.07 9.62
CA ASP D 498 -10.39 -6.12 10.58
C ASP D 498 -9.06 -6.57 11.11
N ARG D 499 -8.14 -6.78 10.19
CA ARG D 499 -6.80 -7.23 10.54
C ARG D 499 -6.05 -6.14 11.28
N ALA D 500 -6.56 -4.93 11.19
CA ALA D 500 -6.00 -3.73 11.79
C ALA D 500 -6.06 -3.64 13.29
N PHE D 501 -7.11 -4.18 13.89
CA PHE D 501 -7.23 -4.10 15.33
C PHE D 501 -6.40 -5.26 15.81
N ILE D 502 -5.15 -4.95 16.15
CA ILE D 502 -4.18 -5.97 16.53
C ILE D 502 -4.30 -6.66 17.86
N ASP D 503 -5.19 -6.21 18.73
CA ASP D 503 -5.34 -6.86 20.03
C ASP D 503 -5.88 -8.25 19.83
N ALA D 504 -5.65 -9.09 20.83
CA ALA D 504 -6.11 -10.47 20.91
C ALA D 504 -7.63 -10.64 20.87
N GLY D 505 -8.35 -9.69 21.45
CA GLY D 505 -9.80 -9.81 21.56
C GLY D 505 -10.70 -9.86 20.35
N TYR D 506 -10.51 -8.88 19.46
CA TYR D 506 -11.29 -8.73 18.27
C TYR D 506 -11.12 -10.06 17.57
N VAL D 507 -9.87 -10.52 17.59
CA VAL D 507 -9.54 -11.79 16.96
C VAL D 507 -10.29 -12.95 17.56
N SER D 508 -10.33 -13.09 18.87
CA SER D 508 -11.06 -14.25 19.38
C SER D 508 -12.55 -14.22 19.03
N SER D 509 -13.16 -13.04 19.01
CA SER D 509 -14.59 -13.01 18.68
C SER D 509 -14.92 -13.35 17.26
N ARG D 510 -14.27 -12.64 16.35
CA ARG D 510 -14.52 -12.89 14.94
C ARG D 510 -14.07 -14.28 14.53
N LYS D 511 -12.96 -14.77 15.09
CA LYS D 511 -12.54 -16.12 14.78
C LYS D 511 -13.57 -17.12 15.31
N CYS D 512 -14.27 -16.69 16.37
CA CYS D 512 -15.37 -17.44 16.98
C CYS D 512 -16.67 -17.00 16.28
N LYS D 513 -16.56 -15.94 15.50
CA LYS D 513 -17.63 -15.38 14.64
C LYS D 513 -18.91 -14.94 15.36
N THR D 514 -18.85 -14.77 16.68
CA THR D 514 -20.03 -14.35 17.44
C THR D 514 -20.39 -12.91 17.04
N ILE D 515 -19.50 -12.30 16.25
CA ILE D 515 -19.71 -10.99 15.68
C ILE D 515 -19.43 -11.17 14.23
N GLY D 516 -20.23 -10.53 13.38
CA GLY D 516 -20.10 -10.70 11.94
C GLY D 516 -18.90 -10.03 11.32
N ALA D 517 -18.65 -10.38 10.05
CA ALA D 517 -17.54 -9.79 9.36
C ALA D 517 -17.80 -8.30 9.21
N LEU D 518 -16.77 -7.49 9.48
CA LEU D 518 -16.88 -6.05 9.37
C LEU D 518 -17.12 -5.67 7.92
N GLU D 519 -18.10 -4.79 7.73
CA GLU D 519 -18.53 -4.33 6.43
C GLU D 519 -17.90 -2.99 6.08
N LEU D 520 -17.09 -2.97 5.03
CA LEU D 520 -16.50 -1.72 4.60
C LEU D 520 -17.47 -1.08 3.66
N ARG D 521 -18.33 -0.25 4.21
CA ARG D 521 -19.25 0.46 3.37
C ARG D 521 -18.54 1.72 2.95
N VAL D 522 -17.68 1.63 1.93
CA VAL D 522 -16.95 2.81 1.51
C VAL D 522 -17.94 3.81 0.99
N VAL D 523 -17.83 5.00 1.55
CA VAL D 523 -18.69 6.08 1.21
C VAL D 523 -17.83 7.12 0.54
N ALA D 524 -18.48 7.98 -0.21
CA ALA D 524 -17.84 9.02 -0.97
C ALA D 524 -17.34 10.23 -0.16
N LYS D 525 -16.47 11.03 -0.77
CA LYS D 525 -15.86 12.17 -0.10
C LYS D 525 -16.89 13.22 0.32
N GLY D 526 -16.55 13.96 1.37
CA GLY D 526 -17.41 15.01 1.89
C GLY D 526 -18.30 14.67 3.09
N THR D 527 -18.39 13.39 3.45
CA THR D 527 -19.24 13.00 4.59
C THR D 527 -18.82 13.67 5.90
N PHE D 528 -17.53 13.60 6.18
CA PHE D 528 -16.99 14.21 7.39
C PHE D 528 -17.23 15.67 7.34
N ARG D 529 -17.17 16.20 6.13
CA ARG D 529 -17.43 17.61 5.94
C ARG D 529 -18.85 17.86 6.38
N LYS D 530 -19.75 16.95 6.07
CA LYS D 530 -21.15 17.13 6.46
C LYS D 530 -21.24 17.20 7.98
N ILE D 531 -20.60 16.24 8.65
CA ILE D 531 -20.66 16.27 10.12
C ILE D 531 -20.02 17.44 10.80
N GLN D 532 -18.80 17.80 10.41
CA GLN D 532 -18.18 18.97 11.01
C GLN D 532 -18.94 20.24 10.63
N GLU D 533 -19.39 20.32 9.38
CA GLU D 533 -20.11 21.51 8.89
C GLU D 533 -21.37 21.73 9.68
N HIS D 534 -22.06 20.65 10.06
CA HIS D 534 -23.22 20.88 10.93
C HIS D 534 -22.70 21.26 12.32
N PHE D 535 -21.50 20.78 12.65
CA PHE D 535 -20.91 21.04 13.98
C PHE D 535 -20.47 22.46 14.36
N LEU D 536 -19.74 23.19 13.52
CA LEU D 536 -19.37 24.55 13.95
C LEU D 536 -20.60 25.40 14.14
N GLY D 537 -21.55 25.25 13.21
CA GLY D 537 -22.78 26.00 13.22
C GLY D 537 -23.60 25.67 14.44
N LEU D 538 -23.36 24.49 15.01
CA LEU D 538 -24.12 24.04 16.18
C LEU D 538 -24.15 25.12 17.24
N GLY D 539 -25.37 25.46 17.66
CA GLY D 539 -25.56 26.53 18.60
C GLY D 539 -24.90 26.16 19.90
N SER D 540 -23.97 27.03 20.30
CA SER D 540 -23.16 26.89 21.50
C SER D 540 -21.96 27.83 21.40
N SER D 541 -20.79 27.21 21.46
CA SER D 541 -19.52 27.88 21.27
C SER D 541 -18.76 26.93 20.36
N ALA D 542 -18.04 27.48 19.40
CA ALA D 542 -17.38 26.72 18.33
C ALA D 542 -16.47 25.55 18.73
N GLY D 543 -16.56 25.07 19.97
CA GLY D 543 -15.76 23.94 20.38
C GLY D 543 -16.50 22.67 19.98
N GLN D 544 -16.52 22.41 18.68
CA GLN D 544 -17.28 21.28 18.15
C GLN D 544 -16.59 20.40 17.09
N PHE D 545 -15.27 20.23 17.20
CA PHE D 545 -14.59 19.47 16.14
C PHE D 545 -13.88 18.16 16.45
N LYS D 546 -13.98 17.65 17.67
CA LYS D 546 -13.35 16.36 17.92
C LYS D 546 -14.47 15.37 17.66
N MET D 547 -14.22 14.48 16.71
CA MET D 547 -15.21 13.52 16.23
C MET D 547 -15.14 12.12 16.84
N PRO D 548 -16.31 11.54 17.15
CA PRO D 548 -16.36 10.19 17.72
C PRO D 548 -16.03 9.16 16.64
N ARG D 549 -14.99 8.38 16.90
CA ARG D 549 -14.49 7.35 15.99
C ARG D 549 -15.33 6.09 15.71
N CYS D 550 -16.09 5.63 16.69
CA CYS D 550 -16.92 4.44 16.47
C CYS D 550 -18.24 4.68 17.14
N VAL D 551 -19.31 4.17 16.55
CA VAL D 551 -20.62 4.43 17.10
C VAL D 551 -21.43 3.17 17.46
N LYS D 552 -21.96 3.18 18.68
CA LYS D 552 -22.83 2.12 19.15
C LYS D 552 -24.26 2.55 18.86
N PRO D 553 -25.28 1.93 19.50
CA PRO D 553 -26.62 2.40 19.20
C PRO D 553 -26.87 3.84 19.67
N SER D 554 -25.84 4.59 20.06
CA SER D 554 -26.04 5.96 20.56
C SER D 554 -25.41 7.14 19.78
N ASN D 555 -24.92 6.96 18.55
CA ASN D 555 -24.40 8.10 17.75
C ASN D 555 -25.24 8.19 16.51
N ALA D 556 -25.82 9.34 16.24
CA ALA D 556 -26.75 9.45 15.12
C ALA D 556 -26.42 10.36 13.92
N LYS D 557 -25.61 11.38 14.14
CA LYS D 557 -25.30 12.33 13.09
C LYS D 557 -24.64 11.66 11.89
N VAL D 558 -23.84 10.64 12.16
CA VAL D 558 -23.16 9.90 11.11
C VAL D 558 -24.01 8.72 10.65
N LEU D 559 -25.05 8.39 11.43
CA LEU D 559 -25.92 7.26 11.11
C LEU D 559 -26.75 7.39 9.84
N GLN D 560 -27.41 8.53 9.65
CA GLN D 560 -28.18 8.74 8.42
C GLN D 560 -27.19 8.75 7.26
N ILE D 561 -26.03 9.35 7.53
CA ILE D 561 -24.94 9.47 6.57
C ILE D 561 -24.28 8.19 6.16
N LEU D 562 -24.51 7.16 6.97
CA LEU D 562 -23.91 5.85 6.82
C LEU D 562 -24.28 4.98 5.60
N CYS D 563 -25.58 4.81 5.41
CA CYS D 563 -26.17 3.88 4.44
C CYS D 563 -26.31 4.07 2.94
N GLU D 564 -27.10 5.06 2.56
CA GLU D 564 -27.44 5.27 1.16
C GLU D 564 -26.25 5.58 0.29
N ASN D 565 -25.33 6.38 0.81
CA ASN D 565 -24.21 6.79 0.00
C ASN D 565 -22.99 5.95 -0.01
N VAL D 566 -23.11 4.73 0.46
CA VAL D 566 -21.93 3.92 0.41
C VAL D 566 -21.71 3.64 -1.07
N VAL D 567 -20.58 4.11 -1.59
CA VAL D 567 -20.26 3.89 -2.99
C VAL D 567 -20.13 2.38 -3.18
N SER D 568 -19.63 1.68 -2.15
CA SER D 568 -19.54 0.21 -2.23
C SER D 568 -19.51 -0.39 -0.83
N SER D 569 -20.57 -1.10 -0.43
CA SER D 569 -20.63 -1.69 0.92
C SER D 569 -20.33 -3.17 0.90
N TYR D 570 -19.13 -3.52 1.35
CA TYR D 570 -18.69 -4.92 1.29
C TYR D 570 -18.30 -5.63 2.58
N PHE D 571 -19.00 -6.71 2.89
CA PHE D 571 -18.68 -7.54 4.04
C PHE D 571 -17.32 -8.15 3.72
N SER D 572 -16.37 -8.09 4.66
CA SER D 572 -15.02 -8.59 4.36
C SER D 572 -15.01 -10.06 3.94
N THR D 573 -14.20 -10.32 2.92
CA THR D 573 -14.05 -11.64 2.33
C THR D 573 -13.22 -12.63 3.13
N ALA D 574 -12.56 -12.14 4.17
CA ALA D 574 -11.83 -13.03 5.01
C ALA D 574 -12.90 -13.86 5.67
N PHE D 575 -12.49 -14.87 6.44
CA PHE D 575 -13.43 -15.75 7.13
C PHE D 575 -14.07 -16.71 6.14
N LEU E 10 -65.33 -3.45 46.23
CA LEU E 10 -64.85 -3.53 44.85
C LEU E 10 -65.80 -2.79 43.92
N PRO E 11 -65.42 -1.58 43.48
CA PRO E 11 -66.31 -0.81 42.62
C PRO E 11 -66.48 -1.51 41.28
N ILE E 12 -67.71 -1.91 40.99
CA ILE E 12 -68.00 -2.63 39.75
C ILE E 12 -67.92 -1.88 38.48
N LEU E 13 -67.27 -2.40 37.46
CA LEU E 13 -67.29 -1.68 36.19
C LEU E 13 -68.10 -2.41 35.14
N LEU E 14 -69.00 -1.68 34.49
CA LEU E 14 -69.81 -2.18 33.40
C LEU E 14 -69.06 -1.76 32.16
N ASP E 15 -68.55 -2.73 31.43
CA ASP E 15 -67.77 -2.46 30.22
C ASP E 15 -68.05 -3.40 29.06
N TYR E 16 -67.79 -2.90 27.85
CA TYR E 16 -67.98 -3.66 26.63
C TYR E 16 -66.54 -3.84 26.13
N TRP E 17 -66.20 -5.07 25.72
CA TRP E 17 -64.82 -5.40 25.38
C TRP E 17 -64.20 -4.55 24.22
N PRO E 18 -64.90 -4.40 23.07
CA PRO E 18 -64.30 -3.58 22.00
C PRO E 18 -64.35 -2.07 22.27
N SER E 19 -65.20 -1.66 23.21
CA SER E 19 -65.43 -0.24 23.50
C SER E 19 -64.19 0.50 24.01
N MET E 20 -63.78 1.54 23.29
CA MET E 20 -62.61 2.34 23.63
C MET E 20 -62.75 3.10 24.95
N PHE E 21 -63.88 3.74 25.11
CA PHE E 21 -64.17 4.54 26.30
C PHE E 21 -64.18 3.68 27.58
N GLY E 22 -64.69 2.46 27.43
CA GLY E 22 -64.68 1.51 28.53
C GLY E 22 -63.22 1.22 28.83
N MET E 23 -62.42 1.15 27.77
CA MET E 23 -60.99 0.92 27.91
C MET E 23 -60.42 2.08 28.73
N ARG E 24 -60.88 3.30 28.49
CA ARG E 24 -60.38 4.45 29.25
C ARG E 24 -60.64 4.29 30.74
N ALA E 25 -61.83 3.77 31.06
CA ALA E 25 -62.14 3.56 32.46
C ALA E 25 -61.23 2.50 33.07
N ARG E 26 -61.14 1.35 32.40
CA ARG E 26 -60.35 0.25 32.91
C ARG E 26 -58.87 0.63 33.10
N VAL E 27 -58.34 1.35 32.12
CA VAL E 27 -56.94 1.77 32.13
C VAL E 27 -56.64 2.77 33.23
N ALA E 28 -57.52 3.76 33.44
CA ALA E 28 -57.27 4.71 34.52
C ALA E 28 -57.30 3.93 35.84
N LEU E 29 -58.30 3.05 35.93
CA LEU E 29 -58.54 2.26 37.12
C LEU E 29 -57.37 1.38 37.54
N ARG E 30 -56.77 0.64 36.61
CA ARG E 30 -55.62 -0.18 37.00
C ARG E 30 -54.31 0.60 36.93
N GLU E 31 -54.33 1.80 36.36
CA GLU E 31 -53.14 2.62 36.36
C GLU E 31 -52.91 3.07 37.77
N LYS E 32 -53.99 3.51 38.41
CA LYS E 32 -53.89 3.99 39.79
C LYS E 32 -53.41 2.88 40.73
N GLY E 33 -53.89 1.66 40.52
CA GLY E 33 -53.51 0.57 41.40
C GLY E 33 -54.64 0.18 42.33
N VAL E 34 -55.86 0.57 41.96
CA VAL E 34 -57.03 0.27 42.78
C VAL E 34 -57.80 -0.94 42.24
N GLU E 35 -58.01 -1.92 43.11
CA GLU E 35 -58.68 -3.18 42.76
C GLU E 35 -60.18 -3.06 42.50
N PHE E 36 -60.62 -3.69 41.41
CA PHE E 36 -62.00 -3.66 40.95
C PHE E 36 -62.44 -4.92 40.23
N GLU E 37 -63.74 -5.03 39.94
CA GLU E 37 -64.26 -6.17 39.20
C GLU E 37 -64.88 -5.75 37.86
N TYR E 38 -64.47 -6.43 36.79
CA TYR E 38 -64.98 -6.15 35.45
C TYR E 38 -66.26 -6.92 35.11
N ARG E 39 -67.17 -6.26 34.40
CA ARG E 39 -68.45 -6.83 33.96
C ARG E 39 -68.62 -6.72 32.45
N GLU E 40 -68.87 -7.87 31.81
CA GLU E 40 -69.07 -7.92 30.37
C GLU E 40 -70.57 -7.84 30.11
N GLU E 41 -71.00 -6.76 29.49
CA GLU E 41 -72.42 -6.54 29.20
C GLU E 41 -72.85 -7.04 27.82
N ASP E 42 -73.99 -7.72 27.78
CA ASP E 42 -74.56 -8.16 26.53
C ASP E 42 -75.51 -7.03 26.14
N PHE E 43 -75.28 -6.39 25.00
CA PHE E 43 -76.17 -5.30 24.60
C PHE E 43 -77.56 -5.89 24.43
N SER E 44 -77.61 -7.10 23.92
CA SER E 44 -78.86 -7.82 23.70
C SER E 44 -79.58 -8.09 25.02
N ASN E 45 -78.80 -8.48 26.03
CA ASN E 45 -79.33 -8.76 27.35
C ASN E 45 -78.50 -8.09 28.43
N LYS E 46 -78.67 -6.79 28.54
CA LYS E 46 -77.94 -5.99 29.50
C LYS E 46 -78.28 -6.44 30.92
N SER E 47 -77.32 -6.33 31.82
CA SER E 47 -77.57 -6.75 33.20
C SER E 47 -78.52 -5.77 33.87
N PRO E 48 -79.21 -6.22 34.92
CA PRO E 48 -80.16 -5.35 35.62
C PRO E 48 -79.49 -4.12 36.20
N LEU E 49 -78.22 -4.24 36.55
CA LEU E 49 -77.49 -3.14 37.15
C LEU E 49 -77.37 -1.94 36.22
N LEU E 50 -77.07 -2.19 34.95
CA LEU E 50 -76.97 -1.11 33.97
C LEU E 50 -78.33 -0.44 33.77
N LEU E 51 -79.37 -1.27 33.70
CA LEU E 51 -80.73 -0.80 33.52
C LEU E 51 -81.15 0.11 34.66
N GLN E 52 -80.82 -0.30 35.88
CA GLN E 52 -81.13 0.46 37.08
C GLN E 52 -80.16 1.62 37.26
N SER E 53 -79.09 1.63 36.47
CA SER E 53 -78.06 2.68 36.53
C SER E 53 -78.23 3.75 35.50
N ASN E 54 -78.30 3.32 34.25
CA ASN E 54 -78.39 4.24 33.13
C ASN E 54 -79.60 3.89 32.26
N PRO E 55 -80.81 4.15 32.76
CA PRO E 55 -82.04 3.87 32.00
C PRO E 55 -82.14 4.72 30.75
N ILE E 56 -81.63 5.94 30.83
CA ILE E 56 -81.71 6.90 29.74
C ILE E 56 -81.03 6.59 28.44
N HIS E 57 -79.77 6.17 28.53
CA HIS E 57 -78.99 5.81 27.35
C HIS E 57 -78.57 4.35 27.32
N LYS E 58 -78.54 3.70 28.48
CA LYS E 58 -78.15 2.30 28.59
C LYS E 58 -76.71 2.07 28.13
N LYS E 59 -75.86 3.08 28.31
CA LYS E 59 -74.49 3.02 27.80
C LYS E 59 -73.30 3.00 28.78
N ILE E 60 -72.34 2.14 28.44
CA ILE E 60 -71.08 2.00 29.14
C ILE E 60 -70.08 3.01 28.68
N PRO E 61 -68.99 3.24 29.43
CA PRO E 61 -68.60 2.62 30.70
C PRO E 61 -69.40 3.12 31.90
N VAL E 62 -69.61 2.23 32.86
CA VAL E 62 -70.31 2.59 34.08
C VAL E 62 -69.63 2.03 35.32
N LEU E 63 -69.25 2.86 36.28
CA LEU E 63 -68.61 2.33 37.48
C LEU E 63 -69.57 2.47 38.65
N VAL E 64 -69.79 1.41 39.41
CA VAL E 64 -70.69 1.47 40.55
C VAL E 64 -69.84 1.43 41.80
N HIS E 65 -69.79 2.57 42.47
CA HIS E 65 -68.97 2.73 43.67
C HIS E 65 -69.82 3.16 44.87
N ASN E 66 -69.82 2.33 45.90
CA ASN E 66 -70.51 2.53 47.18
C ASN E 66 -72.02 2.85 47.08
N GLY E 67 -72.69 2.22 46.11
CA GLY E 67 -74.11 2.43 45.89
C GLY E 67 -74.38 3.60 44.98
N LYS E 68 -73.30 4.11 44.40
CA LYS E 68 -73.34 5.26 43.50
C LYS E 68 -72.59 5.06 42.16
N PRO E 69 -73.35 4.97 41.05
CA PRO E 69 -72.80 4.79 39.69
C PRO E 69 -72.34 6.05 38.96
N VAL E 70 -71.20 5.94 38.27
CA VAL E 70 -70.59 6.99 37.47
C VAL E 70 -70.38 6.52 36.04
N CYS E 71 -71.10 7.11 35.10
CA CYS E 71 -70.98 6.73 33.69
C CYS E 71 -70.20 7.80 32.93
N GLU E 72 -69.86 7.51 31.67
CA GLU E 72 -69.11 8.41 30.78
C GLU E 72 -67.63 8.29 31.03
N SER E 73 -66.90 7.82 30.03
CA SER E 73 -65.47 7.54 30.17
C SER E 73 -64.69 8.76 30.60
N LEU E 74 -65.01 9.91 30.04
CA LEU E 74 -64.34 11.11 30.48
C LEU E 74 -64.73 11.42 31.92
N ASN E 75 -66.03 11.36 32.16
CA ASN E 75 -66.61 11.60 33.47
C ASN E 75 -66.15 10.56 34.49
N VAL E 76 -66.19 9.30 34.10
CA VAL E 76 -65.77 8.20 34.98
C VAL E 76 -64.28 8.28 35.30
N VAL E 77 -63.45 8.61 34.32
CA VAL E 77 -62.02 8.72 34.57
C VAL E 77 -61.75 9.88 35.53
N GLN E 78 -62.38 11.02 35.25
CA GLN E 78 -62.19 12.20 36.09
C GLN E 78 -62.59 11.76 37.48
N TYR E 79 -63.59 10.88 37.55
CA TYR E 79 -64.04 10.31 38.80
C TYR E 79 -62.95 9.45 39.45
N VAL E 80 -62.22 8.68 38.67
CA VAL E 80 -61.17 7.83 39.23
C VAL E 80 -60.09 8.70 39.87
N ASP E 81 -59.74 9.78 39.17
CA ASP E 81 -58.74 10.71 39.69
C ASP E 81 -59.17 11.49 40.93
N GLU E 82 -60.41 11.97 40.92
CA GLU E 82 -60.96 12.71 42.05
C GLU E 82 -61.27 11.85 43.29
N ALA E 83 -61.72 10.62 43.05
CA ALA E 83 -62.03 9.67 44.12
C ALA E 83 -60.78 9.18 44.86
N TRP E 84 -59.68 9.06 44.13
CA TRP E 84 -58.41 8.60 44.71
C TRP E 84 -57.28 9.56 44.37
N PRO E 85 -57.28 10.75 45.00
CA PRO E 85 -56.23 11.74 44.77
C PRO E 85 -55.09 11.60 45.76
N GLU E 86 -54.47 10.43 45.85
CA GLU E 86 -53.36 10.27 46.79
C GLU E 86 -52.06 9.72 46.19
N LYS E 87 -52.14 9.11 45.01
CA LYS E 87 -50.91 8.55 44.43
C LYS E 87 -50.52 9.25 43.13
N ASN E 88 -51.00 8.77 41.99
CA ASN E 88 -50.64 9.41 40.73
C ASN E 88 -51.75 10.37 40.28
N PRO E 89 -51.40 11.66 40.17
CA PRO E 89 -52.40 12.63 39.76
C PRO E 89 -52.45 12.77 38.25
N PHE E 90 -53.63 12.49 37.71
CA PHE E 90 -53.89 12.56 36.27
C PHE E 90 -53.77 13.98 35.73
N PHE E 91 -54.15 14.95 36.55
CA PHE E 91 -54.20 16.35 36.16
C PHE E 91 -53.08 17.24 36.67
N PRO E 92 -52.73 18.29 35.91
CA PRO E 92 -51.77 19.27 36.41
C PRO E 92 -52.43 20.01 37.56
N SER E 93 -51.68 20.43 38.57
CA SER E 93 -52.28 21.10 39.73
C SER E 93 -53.01 22.39 39.36
N ASP E 94 -52.45 23.08 38.38
CA ASP E 94 -52.96 24.35 37.89
C ASP E 94 -54.26 24.28 37.11
N PRO E 95 -55.05 25.38 37.13
CA PRO E 95 -56.31 25.42 36.39
C PRO E 95 -56.08 25.30 34.89
N TYR E 96 -55.04 25.97 34.39
CA TYR E 96 -54.70 26.02 32.96
C TYR E 96 -54.22 24.72 32.31
N GLY E 97 -53.33 23.98 32.96
CA GLY E 97 -52.83 22.73 32.40
C GLY E 97 -54.02 21.82 32.25
N ARG E 98 -54.84 21.81 33.30
CA ARG E 98 -56.07 21.05 33.35
C ARG E 98 -57.04 21.55 32.28
N ALA E 99 -56.94 22.84 32.00
CA ALA E 99 -57.81 23.49 31.03
C ALA E 99 -57.55 22.97 29.64
N GLN E 100 -56.29 23.11 29.26
CA GLN E 100 -55.81 22.66 27.98
C GLN E 100 -56.10 21.17 27.90
N ALA E 101 -56.06 20.50 29.05
CA ALA E 101 -56.31 19.07 29.13
C ALA E 101 -57.72 18.73 28.69
N ARG E 102 -58.70 19.36 29.34
CA ARG E 102 -60.09 19.10 29.02
C ARG E 102 -60.29 19.37 27.53
N PHE E 103 -59.54 20.34 27.01
CA PHE E 103 -59.61 20.61 25.59
C PHE E 103 -59.12 19.42 24.78
N TRP E 104 -57.94 18.92 25.11
CA TRP E 104 -57.37 17.82 24.34
C TRP E 104 -58.24 16.55 24.34
N ALA E 105 -58.88 16.23 25.46
CA ALA E 105 -59.80 15.08 25.51
C ALA E 105 -61.15 15.28 24.83
N ASP E 106 -61.73 16.47 24.96
CA ASP E 106 -63.00 16.72 24.30
C ASP E 106 -62.73 16.61 22.81
N PHE E 107 -61.56 17.11 22.45
CA PHE E 107 -61.04 17.11 21.11
C PHE E 107 -60.83 15.69 20.57
N VAL E 108 -60.24 14.82 21.38
CA VAL E 108 -60.06 13.41 20.99
C VAL E 108 -61.42 12.68 20.94
N ASP E 109 -62.32 13.04 21.84
CA ASP E 109 -63.63 12.40 21.95
C ASP E 109 -64.55 12.63 20.77
N LYS E 110 -64.68 13.87 20.30
CA LYS E 110 -65.60 14.12 19.20
C LYS E 110 -65.00 13.95 17.81
N LYS E 111 -64.10 14.85 17.41
CA LYS E 111 -63.55 14.78 16.05
C LYS E 111 -62.83 13.48 15.74
N PHE E 112 -61.95 13.04 16.63
CA PHE E 112 -61.21 11.81 16.37
C PHE E 112 -62.01 10.55 16.27
N THR E 113 -62.84 10.33 17.28
CA THR E 113 -63.67 9.17 17.30
C THR E 113 -64.55 9.20 16.07
N ASP E 114 -64.98 10.40 15.70
CA ASP E 114 -65.84 10.55 14.53
C ASP E 114 -65.14 10.15 13.22
N ALA E 115 -63.93 10.67 12.98
CA ALA E 115 -63.21 10.34 11.75
C ALA E 115 -62.81 8.86 11.68
N GLN E 116 -62.25 8.34 12.77
CA GLN E 116 -61.86 6.93 12.81
C GLN E 116 -63.07 6.00 12.69
N PHE E 117 -64.18 6.42 13.30
CA PHE E 117 -65.42 5.65 13.25
C PHE E 117 -65.81 5.60 11.82
N LYS E 118 -65.60 6.73 11.12
CA LYS E 118 -65.86 6.77 9.70
C LYS E 118 -64.91 5.82 8.96
N VAL E 119 -63.69 5.69 9.47
CA VAL E 119 -62.69 4.81 8.84
C VAL E 119 -63.03 3.31 8.93
N TRP E 120 -63.50 2.83 10.08
CA TRP E 120 -63.84 1.41 10.19
C TRP E 120 -65.31 1.08 10.02
N GLY E 121 -66.16 2.08 10.15
CA GLY E 121 -67.60 1.90 10.06
C GLY E 121 -68.30 2.37 8.79
N LYS E 122 -67.54 2.78 7.78
CA LYS E 122 -68.15 3.28 6.55
C LYS E 122 -67.46 2.73 5.30
N LYS E 123 -68.09 3.00 4.15
CA LYS E 123 -67.55 2.58 2.85
C LYS E 123 -67.60 3.77 1.89
N GLY E 124 -66.75 3.74 0.88
CA GLY E 124 -66.67 4.80 -0.11
C GLY E 124 -66.24 6.20 0.28
N GLU E 125 -67.04 7.20 -0.07
CA GLU E 125 -66.71 8.61 0.16
C GLU E 125 -66.48 8.97 1.62
N GLU E 126 -67.31 8.44 2.51
CA GLU E 126 -67.13 8.71 3.93
C GLU E 126 -65.79 8.14 4.36
N GLN E 127 -65.40 7.01 3.76
CA GLN E 127 -64.11 6.41 4.07
C GLN E 127 -62.93 7.26 3.58
N GLU E 128 -62.95 7.70 2.32
CA GLU E 128 -61.85 8.51 1.79
C GLU E 128 -61.70 9.84 2.51
N ALA E 129 -62.80 10.57 2.63
CA ALA E 129 -62.76 11.84 3.33
C ALA E 129 -62.43 11.57 4.79
N GLY E 130 -62.92 10.45 5.30
CA GLY E 130 -62.71 10.09 6.69
C GLY E 130 -61.25 9.90 7.03
N LYS E 131 -60.53 9.18 6.17
CA LYS E 131 -59.10 8.99 6.36
C LYS E 131 -58.38 10.32 6.17
N LYS E 132 -58.88 11.17 5.27
CA LYS E 132 -58.25 12.50 5.09
C LYS E 132 -58.35 13.27 6.42
N GLU E 133 -59.53 13.23 7.02
CA GLU E 133 -59.79 13.87 8.31
C GLU E 133 -58.94 13.24 9.39
N PHE E 134 -58.70 11.94 9.29
CA PHE E 134 -57.89 11.23 10.26
C PHE E 134 -56.45 11.71 10.18
N ILE E 135 -55.95 11.90 8.96
CA ILE E 135 -54.60 12.40 8.75
C ILE E 135 -54.46 13.77 9.31
N GLU E 136 -55.47 14.60 9.04
CA GLU E 136 -55.45 15.97 9.56
C GLU E 136 -55.40 15.92 11.06
N ALA E 137 -56.21 15.05 11.63
CA ALA E 137 -56.26 14.90 13.06
C ALA E 137 -54.91 14.46 13.64
N VAL E 138 -54.28 13.50 12.98
CA VAL E 138 -53.01 12.95 13.42
C VAL E 138 -51.90 14.04 13.43
N LYS E 139 -51.85 14.84 12.36
CA LYS E 139 -50.85 15.91 12.28
C LYS E 139 -51.16 16.95 13.36
N ILE E 140 -52.43 17.22 13.60
CA ILE E 140 -52.79 18.19 14.64
C ILE E 140 -52.40 17.78 16.04
N LEU E 141 -52.66 16.54 16.42
CA LEU E 141 -52.28 16.07 17.78
C LEU E 141 -50.80 16.09 17.89
N GLU E 142 -50.17 15.73 16.78
CA GLU E 142 -48.73 15.72 16.73
C GLU E 142 -48.22 17.14 17.00
N SER E 143 -48.85 18.13 16.39
CA SER E 143 -48.46 19.52 16.58
C SER E 143 -48.65 20.06 18.00
N GLU E 144 -49.85 19.89 18.57
CA GLU E 144 -50.11 20.39 19.92
C GLU E 144 -49.17 19.67 20.87
N LEU E 145 -48.92 18.41 20.56
CA LEU E 145 -48.03 17.66 21.40
C LEU E 145 -46.65 18.31 21.37
N GLY E 146 -46.30 18.91 20.25
CA GLY E 146 -45.03 19.60 20.11
C GLY E 146 -43.85 18.65 20.05
N ASP E 147 -43.76 17.80 21.07
CA ASP E 147 -42.72 16.79 21.28
C ASP E 147 -42.98 16.24 22.67
N LYS E 148 -44.05 15.46 22.83
CA LYS E 148 -44.56 15.00 24.14
C LYS E 148 -44.50 13.51 24.51
N PRO E 149 -43.89 13.18 25.68
CA PRO E 149 -43.86 11.77 26.11
C PRO E 149 -45.23 11.30 26.57
N TYR E 150 -45.92 12.16 27.30
CA TYR E 150 -47.24 11.85 27.82
C TYR E 150 -48.15 13.01 27.52
N PHE E 151 -49.32 13.07 28.15
CA PHE E 151 -50.27 14.12 27.79
C PHE E 151 -50.74 15.11 28.85
N GLY E 152 -51.36 14.59 29.92
CA GLY E 152 -51.92 15.45 30.94
C GLY E 152 -51.25 15.47 32.30
N GLY E 153 -50.11 14.82 32.41
CA GLY E 153 -49.37 14.79 33.66
C GLY E 153 -47.93 14.51 33.30
N ASP E 154 -47.02 14.75 34.24
CA ASP E 154 -45.61 14.52 34.01
C ASP E 154 -45.42 13.02 33.71
N SER E 155 -46.26 12.22 34.34
CA SER E 155 -46.27 10.78 34.15
C SER E 155 -47.45 10.52 33.24
N PHE E 156 -48.24 9.50 33.55
CA PHE E 156 -49.39 9.17 32.74
C PHE E 156 -50.40 10.30 32.78
N GLY E 157 -50.81 10.76 31.60
CA GLY E 157 -51.76 11.85 31.50
C GLY E 157 -53.23 11.50 31.40
N TYR E 158 -54.06 12.49 31.70
CA TYR E 158 -55.51 12.33 31.66
C TYR E 158 -56.03 12.02 30.27
N VAL E 159 -55.42 12.71 29.30
CA VAL E 159 -55.76 12.56 27.90
C VAL E 159 -54.89 11.45 27.33
N ASP E 160 -53.83 11.11 28.07
CA ASP E 160 -53.01 10.01 27.64
C ASP E 160 -53.94 8.83 27.60
N ILE E 161 -54.61 8.58 28.72
CA ILE E 161 -55.58 7.52 28.77
C ILE E 161 -56.74 7.73 27.85
N SER E 162 -57.06 8.99 27.56
CA SER E 162 -58.16 9.29 26.65
C SER E 162 -57.87 8.78 25.24
N LEU E 163 -56.65 9.01 24.76
CA LEU E 163 -56.28 8.57 23.40
C LEU E 163 -55.60 7.18 23.34
N ILE E 164 -55.18 6.62 24.47
CA ILE E 164 -54.50 5.32 24.48
C ILE E 164 -55.34 4.19 24.01
N THR E 165 -56.64 4.35 24.22
CA THR E 165 -57.61 3.34 23.86
C THR E 165 -57.76 3.18 22.36
N PHE E 166 -57.27 4.18 21.63
CA PHE E 166 -57.35 4.15 20.18
C PHE E 166 -56.14 3.45 19.56
N SER E 167 -55.18 3.08 20.41
CA SER E 167 -53.98 2.38 19.96
C SER E 167 -54.24 0.98 19.48
N SER E 168 -55.18 0.31 20.14
CA SER E 168 -55.54 -1.04 19.75
C SER E 168 -56.12 -0.90 18.37
N TRP E 169 -56.94 0.13 18.25
CA TRP E 169 -57.63 0.46 17.01
C TRP E 169 -56.72 0.95 15.92
N PHE E 170 -55.49 1.34 16.26
CA PHE E 170 -54.56 1.87 15.27
C PHE E 170 -54.30 0.87 14.15
N GLN E 171 -54.25 -0.41 14.50
CA GLN E 171 -54.04 -1.44 13.51
C GLN E 171 -55.26 -1.52 12.56
N ALA E 172 -56.45 -1.39 13.12
CA ALA E 172 -57.69 -1.41 12.34
C ALA E 172 -57.69 -0.21 11.40
N TYR E 173 -57.10 0.88 11.88
CA TYR E 173 -56.99 2.11 11.12
C TYR E 173 -56.05 1.98 9.94
N GLU E 174 -54.86 1.42 10.15
CA GLU E 174 -53.96 1.25 9.03
C GLU E 174 -54.56 0.28 8.03
N LYS E 175 -55.15 -0.81 8.52
CA LYS E 175 -55.74 -1.83 7.65
C LYS E 175 -57.00 -1.45 6.86
N PHE E 176 -58.03 -0.93 7.52
CA PHE E 176 -59.24 -0.48 6.85
C PHE E 176 -58.92 0.78 6.08
N GLY E 177 -58.19 1.68 6.73
CA GLY E 177 -57.79 2.95 6.16
C GLY E 177 -56.83 2.82 4.99
N ASN E 178 -56.07 1.73 4.95
CA ASN E 178 -55.05 1.54 3.92
C ASN E 178 -54.08 2.71 4.00
N PHE E 179 -53.79 3.12 5.23
CA PHE E 179 -52.90 4.23 5.47
C PHE E 179 -51.83 3.90 6.51
N SER E 180 -50.86 4.77 6.65
CA SER E 180 -49.80 4.57 7.62
C SER E 180 -49.74 5.75 8.58
N ILE E 181 -50.28 5.56 9.78
CA ILE E 181 -50.22 6.59 10.80
C ILE E 181 -48.82 6.81 11.26
N GLU E 182 -48.13 5.70 11.49
CA GLU E 182 -46.75 5.69 11.96
C GLU E 182 -45.76 6.30 10.97
N SER E 183 -45.89 5.96 9.70
CA SER E 183 -44.94 6.49 8.73
C SER E 183 -45.03 8.02 8.65
N GLU E 184 -46.25 8.54 8.52
CA GLU E 184 -46.46 9.97 8.49
C GLU E 184 -46.26 10.63 9.87
N SER E 185 -46.78 9.97 10.91
CA SER E 185 -46.69 10.46 12.28
C SER E 185 -46.20 9.35 13.20
N PRO E 186 -44.88 9.10 13.20
CA PRO E 186 -44.36 8.01 14.02
C PRO E 186 -44.61 8.22 15.49
N LYS E 187 -44.52 9.49 15.84
CA LYS E 187 -44.63 9.91 17.20
C LYS E 187 -45.94 9.52 17.89
N LEU E 188 -47.08 9.58 17.21
CA LEU E 188 -48.33 9.23 17.87
C LEU E 188 -48.49 7.75 18.22
N ILE E 189 -48.33 6.88 17.24
CA ILE E 189 -48.46 5.46 17.51
C ILE E 189 -47.39 4.97 18.42
N ALA E 190 -46.19 5.53 18.26
CA ALA E 190 -45.08 5.18 19.14
C ALA E 190 -45.38 5.71 20.54
N TRP E 191 -46.23 6.73 20.63
CA TRP E 191 -46.69 7.28 21.90
C TRP E 191 -47.46 6.17 22.53
N ALA E 192 -48.24 5.51 21.69
CA ALA E 192 -48.99 4.39 22.21
C ALA E 192 -48.02 3.33 22.70
N LYS E 193 -46.99 3.01 21.90
CA LYS E 193 -46.03 1.96 22.26
C LYS E 193 -45.26 2.28 23.57
N ARG E 194 -44.89 3.55 23.81
CA ARG E 194 -44.20 3.86 25.06
C ARG E 194 -45.19 3.54 26.15
N CYS E 195 -46.45 3.96 25.96
CA CYS E 195 -47.47 3.73 26.96
C CYS E 195 -47.65 2.25 27.25
N MET E 196 -47.56 1.42 26.20
CA MET E 196 -47.79 -0.02 26.30
C MET E 196 -46.87 -0.75 27.28
N GLU E 197 -45.80 -0.10 27.71
CA GLU E 197 -44.90 -0.73 28.69
C GLU E 197 -45.61 -0.85 30.02
N LYS E 198 -46.39 0.17 30.35
CA LYS E 198 -47.13 0.25 31.59
C LYS E 198 -48.20 -0.83 31.71
N GLU E 199 -48.41 -1.31 32.93
CA GLU E 199 -49.37 -2.38 33.20
C GLU E 199 -50.81 -2.00 32.86
N SER E 200 -51.18 -0.75 33.10
CA SER E 200 -52.56 -0.35 32.88
C SER E 200 -53.02 -0.57 31.44
N VAL E 201 -52.36 0.06 30.49
CA VAL E 201 -52.68 -0.14 29.07
C VAL E 201 -52.36 -1.56 28.62
N SER E 202 -51.36 -2.17 29.24
CA SER E 202 -50.91 -3.52 28.88
C SER E 202 -51.97 -4.58 29.10
N LYS E 203 -52.69 -4.51 30.22
CA LYS E 203 -53.71 -5.50 30.50
C LYS E 203 -55.13 -5.00 30.22
N SER E 204 -55.27 -3.69 30.13
CA SER E 204 -56.55 -3.03 29.84
C SER E 204 -57.02 -3.20 28.42
N LEU E 205 -56.06 -3.30 27.50
CA LEU E 205 -56.35 -3.33 26.08
C LEU E 205 -56.41 -4.74 25.49
N PRO E 206 -57.57 -5.08 24.92
CA PRO E 206 -57.80 -6.39 24.29
C PRO E 206 -56.88 -6.53 23.11
N ASP E 207 -56.57 -7.75 22.69
CA ASP E 207 -55.64 -7.94 21.59
C ASP E 207 -56.13 -7.19 20.35
N SER E 208 -55.19 -6.59 19.64
CA SER E 208 -55.49 -5.76 18.47
C SER E 208 -56.21 -6.60 17.42
N GLU E 209 -55.91 -7.89 17.46
CA GLU E 209 -56.47 -8.85 16.55
C GLU E 209 -57.97 -8.89 16.74
N LYS E 210 -58.40 -8.93 17.99
CA LYS E 210 -59.82 -8.96 18.26
C LYS E 210 -60.56 -7.70 17.83
N ILE E 211 -60.06 -6.54 18.24
CA ILE E 211 -60.72 -5.29 17.91
C ILE E 211 -60.86 -5.03 16.46
N VAL E 212 -59.79 -5.31 15.71
CA VAL E 212 -59.82 -5.15 14.26
C VAL E 212 -60.74 -6.19 13.65
N ALA E 213 -60.68 -7.43 14.16
CA ALA E 213 -61.47 -8.49 13.58
C ALA E 213 -62.93 -8.19 13.68
N TYR E 214 -63.37 -7.82 14.87
CA TYR E 214 -64.75 -7.45 15.15
C TYR E 214 -65.18 -6.14 14.50
N ALA E 215 -64.26 -5.21 14.27
CA ALA E 215 -64.63 -4.00 13.57
C ALA E 215 -65.01 -4.46 12.16
N ALA E 216 -64.20 -5.37 11.64
CA ALA E 216 -64.44 -5.94 10.31
C ALA E 216 -65.76 -6.71 10.32
N GLU E 217 -66.01 -7.44 11.41
CA GLU E 217 -67.23 -8.23 11.58
C GLU E 217 -68.47 -7.35 11.63
N TYR E 218 -68.34 -6.23 12.33
CA TYR E 218 -69.40 -5.23 12.44
C TYR E 218 -69.66 -4.75 11.03
N ARG E 219 -68.58 -4.67 10.25
CA ARG E 219 -68.70 -4.27 8.85
C ARG E 219 -69.50 -5.33 8.06
N LYS E 220 -69.28 -6.62 8.36
CA LYS E 220 -70.01 -7.69 7.65
C LYS E 220 -71.50 -7.75 7.97
N ASN E 221 -71.83 -7.58 9.24
CA ASN E 221 -73.22 -7.68 9.70
C ASN E 221 -74.21 -6.62 9.21
N ASN E 222 -73.72 -5.44 8.83
CA ASN E 222 -74.63 -4.42 8.32
C ASN E 222 -74.05 -3.78 7.05
N LEU E 223 -74.89 -3.03 6.34
CA LEU E 223 -74.47 -2.41 5.08
C LEU E 223 -75.47 -1.33 4.69
N LEU F 10 -58.45 42.11 32.87
CA LEU F 10 -59.85 41.97 32.50
C LEU F 10 -60.04 40.81 31.53
N PRO F 11 -60.72 39.75 31.98
CA PRO F 11 -60.91 38.57 31.13
C PRO F 11 -61.67 38.99 29.90
N ILE F 12 -61.14 38.71 28.72
CA ILE F 12 -61.85 39.16 27.54
C ILE F 12 -62.65 38.07 26.92
N LEU F 13 -63.93 38.32 26.69
CA LEU F 13 -64.75 37.26 26.12
C LEU F 13 -65.18 37.52 24.69
N LEU F 14 -64.89 36.53 23.85
CA LEU F 14 -65.25 36.58 22.45
C LEU F 14 -66.58 35.85 22.43
N ASP F 15 -67.65 36.60 22.21
CA ASP F 15 -69.00 36.04 22.26
C ASP F 15 -69.94 36.45 21.13
N TYR F 16 -71.08 35.77 21.11
CA TYR F 16 -72.13 35.98 20.12
C TYR F 16 -73.44 36.21 20.88
N TRP F 17 -74.26 37.15 20.45
CA TRP F 17 -75.51 37.44 21.15
C TRP F 17 -76.50 36.25 21.22
N PRO F 18 -76.55 35.39 20.19
CA PRO F 18 -77.50 34.26 20.23
C PRO F 18 -76.83 32.93 20.54
N SER F 19 -75.66 32.93 21.15
CA SER F 19 -75.02 31.66 21.45
C SER F 19 -75.42 31.23 22.85
N MET F 20 -76.10 30.09 22.94
CA MET F 20 -76.55 29.53 24.21
C MET F 20 -75.33 29.16 25.03
N PHE F 21 -74.32 28.69 24.33
CA PHE F 21 -73.05 28.32 24.93
C PHE F 21 -72.36 29.58 25.43
N GLY F 22 -72.47 30.64 24.63
CA GLY F 22 -71.92 31.92 25.02
C GLY F 22 -72.64 32.37 26.27
N MET F 23 -73.95 32.12 26.29
CA MET F 23 -74.74 32.49 27.44
C MET F 23 -74.33 31.79 28.69
N ARG F 24 -74.15 30.47 28.65
CA ARG F 24 -73.72 29.76 29.86
C ARG F 24 -72.33 30.24 30.26
N ALA F 25 -71.51 30.64 29.29
CA ALA F 25 -70.18 31.16 29.63
C ALA F 25 -70.34 32.44 30.48
N ARG F 26 -71.14 33.38 29.97
CA ARG F 26 -71.42 34.61 30.70
C ARG F 26 -72.13 34.33 32.02
N VAL F 27 -73.00 33.34 32.00
CA VAL F 27 -73.78 32.91 33.16
C VAL F 27 -72.81 32.42 34.21
N ALA F 28 -71.80 31.68 33.76
CA ALA F 28 -70.82 31.09 34.64
C ALA F 28 -70.01 32.14 35.37
N LEU F 29 -69.40 33.04 34.61
CA LEU F 29 -68.62 34.06 35.27
C LEU F 29 -69.47 35.02 36.11
N ARG F 30 -70.61 35.42 35.57
CA ARG F 30 -71.52 36.33 36.25
C ARG F 30 -71.99 35.66 37.53
N GLU F 31 -72.10 34.34 37.49
CA GLU F 31 -72.49 33.52 38.64
C GLU F 31 -71.42 33.56 39.71
N LYS F 32 -70.16 33.39 39.31
CA LYS F 32 -69.10 33.44 40.29
C LYS F 32 -68.99 34.86 40.81
N GLY F 33 -68.80 35.80 39.87
CA GLY F 33 -68.72 37.21 40.19
C GLY F 33 -67.44 37.83 39.67
N VAL F 34 -67.50 38.29 38.43
CA VAL F 34 -66.41 38.97 37.76
C VAL F 34 -66.95 39.99 36.77
N GLU F 35 -66.39 41.20 36.77
CA GLU F 35 -66.79 42.19 35.80
C GLU F 35 -65.98 41.83 34.56
N PHE F 36 -66.63 41.69 33.41
CA PHE F 36 -65.89 41.26 32.21
C PHE F 36 -66.29 42.04 30.97
N GLU F 37 -65.38 42.07 30.00
CA GLU F 37 -65.61 42.76 28.74
C GLU F 37 -66.10 41.74 27.71
N TYR F 38 -67.20 42.08 27.04
CA TYR F 38 -67.81 41.20 26.04
C TYR F 38 -67.68 41.81 24.65
N ARG F 39 -67.22 41.00 23.70
CA ARG F 39 -67.11 41.46 22.32
C ARG F 39 -67.98 40.63 21.38
N GLU F 40 -68.88 41.32 20.68
CA GLU F 40 -69.80 40.68 19.74
C GLU F 40 -69.04 40.36 18.47
N GLU F 41 -69.22 39.12 18.01
CA GLU F 41 -68.52 38.68 16.82
C GLU F 41 -69.41 38.48 15.62
N ASP F 42 -69.00 39.08 14.50
CA ASP F 42 -69.68 38.85 13.25
C ASP F 42 -68.83 37.69 12.77
N PHE F 43 -69.36 36.48 12.81
CA PHE F 43 -68.59 35.29 12.43
C PHE F 43 -68.14 35.35 10.99
N SER F 44 -68.73 36.27 10.25
CA SER F 44 -68.35 36.52 8.88
C SER F 44 -66.89 36.97 8.90
N ASN F 45 -66.53 37.71 9.93
CA ASN F 45 -65.15 38.15 10.11
C ASN F 45 -64.66 37.77 11.51
N LYS F 46 -64.29 36.50 11.65
CA LYS F 46 -63.81 36.03 12.94
C LYS F 46 -62.59 36.91 13.25
N SER F 47 -62.54 37.42 14.48
CA SER F 47 -61.49 38.34 14.89
C SER F 47 -60.09 37.69 15.05
N PRO F 48 -59.01 38.51 15.02
CA PRO F 48 -57.63 38.01 15.13
C PRO F 48 -57.42 37.27 16.45
N LEU F 49 -58.05 37.78 17.50
CA LEU F 49 -57.96 37.15 18.81
C LEU F 49 -58.53 35.72 18.74
N LEU F 50 -59.71 35.57 18.14
CA LEU F 50 -60.31 34.25 17.99
C LEU F 50 -59.46 33.36 17.08
N LEU F 51 -59.02 33.93 15.96
CA LEU F 51 -58.25 33.16 14.98
C LEU F 51 -57.01 32.57 15.63
N GLN F 52 -56.38 33.35 16.50
CA GLN F 52 -55.23 32.80 17.21
C GLN F 52 -55.69 31.73 18.21
N SER F 53 -56.71 32.07 18.99
CA SER F 53 -57.20 31.19 20.06
C SER F 53 -57.73 29.83 19.60
N ASN F 54 -58.61 29.86 18.61
CA ASN F 54 -59.23 28.67 18.06
C ASN F 54 -59.11 28.73 16.54
N PRO F 55 -57.89 28.51 16.03
CA PRO F 55 -57.71 28.65 14.58
C PRO F 55 -58.49 27.65 13.75
N ILE F 56 -58.44 26.38 14.11
CA ILE F 56 -59.17 25.38 13.36
C ILE F 56 -60.66 25.48 13.46
N HIS F 57 -61.19 25.48 14.68
CA HIS F 57 -62.64 25.60 14.88
C HIS F 57 -63.21 26.99 14.60
N LYS F 58 -62.55 28.01 15.15
CA LYS F 58 -62.99 29.42 15.01
C LYS F 58 -64.36 29.63 15.64
N LYS F 59 -64.62 28.91 16.72
CA LYS F 59 -65.89 28.98 17.42
C LYS F 59 -65.82 29.74 18.75
N ILE F 60 -67.00 30.04 19.29
CA ILE F 60 -67.14 30.75 20.55
C ILE F 60 -68.05 29.93 21.43
N PRO F 61 -68.13 30.23 22.74
CA PRO F 61 -67.47 31.32 23.47
C PRO F 61 -66.01 31.10 23.72
N VAL F 62 -65.30 32.19 23.89
CA VAL F 62 -63.89 32.12 24.18
C VAL F 62 -63.53 33.10 25.27
N LEU F 63 -62.84 32.62 26.30
CA LEU F 63 -62.44 33.54 27.35
C LEU F 63 -60.92 33.62 27.33
N VAL F 64 -60.41 34.82 27.54
CA VAL F 64 -58.97 35.01 27.57
C VAL F 64 -58.60 35.53 28.94
N HIS F 65 -57.81 34.70 29.62
CA HIS F 65 -57.28 34.98 30.95
C HIS F 65 -55.78 34.76 30.87
N ASN F 66 -54.96 35.69 31.35
CA ASN F 66 -53.49 35.54 31.28
C ASN F 66 -53.02 35.54 29.83
N GLY F 67 -53.82 36.14 28.96
CA GLY F 67 -53.52 36.18 27.54
C GLY F 67 -53.48 34.75 27.06
N LYS F 68 -54.29 33.92 27.70
CA LYS F 68 -54.43 32.51 27.35
C LYS F 68 -55.86 32.24 26.95
N PRO F 69 -56.04 31.51 25.83
CA PRO F 69 -57.38 31.23 25.31
C PRO F 69 -58.00 29.94 25.79
N VAL F 70 -59.16 30.04 26.42
CA VAL F 70 -59.88 28.87 26.83
C VAL F 70 -61.16 28.90 25.98
N CYS F 71 -61.59 27.74 25.51
CA CYS F 71 -62.72 27.64 24.61
C CYS F 71 -63.70 26.56 25.03
N GLU F 72 -64.85 26.52 24.35
CA GLU F 72 -65.90 25.54 24.57
C GLU F 72 -66.67 25.93 25.81
N SER F 73 -67.98 25.73 25.76
CA SER F 73 -68.85 26.19 26.81
C SER F 73 -68.67 25.62 28.22
N LEU F 74 -68.78 24.31 28.34
CA LEU F 74 -68.64 23.68 29.63
C LEU F 74 -67.22 23.93 30.13
N ASN F 75 -66.28 23.91 29.20
CA ASN F 75 -64.90 24.10 29.58
C ASN F 75 -64.79 25.47 30.21
N VAL F 76 -65.35 26.49 29.55
CA VAL F 76 -65.28 27.84 30.06
C VAL F 76 -65.87 27.95 31.46
N VAL F 77 -67.09 27.43 31.66
CA VAL F 77 -67.72 27.54 32.99
C VAL F 77 -66.90 26.85 34.09
N GLN F 78 -66.37 25.67 33.76
CA GLN F 78 -65.56 24.95 34.73
C GLN F 78 -64.31 25.79 35.04
N TYR F 79 -63.81 26.51 34.05
CA TYR F 79 -62.67 27.40 34.28
C TYR F 79 -63.07 28.52 35.20
N VAL F 80 -64.32 28.93 35.11
CA VAL F 80 -64.83 29.98 35.96
C VAL F 80 -64.79 29.48 37.40
N ASP F 81 -65.17 28.23 37.62
CA ASP F 81 -65.08 27.66 38.96
C ASP F 81 -63.61 27.53 39.39
N GLU F 82 -62.77 27.16 38.44
CA GLU F 82 -61.34 26.94 38.64
C GLU F 82 -60.49 28.18 38.97
N ALA F 83 -60.72 29.28 38.27
CA ALA F 83 -59.98 30.52 38.47
C ALA F 83 -60.20 31.19 39.83
N TRP F 84 -61.43 31.11 40.35
CA TRP F 84 -61.74 31.76 41.62
C TRP F 84 -62.22 30.75 42.66
N PRO F 85 -61.28 30.07 43.34
CA PRO F 85 -61.58 29.02 44.33
C PRO F 85 -61.82 29.51 45.76
N GLU F 86 -62.99 30.09 46.05
CA GLU F 86 -63.28 30.55 47.40
C GLU F 86 -64.73 30.97 47.63
N LYS F 87 -65.36 31.54 46.62
CA LYS F 87 -66.72 32.07 46.79
C LYS F 87 -67.90 31.19 46.34
N ASN F 88 -68.26 31.25 45.07
CA ASN F 88 -69.40 30.50 44.55
C ASN F 88 -69.02 29.22 43.83
N PRO F 89 -69.18 28.06 44.48
CA PRO F 89 -68.81 26.83 43.80
C PRO F 89 -70.02 26.15 43.16
N PHE F 90 -69.91 25.77 41.89
CA PHE F 90 -71.03 25.09 41.24
C PHE F 90 -71.25 23.67 41.78
N PHE F 91 -70.18 22.99 42.20
CA PHE F 91 -70.25 21.60 42.64
C PHE F 91 -70.57 21.22 44.09
N PRO F 92 -71.03 19.97 44.27
CA PRO F 92 -71.18 19.34 45.57
C PRO F 92 -69.77 19.01 46.06
N SER F 93 -69.56 18.74 47.34
CA SER F 93 -68.22 18.44 47.85
C SER F 93 -67.62 17.13 47.34
N ASP F 94 -68.48 16.15 47.13
CA ASP F 94 -68.11 14.81 46.71
C ASP F 94 -67.79 14.70 45.21
N PRO F 95 -66.93 13.72 44.84
CA PRO F 95 -66.61 13.42 43.45
C PRO F 95 -67.80 12.79 42.74
N TYR F 96 -68.66 12.12 43.48
CA TYR F 96 -69.82 11.47 42.90
C TYR F 96 -70.80 12.49 42.34
N GLY F 97 -71.14 13.48 43.17
CA GLY F 97 -72.03 14.56 42.75
C GLY F 97 -71.38 15.30 41.60
N ARG F 98 -70.06 15.35 41.64
CA ARG F 98 -69.28 15.98 40.60
C ARG F 98 -69.57 15.24 39.29
N ALA F 99 -69.48 13.91 39.36
CA ALA F 99 -69.75 13.08 38.21
C ALA F 99 -71.18 13.24 37.71
N GLN F 100 -72.11 13.43 38.65
CA GLN F 100 -73.51 13.61 38.30
C GLN F 100 -73.74 14.89 37.50
N ALA F 101 -73.14 15.98 37.95
CA ALA F 101 -73.25 17.25 37.25
C ALA F 101 -72.62 17.18 35.85
N ARG F 102 -71.46 16.52 35.73
CA ARG F 102 -70.86 16.39 34.39
C ARG F 102 -71.75 15.50 33.52
N PHE F 103 -72.33 14.46 34.11
CA PHE F 103 -73.17 13.50 33.41
C PHE F 103 -74.40 14.19 32.79
N TRP F 104 -75.10 14.94 33.63
CA TRP F 104 -76.25 15.68 33.16
C TRP F 104 -75.81 16.76 32.15
N ALA F 105 -74.64 17.35 32.36
CA ALA F 105 -74.17 18.34 31.40
C ALA F 105 -74.05 17.65 30.04
N ASP F 106 -73.61 16.39 30.09
CA ASP F 106 -73.45 15.58 28.89
C ASP F 106 -74.75 15.31 28.16
N PHE F 107 -75.83 15.03 28.90
CA PHE F 107 -77.10 14.83 28.20
C PHE F 107 -77.56 16.17 27.63
N VAL F 108 -77.27 17.27 28.34
CA VAL F 108 -77.66 18.57 27.84
C VAL F 108 -76.98 18.80 26.48
N ASP F 109 -75.69 18.51 26.43
CA ASP F 109 -74.88 18.71 25.23
C ASP F 109 -75.27 17.93 23.97
N LYS F 110 -75.63 16.66 24.10
CA LYS F 110 -75.87 15.82 22.92
C LYS F 110 -77.28 15.79 22.33
N LYS F 111 -78.16 14.97 22.91
CA LYS F 111 -79.53 14.82 22.42
C LYS F 111 -80.36 16.10 22.54
N PHE F 112 -80.17 16.82 23.63
CA PHE F 112 -80.96 18.03 23.88
C PHE F 112 -80.68 19.14 22.86
N THR F 113 -79.42 19.49 22.68
CA THR F 113 -79.05 20.55 21.74
C THR F 113 -79.49 20.23 20.32
N ASP F 114 -79.21 19.00 19.90
CA ASP F 114 -79.59 18.55 18.57
C ASP F 114 -81.11 18.54 18.39
N ALA F 115 -81.85 18.11 19.41
CA ALA F 115 -83.32 18.07 19.34
C ALA F 115 -83.92 19.46 19.18
N GLN F 116 -83.44 20.38 20.00
CA GLN F 116 -83.93 21.76 19.93
C GLN F 116 -83.56 22.32 18.56
N PHE F 117 -82.35 22.00 18.11
CA PHE F 117 -81.87 22.47 16.81
C PHE F 117 -82.86 21.99 15.75
N LYS F 118 -83.33 20.75 15.92
CA LYS F 118 -84.28 20.17 15.01
C LYS F 118 -85.61 20.91 15.01
N VAL F 119 -86.11 21.24 16.20
CA VAL F 119 -87.39 21.95 16.28
C VAL F 119 -87.33 23.37 15.68
N TRP F 120 -86.30 24.18 15.94
CA TRP F 120 -86.29 25.54 15.35
C TRP F 120 -85.65 25.70 13.95
N GLY F 121 -84.76 24.79 13.54
CA GLY F 121 -84.08 24.96 12.25
C GLY F 121 -84.32 23.99 11.11
N LYS F 122 -85.24 23.05 11.27
CA LYS F 122 -85.56 22.06 10.24
C LYS F 122 -87.07 21.97 10.10
N LYS F 123 -87.57 21.24 9.10
CA LYS F 123 -89.02 21.13 8.93
C LYS F 123 -89.44 19.78 8.36
N GLY F 124 -90.76 19.57 8.32
CA GLY F 124 -91.31 18.35 7.76
C GLY F 124 -90.98 17.06 8.47
N GLU F 125 -90.30 16.17 7.74
CA GLU F 125 -89.94 14.85 8.25
C GLU F 125 -88.99 14.87 9.45
N GLU F 126 -87.96 15.72 9.39
CA GLU F 126 -87.03 15.82 10.52
C GLU F 126 -87.71 16.42 11.74
N GLN F 127 -88.60 17.37 11.50
CA GLN F 127 -89.23 18.12 12.57
C GLN F 127 -89.96 17.26 13.59
N GLU F 128 -90.77 16.31 13.14
CA GLU F 128 -91.54 15.46 14.05
C GLU F 128 -90.64 14.59 14.94
N ALA F 129 -89.54 14.11 14.36
CA ALA F 129 -88.55 13.33 15.11
C ALA F 129 -88.05 14.28 16.16
N GLY F 130 -87.91 15.54 15.74
CA GLY F 130 -87.48 16.60 16.61
C GLY F 130 -88.49 16.72 17.72
N LYS F 131 -89.78 16.53 17.41
CA LYS F 131 -90.83 16.64 18.42
C LYS F 131 -90.77 15.53 19.47
N LYS F 132 -90.73 14.29 19.02
CA LYS F 132 -90.70 13.17 19.96
C LYS F 132 -89.41 13.22 20.80
N GLU F 133 -88.29 13.51 20.14
CA GLU F 133 -87.00 13.61 20.82
C GLU F 133 -86.95 14.74 21.85
N PHE F 134 -87.38 15.94 21.47
CA PHE F 134 -87.34 17.05 22.41
C PHE F 134 -88.27 16.83 23.59
N ILE F 135 -89.46 16.27 23.37
CA ILE F 135 -90.32 15.99 24.51
C ILE F 135 -89.74 14.95 25.40
N GLU F 136 -89.06 13.98 24.80
CA GLU F 136 -88.43 12.93 25.60
C GLU F 136 -87.34 13.50 26.49
N ALA F 137 -86.45 14.30 25.91
CA ALA F 137 -85.37 14.92 26.69
C ALA F 137 -85.90 15.90 27.76
N VAL F 138 -86.90 16.70 27.39
CA VAL F 138 -87.46 17.66 28.32
C VAL F 138 -88.10 16.91 29.52
N LYS F 139 -88.74 15.78 29.24
CA LYS F 139 -89.38 14.95 30.26
C LYS F 139 -88.37 14.24 31.17
N ILE F 140 -87.29 13.73 30.59
CA ILE F 140 -86.28 13.11 31.43
C ILE F 140 -85.70 14.14 32.34
N LEU F 141 -85.57 15.37 31.80
CA LEU F 141 -85.03 16.49 32.56
C LEU F 141 -85.93 16.85 33.76
N GLU F 142 -87.24 16.93 33.52
CA GLU F 142 -88.14 17.23 34.63
C GLU F 142 -88.11 16.13 35.66
N SER F 143 -87.99 14.88 35.20
CA SER F 143 -87.99 13.75 36.13
C SER F 143 -86.80 13.83 37.07
N GLU F 144 -85.62 14.07 36.50
CA GLU F 144 -84.40 14.19 37.30
C GLU F 144 -84.45 15.41 38.23
N LEU F 145 -85.10 16.50 37.79
CA LEU F 145 -85.16 17.69 38.64
C LEU F 145 -85.88 17.29 39.93
N GLY F 146 -87.06 16.72 39.77
CA GLY F 146 -87.83 16.17 40.87
C GLY F 146 -88.21 17.04 42.04
N ASP F 147 -87.24 17.39 42.87
CA ASP F 147 -87.51 18.18 44.06
C ASP F 147 -86.67 19.44 44.24
N LYS F 148 -85.37 19.28 44.07
CA LYS F 148 -84.39 20.31 44.35
C LYS F 148 -84.64 21.60 43.58
N PRO F 149 -84.24 22.73 44.16
CA PRO F 149 -84.42 24.03 43.52
C PRO F 149 -83.54 24.08 42.27
N TYR F 150 -82.45 23.31 42.32
CA TYR F 150 -81.48 23.28 41.22
C TYR F 150 -80.85 21.88 41.13
N PHE F 151 -80.33 21.56 39.94
CA PHE F 151 -79.75 20.25 39.63
C PHE F 151 -78.45 19.70 40.25
N GLY F 152 -77.39 20.50 40.34
CA GLY F 152 -76.16 19.95 40.87
C GLY F 152 -75.40 20.70 41.94
N GLY F 153 -76.03 20.77 43.10
CA GLY F 153 -75.49 21.41 44.29
C GLY F 153 -76.72 21.73 45.12
N ASP F 154 -76.53 22.17 46.36
CA ASP F 154 -77.68 22.56 47.18
C ASP F 154 -78.04 24.00 46.88
N SER F 155 -77.26 24.61 46.00
CA SER F 155 -77.46 25.98 45.56
C SER F 155 -77.46 25.99 44.05
N PHE F 156 -77.09 27.12 43.47
CA PHE F 156 -77.01 27.23 42.02
C PHE F 156 -75.95 26.21 41.60
N GLY F 157 -76.22 25.49 40.51
CA GLY F 157 -75.32 24.43 40.07
C GLY F 157 -74.70 24.59 38.69
N TYR F 158 -73.75 23.71 38.39
CA TYR F 158 -73.04 23.70 37.11
C TYR F 158 -74.00 23.44 35.97
N VAL F 159 -74.80 22.42 36.17
CA VAL F 159 -75.78 22.04 35.19
C VAL F 159 -76.86 23.10 35.05
N ASP F 160 -77.07 23.86 36.12
CA ASP F 160 -78.05 24.92 36.09
C ASP F 160 -77.57 25.81 34.98
N ILE F 161 -76.27 26.08 34.99
CA ILE F 161 -75.65 26.88 33.96
C ILE F 161 -75.78 26.23 32.63
N SER F 162 -75.65 24.91 32.62
CA SER F 162 -75.72 24.11 31.38
C SER F 162 -77.03 24.19 30.59
N LEU F 163 -78.18 24.21 31.26
CA LEU F 163 -79.43 24.24 30.50
C LEU F 163 -80.29 25.48 30.73
N ILE F 164 -79.85 26.38 31.61
CA ILE F 164 -80.61 27.60 31.88
C ILE F 164 -80.77 28.47 30.68
N THR F 165 -79.70 28.49 29.89
CA THR F 165 -79.57 29.33 28.71
C THR F 165 -80.46 28.94 27.50
N PHE F 166 -80.93 27.70 27.44
CA PHE F 166 -81.79 27.28 26.32
C PHE F 166 -83.21 27.84 26.49
N SER F 167 -83.46 28.39 27.68
CA SER F 167 -84.78 28.87 28.07
C SER F 167 -85.28 30.01 27.20
N SER F 168 -84.39 30.90 26.81
CA SER F 168 -84.81 31.99 25.93
C SER F 168 -85.22 31.40 24.59
N TRP F 169 -84.45 30.44 24.09
CA TRP F 169 -84.77 29.80 22.80
C TRP F 169 -86.01 28.98 22.84
N PHE F 170 -86.55 28.78 24.04
CA PHE F 170 -87.76 28.00 24.13
C PHE F 170 -88.78 28.69 23.22
N GLN F 171 -88.82 30.01 23.28
CA GLN F 171 -89.80 30.73 22.49
C GLN F 171 -89.72 30.45 20.99
N ALA F 172 -88.54 30.54 20.38
CA ALA F 172 -88.42 30.22 18.96
C ALA F 172 -88.70 28.76 18.62
N TYR F 173 -88.17 27.88 19.47
CA TYR F 173 -88.24 26.44 19.22
C TYR F 173 -89.68 26.04 19.03
N GLU F 174 -90.53 26.47 19.96
CA GLU F 174 -91.94 26.10 19.92
C GLU F 174 -92.91 27.12 19.24
N LYS F 175 -92.49 28.36 18.96
CA LYS F 175 -93.35 29.26 18.19
C LYS F 175 -93.37 28.71 16.77
N PHE F 176 -92.19 28.43 16.22
CA PHE F 176 -92.10 27.80 14.92
C PHE F 176 -92.51 26.36 15.06
N GLY F 177 -92.07 25.74 16.14
CA GLY F 177 -92.29 24.33 16.35
C GLY F 177 -93.74 23.97 16.27
N ASN F 178 -94.60 24.89 16.68
CA ASN F 178 -96.04 24.67 16.66
C ASN F 178 -96.32 23.31 17.34
N PHE F 179 -95.63 23.18 18.46
CA PHE F 179 -95.71 22.10 19.44
C PHE F 179 -95.33 22.80 20.72
N SER F 180 -95.93 22.38 21.82
CA SER F 180 -95.82 23.10 23.06
C SER F 180 -95.03 22.52 24.19
N ILE F 181 -93.93 23.17 24.57
CA ILE F 181 -93.03 22.57 25.59
C ILE F 181 -93.00 22.80 27.10
N GLU F 182 -93.43 23.96 27.59
CA GLU F 182 -93.34 24.25 29.03
C GLU F 182 -94.12 23.22 29.85
N SER F 183 -95.09 22.57 29.25
CA SER F 183 -95.81 21.62 30.09
C SER F 183 -95.39 20.19 29.97
N GLU F 184 -94.58 19.83 29.00
CA GLU F 184 -94.14 18.45 29.05
C GLU F 184 -93.36 18.38 30.34
N SER F 185 -92.66 19.46 30.64
CA SER F 185 -91.89 19.49 31.86
C SER F 185 -92.13 20.73 32.72
N PRO F 186 -92.60 20.55 33.98
CA PRO F 186 -92.90 21.70 34.82
C PRO F 186 -91.79 22.23 35.66
N LYS F 187 -91.21 21.40 36.50
CA LYS F 187 -90.17 21.86 37.39
C LYS F 187 -89.07 22.49 36.58
N LEU F 188 -88.72 21.91 35.44
CA LEU F 188 -87.67 22.47 34.57
C LEU F 188 -88.04 23.85 34.09
N ILE F 189 -89.24 23.88 33.53
CA ILE F 189 -89.80 25.08 32.95
C ILE F 189 -90.15 26.08 33.97
N ALA F 190 -90.07 25.79 35.27
CA ALA F 190 -90.33 26.81 36.29
C ALA F 190 -88.97 27.16 36.93
N TRP F 191 -88.08 26.18 36.82
CA TRP F 191 -86.72 26.21 37.32
C TRP F 191 -85.85 27.25 36.64
N ALA F 192 -86.01 27.41 35.32
CA ALA F 192 -85.20 28.38 34.58
C ALA F 192 -85.44 29.79 35.09
N LYS F 193 -86.70 30.13 35.37
CA LYS F 193 -87.02 31.42 35.97
C LYS F 193 -86.58 31.56 37.38
N ARG F 194 -86.74 30.48 38.13
CA ARG F 194 -86.31 30.49 39.51
C ARG F 194 -84.83 30.85 39.44
N CYS F 195 -84.20 30.33 38.39
CA CYS F 195 -82.81 30.61 38.03
C CYS F 195 -82.63 32.02 37.48
N MET F 196 -83.66 32.53 36.79
CA MET F 196 -83.63 33.84 36.13
C MET F 196 -83.42 34.97 37.12
N GLU F 197 -83.94 34.80 38.33
CA GLU F 197 -83.81 35.83 39.36
C GLU F 197 -82.31 36.05 39.60
N LYS F 198 -81.51 35.01 39.41
CA LYS F 198 -80.07 35.13 39.58
C LYS F 198 -79.65 36.18 38.55
N GLU F 199 -78.81 37.12 38.97
CA GLU F 199 -78.37 38.18 38.09
C GLU F 199 -77.53 37.66 36.94
N SER F 200 -76.96 36.47 37.13
CA SER F 200 -76.06 35.92 36.14
C SER F 200 -76.77 35.81 34.81
N VAL F 201 -77.85 35.05 34.78
CA VAL F 201 -78.64 34.93 33.56
C VAL F 201 -79.53 36.16 33.32
N SER F 202 -80.05 36.79 34.37
CA SER F 202 -80.99 37.91 34.20
C SER F 202 -80.33 38.99 33.37
N LYS F 203 -79.04 39.20 33.60
CA LYS F 203 -78.29 40.15 32.82
C LYS F 203 -77.65 39.51 31.56
N SER F 204 -77.23 38.25 31.67
CA SER F 204 -76.56 37.56 30.55
C SER F 204 -77.36 37.25 29.28
N LEU F 205 -78.62 36.87 29.41
CA LEU F 205 -79.36 36.47 28.23
C LEU F 205 -80.19 37.58 27.58
N PRO F 206 -80.07 37.69 26.25
CA PRO F 206 -80.74 38.68 25.41
C PRO F 206 -82.24 38.42 25.38
N ASP F 207 -83.00 39.42 24.93
CA ASP F 207 -84.44 39.27 24.86
C ASP F 207 -84.78 38.13 23.94
N SER F 208 -85.86 37.46 24.25
CA SER F 208 -86.29 36.34 23.45
C SER F 208 -86.88 36.67 22.06
N GLU F 209 -87.63 37.76 21.92
CA GLU F 209 -88.20 38.09 20.62
C GLU F 209 -87.11 38.36 19.58
N LYS F 210 -86.00 38.94 20.02
CA LYS F 210 -84.89 39.16 19.09
C LYS F 210 -84.33 37.78 18.71
N ILE F 211 -84.30 36.85 19.67
CA ILE F 211 -83.87 35.49 19.40
C ILE F 211 -84.79 34.70 18.49
N VAL F 212 -86.10 34.82 18.69
CA VAL F 212 -87.09 34.15 17.86
C VAL F 212 -86.95 34.74 16.46
N ALA F 213 -86.60 36.03 16.42
CA ALA F 213 -86.37 36.73 15.16
C ALA F 213 -85.16 36.11 14.48
N TYR F 214 -84.17 35.74 15.29
CA TYR F 214 -82.94 35.12 14.79
C TYR F 214 -83.30 33.78 14.14
N ALA F 215 -84.09 32.99 14.86
CA ALA F 215 -84.56 31.69 14.36
C ALA F 215 -85.39 31.85 13.11
N ALA F 216 -86.22 32.89 13.09
CA ALA F 216 -87.09 33.18 11.96
C ALA F 216 -86.22 33.45 10.74
N GLU F 217 -85.13 34.17 10.96
CA GLU F 217 -84.21 34.48 9.88
C GLU F 217 -83.57 33.21 9.36
N TYR F 218 -83.17 32.33 10.29
CA TYR F 218 -82.53 31.10 9.87
C TYR F 218 -83.49 30.27 9.03
N ARG F 219 -84.76 30.22 9.45
CA ARG F 219 -85.74 29.47 8.69
C ARG F 219 -86.00 30.07 7.31
N LYS F 220 -86.14 31.40 7.24
CA LYS F 220 -86.42 32.07 5.96
C LYS F 220 -85.26 31.84 4.99
N ASN F 221 -84.04 31.88 5.49
CA ASN F 221 -82.85 31.67 4.67
C ASN F 221 -82.76 30.22 4.19
N ASN F 222 -83.35 29.31 4.97
CA ASN F 222 -83.29 27.87 4.70
C ASN F 222 -84.64 27.15 4.65
N LEU F 223 -85.30 27.18 3.50
CA LEU F 223 -86.60 26.51 3.33
C LEU F 223 -86.64 25.74 2.03
O01 JAA G . 58.83 -10.95 -28.50
O02 JAA G . 60.30 -10.06 -22.15
O03 JAA G . 59.66 -8.30 -23.09
C04 JAA G . 59.48 -9.35 -25.36
C05 JAA G . 58.54 -10.30 -26.36
C06 JAA G . 60.16 -8.53 -26.05
C07 JAA G . 59.95 -8.88 -27.59
C08 JAA G . 59.03 -10.21 -27.57
C09 JAA G . 57.13 -9.86 -25.94
C10 JAA G . 60.38 -10.10 -24.46
C11 JAA G . 56.31 -10.96 -25.36
C12 JAA G . 60.10 -9.44 -23.17
C13 JAA G . 55.06 -10.66 -25.04
C14 JAA G . 54.62 -9.31 -25.48
C15 JAA G . 54.20 -8.38 -24.43
N ILE H . 59.21 -14.05 -23.56
CA ILE H . 58.56 -14.76 -24.66
C ILE H . 59.24 -15.98 -25.20
O ILE H . 60.38 -15.91 -25.54
CB ILE H . 58.36 -13.82 -25.85
CG1 ILE H . 57.45 -14.48 -26.89
CG2 ILE H . 59.67 -13.51 -26.50
CD1 ILE H . 56.80 -13.56 -27.84
OXT ILE H . 58.64 -17.11 -25.25
MG MG I . 61.31 -18.91 -24.85
N1 GSH J . 15.94 -26.16 -8.27
CA1 GSH J . 15.63 -27.37 -7.54
C1 GSH J . 16.78 -27.68 -6.58
O11 GSH J . 17.69 -26.82 -6.46
O12 GSH J . 16.70 -28.74 -5.97
CB1 GSH J . 15.34 -28.54 -8.49
CG1 GSH J . 14.30 -29.53 -8.00
CD1 GSH J . 13.82 -30.44 -9.11
OE1 GSH J . 13.33 -29.97 -10.13
N2 GSH J . 13.95 -31.84 -8.93
CA2 GSH J . 13.52 -32.75 -9.94
C2 GSH J . 12.34 -33.59 -9.47
O2 GSH J . 12.18 -33.87 -8.30
CB2 GSH J . 14.62 -33.71 -10.30
SG2 GSH J . 16.16 -33.23 -9.55
N3 GSH J . 11.41 -34.09 -10.40
CA3 GSH J . 10.31 -34.88 -9.95
C3 GSH J . 10.04 -36.08 -10.82
O31 GSH J . 10.97 -36.49 -11.58
O32 GSH J . 8.90 -36.63 -10.78
N1 GSH K . 15.98 -12.59 -11.58
CA1 GSH K . 16.04 -11.18 -11.89
C1 GSH K . 15.81 -10.38 -10.61
O11 GSH K . 16.67 -9.54 -10.34
O12 GSH K . 14.79 -10.65 -9.93
CB1 GSH K . 15.05 -10.79 -12.98
CG1 GSH K . 14.75 -9.31 -13.02
CD1 GSH K . 13.99 -8.88 -14.25
OE1 GSH K . 13.23 -9.66 -14.83
N2 GSH K . 14.16 -7.56 -14.70
CA2 GSH K . 13.46 -7.09 -15.84
C2 GSH K . 14.52 -6.68 -16.86
O2 GSH K . 15.56 -6.19 -16.50
CB2 GSH K . 12.65 -5.86 -15.55
SG2 GSH K . 10.97 -6.07 -16.14
N3 GSH K . 14.34 -6.85 -18.23
CA3 GSH K . 15.43 -6.41 -19.06
C3 GSH K . 15.59 -7.25 -20.30
O31 GSH K . 16.69 -7.21 -20.91
O32 GSH K . 14.62 -7.95 -20.70
O01 JAA L . -25.93 26.52 4.65
O02 JAA L . -25.91 24.25 10.89
O03 JAA L . -26.60 26.27 10.92
C04 JAA L . -26.32 25.86 8.10
C05 JAA L . -26.80 25.64 6.52
C06 JAA L . -25.06 25.85 8.15
C07 JAA L . -24.73 26.69 6.84
C08 JAA L . -25.92 26.28 5.82
C09 JAA L . -28.27 26.07 6.61
C10 JAA L . -26.96 24.88 8.98
C11 JAA L . -29.35 25.03 6.56
C12 JAA L . -26.47 25.18 10.35
C13 JAA L . -30.48 25.42 7.10
C14 JAA L . -30.22 26.34 8.20
C15 JAA L . -31.14 27.47 8.28
N ILE M . -24.51 22.45 7.54
CA ILE M . -25.49 21.38 7.47
C ILE M . -25.03 19.98 7.67
O ILE M . -24.02 19.66 7.11
CB ILE M . -26.22 21.31 6.13
CG1 ILE M . -25.29 21.72 4.97
CG2 ILE M . -27.37 22.22 6.17
CD1 ILE M . -24.59 20.62 4.29
OXT ILE M . -25.70 19.14 8.35
MG MG N . -29.26 26.88 0.47
MG MG O . -31.05 23.12 11.74
MG MG P . -32.49 22.40 17.63
N1 GSH Q . -71.16 8.90 25.08
CA1 GSH Q . -71.31 7.55 25.55
C1 GSH Q . -70.15 7.14 26.45
O11 GSH Q . -69.02 7.64 26.23
O12 GSH Q . -70.44 6.36 27.36
CB1 GSH Q . -71.48 6.57 24.38
CG1 GSH Q . -70.37 5.55 24.34
CD1 GSH Q . -70.70 4.31 23.56
OE1 GSH Q . -70.63 4.31 22.33
N2 GSH Q . -71.09 3.16 24.27
CA2 GSH Q . -71.36 2.01 23.48
C2 GSH Q . -72.70 1.40 23.83
O2 GSH Q . -73.03 1.10 24.95
CB2 GSH Q . -70.27 1.00 23.60
SG2 GSH Q . -68.77 1.75 23.03
N3 GSH Q . -73.58 1.18 22.76
CA3 GSH Q . -74.87 0.60 22.94
C3 GSH Q . -75.35 0.15 21.59
O31 GSH Q . -74.52 -0.42 20.82
O32 GSH Q . -76.54 0.38 21.24
N1 GSH R . -71.13 22.44 22.13
CA1 GSH R . -70.26 23.50 21.67
C1 GSH R . -69.76 24.27 22.89
O11 GSH R . -68.79 25.01 22.70
O12 GSH R . -70.38 24.07 23.96
CB1 GSH R . -71.02 24.42 20.71
CG1 GSH R . -70.16 25.36 19.89
CD1 GSH R . -71.00 26.04 18.83
OE1 GSH R . -71.93 25.43 18.29
N2 GSH R . -70.68 27.36 18.47
CA2 GSH R . -71.46 28.03 17.49
C2 GSH R . -70.52 28.65 16.47
O2 GSH R . -69.37 28.88 16.72
CB2 GSH R . -72.29 29.14 18.07
SG2 GSH R . -74.00 28.95 17.65
N3 GSH R . -70.98 28.99 15.18
CA3 GSH R . -70.05 29.56 14.25
C3 GSH R . -70.75 30.10 13.03
O31 GSH R . -70.07 30.38 12.02
O32 GSH R . -72.00 30.24 13.06
#